data_5MTI
#
_entry.id   5MTI
#
_entity_poly.entity_id   1
_entity_poly.type   'polypeptide(L)'
_entity_poly.pdbx_seq_one_letter_code
;GIDPFTGAAAGVSAAGIEPDLTAIWQALFALPAVGRHQDFFALGGDSQLGLRMLAQLRERHGVDLPLRCLYEAPTVARLA
ETIVRLAAPAPSGDQDDASEYEEGVIR
;
_entity_poly.pdbx_strand_id   A
#
# COMPACT_ATOMS: atom_id res chain seq x y z
N GLY A 7 -12.13 -12.10 1.76
CA GLY A 7 -11.52 -11.14 0.83
C GLY A 7 -12.56 -10.12 0.37
N ALA A 8 -12.20 -9.28 -0.61
CA ALA A 8 -13.12 -8.29 -1.16
C ALA A 8 -13.95 -8.85 -2.33
N ALA A 9 -13.31 -9.19 -3.44
CA ALA A 9 -13.97 -9.66 -4.67
C ALA A 9 -13.13 -10.63 -5.51
N ALA A 10 -13.79 -11.59 -6.15
CA ALA A 10 -13.14 -12.67 -6.90
C ALA A 10 -12.54 -12.23 -8.26
N GLY A 11 -11.50 -12.95 -8.67
CA GLY A 11 -10.80 -12.77 -9.96
C GLY A 11 -9.81 -11.60 -9.99
N VAL A 12 -9.22 -11.40 -11.17
CA VAL A 12 -8.14 -10.43 -11.46
C VAL A 12 -8.50 -9.56 -12.68
N SER A 13 -8.06 -8.31 -12.69
CA SER A 13 -8.06 -7.47 -13.90
C SER A 13 -7.02 -6.35 -13.84
N ALA A 14 -6.51 -5.91 -14.99
CA ALA A 14 -5.55 -4.82 -15.12
C ALA A 14 -5.87 -3.91 -16.33
N ALA A 15 -5.59 -2.62 -16.21
CA ALA A 15 -5.77 -1.64 -17.28
C ALA A 15 -4.67 -0.57 -17.22
N GLY A 16 -3.83 -0.52 -18.25
CA GLY A 16 -2.72 0.45 -18.33
C GLY A 16 -1.49 0.06 -17.52
N ILE A 17 -0.89 1.02 -16.82
CA ILE A 17 0.30 0.85 -15.97
C ILE A 17 0.24 1.83 -14.79
N GLU A 18 0.49 1.33 -13.58
CA GLU A 18 0.47 2.10 -12.33
C GLU A 18 1.65 1.69 -11.42
N PRO A 19 2.12 2.53 -10.47
CA PRO A 19 3.19 2.19 -9.52
C PRO A 19 2.84 0.92 -8.74
N ASP A 20 3.85 0.12 -8.39
CA ASP A 20 3.68 -1.24 -7.83
C ASP A 20 2.98 -1.25 -6.46
N LEU A 21 2.94 -0.10 -5.79
CA LEU A 21 2.09 0.18 -4.63
C LEU A 21 0.65 -0.31 -4.86
N THR A 22 0.10 -0.12 -6.08
CA THR A 22 -1.23 -0.60 -6.48
C THR A 22 -1.35 -2.13 -6.56
N ALA A 23 -0.28 -2.83 -6.97
CA ALA A 23 -0.23 -4.29 -6.97
C ALA A 23 -0.18 -4.84 -5.52
N ILE A 24 0.56 -4.18 -4.63
CA ILE A 24 0.54 -4.49 -3.19
C ILE A 24 -0.89 -4.36 -2.65
N TRP A 25 -1.57 -3.23 -2.90
CA TRP A 25 -2.95 -3.02 -2.43
C TRP A 25 -3.93 -4.06 -2.96
N GLN A 26 -3.96 -4.33 -4.27
CA GLN A 26 -4.94 -5.28 -4.81
C GLN A 26 -4.68 -6.72 -4.32
N ALA A 27 -3.41 -7.11 -4.12
CA ALA A 27 -3.08 -8.42 -3.57
C ALA A 27 -3.40 -8.55 -2.07
N LEU A 28 -3.19 -7.50 -1.28
CA LEU A 28 -3.44 -7.50 0.17
C LEU A 28 -4.93 -7.28 0.52
N PHE A 29 -5.69 -6.60 -0.32
CA PHE A 29 -7.15 -6.44 -0.18
C PHE A 29 -7.99 -7.48 -0.95
N ALA A 30 -7.35 -8.35 -1.74
CA ALA A 30 -7.96 -9.45 -2.48
C ALA A 30 -9.14 -9.02 -3.38
N LEU A 31 -8.86 -8.11 -4.33
CA LEU A 31 -9.79 -7.68 -5.40
C LEU A 31 -9.14 -7.50 -6.78
N PRO A 32 -9.94 -7.48 -7.86
CA PRO A 32 -9.52 -6.97 -9.16
C PRO A 32 -9.37 -5.43 -9.11
N ALA A 33 -8.14 -4.98 -8.85
CA ALA A 33 -7.65 -3.60 -8.93
C ALA A 33 -8.23 -2.55 -7.96
N VAL A 34 -7.40 -1.57 -7.58
CA VAL A 34 -7.77 -0.41 -6.74
C VAL A 34 -7.88 0.90 -7.52
N GLY A 35 -8.87 1.73 -7.18
CA GLY A 35 -9.11 3.03 -7.82
C GLY A 35 -8.20 4.15 -7.30
N ARG A 36 -7.53 4.85 -8.23
CA ARG A 36 -6.42 5.81 -8.01
C ARG A 36 -6.75 7.01 -7.10
N HIS A 37 -8.01 7.44 -7.04
CA HIS A 37 -8.46 8.63 -6.29
C HIS A 37 -8.69 8.38 -4.78
N GLN A 38 -8.56 7.13 -4.31
CA GLN A 38 -8.88 6.75 -2.93
C GLN A 38 -7.67 6.83 -1.98
N ASP A 39 -7.94 7.07 -0.70
CA ASP A 39 -6.95 7.35 0.34
C ASP A 39 -6.78 6.16 1.32
N PHE A 40 -5.60 6.01 1.93
CA PHE A 40 -5.24 4.91 2.85
C PHE A 40 -6.30 4.58 3.90
N PHE A 41 -6.96 5.57 4.54
CA PHE A 41 -7.95 5.30 5.58
C PHE A 41 -9.18 4.52 5.08
N ALA A 42 -9.55 4.70 3.80
CA ALA A 42 -10.60 3.94 3.13
C ALA A 42 -10.04 2.67 2.47
N LEU A 43 -8.89 2.78 1.79
CA LEU A 43 -8.19 1.68 1.11
C LEU A 43 -7.85 0.52 2.07
N GLY A 44 -7.53 0.84 3.33
CA GLY A 44 -7.24 -0.16 4.37
C GLY A 44 -8.48 -0.91 4.87
N GLY A 45 -9.69 -0.37 4.71
CA GLY A 45 -10.96 -1.00 5.12
C GLY A 45 -11.18 -1.06 6.65
N ASP A 46 -10.20 -1.54 7.41
CA ASP A 46 -10.22 -1.64 8.88
C ASP A 46 -8.85 -1.26 9.47
N SER A 47 -8.80 -0.77 10.71
CA SER A 47 -7.56 -0.32 11.37
C SER A 47 -6.52 -1.43 11.52
N GLN A 48 -6.92 -2.63 11.94
CA GLN A 48 -5.98 -3.78 12.03
C GLN A 48 -5.52 -4.24 10.65
N LEU A 49 -6.33 -4.00 9.61
CA LEU A 49 -6.05 -4.33 8.21
C LEU A 49 -5.12 -3.27 7.57
N GLY A 50 -5.26 -1.99 7.93
CA GLY A 50 -4.29 -0.94 7.61
C GLY A 50 -2.95 -1.17 8.29
N LEU A 51 -2.93 -1.55 9.58
CA LEU A 51 -1.71 -1.93 10.30
C LEU A 51 -1.04 -3.19 9.71
N ARG A 52 -1.84 -4.17 9.28
CA ARG A 52 -1.42 -5.37 8.51
C ARG A 52 -0.81 -4.99 7.16
N MET A 53 -1.45 -4.08 6.42
CA MET A 53 -0.96 -3.57 5.13
C MET A 53 0.36 -2.83 5.31
N LEU A 54 0.48 -1.98 6.33
CA LEU A 54 1.72 -1.29 6.70
C LEU A 54 2.86 -2.28 6.94
N ALA A 55 2.67 -3.25 7.85
CA ALA A 55 3.71 -4.23 8.17
C ALA A 55 4.10 -5.10 6.94
N GLN A 56 3.12 -5.61 6.20
CA GLN A 56 3.38 -6.47 5.05
C GLN A 56 3.96 -5.69 3.86
N LEU A 57 3.61 -4.42 3.64
CA LEU A 57 4.30 -3.56 2.68
C LEU A 57 5.76 -3.31 3.10
N ARG A 58 6.02 -3.08 4.39
CA ARG A 58 7.39 -2.96 4.92
C ARG A 58 8.21 -4.22 4.68
N GLU A 59 7.59 -5.39 4.72
CA GLU A 59 8.23 -6.64 4.30
C GLU A 59 8.34 -6.85 2.77
N ARG A 60 7.36 -6.41 1.96
CA ARG A 60 7.39 -6.53 0.47
C ARG A 60 8.30 -5.51 -0.24
N HIS A 61 8.47 -4.33 0.35
CA HIS A 61 9.09 -3.15 -0.28
C HIS A 61 10.27 -2.57 0.56
N GLY A 62 10.42 -2.96 1.84
CA GLY A 62 11.48 -2.47 2.73
C GLY A 62 11.22 -1.07 3.32
N VAL A 63 9.95 -0.67 3.39
CA VAL A 63 9.51 0.74 3.51
C VAL A 63 8.41 0.92 4.56
N ASP A 64 8.55 1.90 5.45
CA ASP A 64 7.48 2.41 6.31
C ASP A 64 6.59 3.40 5.55
N LEU A 65 5.29 3.44 5.89
CA LEU A 65 4.40 4.55 5.54
C LEU A 65 4.08 5.36 6.82
N PRO A 66 4.83 6.43 7.14
CA PRO A 66 4.61 7.18 8.35
C PRO A 66 3.28 7.94 8.32
N LEU A 67 2.66 8.05 9.50
CA LEU A 67 1.40 8.76 9.73
C LEU A 67 1.42 10.20 9.19
N ARG A 68 2.60 10.82 9.12
CA ARG A 68 2.85 12.05 8.35
C ARG A 68 2.29 11.95 6.93
N CYS A 69 2.85 11.09 6.06
CA CYS A 69 2.41 10.97 4.67
C CYS A 69 1.03 10.30 4.56
N LEU A 70 0.63 9.48 5.54
CA LEU A 70 -0.77 9.00 5.62
C LEU A 70 -1.78 10.09 6.00
N TYR A 71 -1.33 11.22 6.56
CA TYR A 71 -2.17 12.38 6.81
C TYR A 71 -2.13 13.37 5.65
N GLU A 72 -0.93 13.76 5.19
CA GLU A 72 -0.73 14.83 4.20
C GLU A 72 -0.72 14.37 2.73
N ALA A 73 -0.58 13.07 2.45
CA ALA A 73 -0.58 12.50 1.08
C ALA A 73 -1.05 11.02 0.98
N PRO A 74 -2.13 10.57 1.66
CA PRO A 74 -2.53 9.15 1.69
C PRO A 74 -3.09 8.58 0.39
N THR A 75 -3.31 9.41 -0.63
CA THR A 75 -3.92 9.02 -1.92
C THR A 75 -2.86 8.34 -2.78
N VAL A 76 -3.11 7.12 -3.27
CA VAL A 76 -2.02 6.16 -3.62
C VAL A 76 -0.95 6.65 -4.60
N ALA A 77 -1.26 7.49 -5.58
CA ALA A 77 -0.27 8.06 -6.49
C ALA A 77 0.65 9.06 -5.75
N ARG A 78 0.03 9.94 -4.97
CA ARG A 78 0.67 10.98 -4.15
C ARG A 78 1.45 10.37 -2.99
N LEU A 79 0.94 9.28 -2.43
CA LEU A 79 1.61 8.44 -1.43
C LEU A 79 2.87 7.81 -2.01
N ALA A 80 2.80 7.16 -3.17
CA ALA A 80 3.96 6.57 -3.81
C ALA A 80 5.02 7.64 -4.17
N GLU A 81 4.57 8.83 -4.60
CA GLU A 81 5.46 9.93 -4.97
C GLU A 81 6.20 10.52 -3.76
N THR A 82 5.48 10.73 -2.65
CA THR A 82 6.05 11.22 -1.37
C THR A 82 6.98 10.21 -0.75
N ILE A 83 6.61 8.93 -0.68
CA ILE A 83 7.45 7.87 -0.11
C ILE A 83 8.72 7.63 -0.96
N VAL A 84 8.67 7.82 -2.29
CA VAL A 84 9.90 7.93 -3.11
C VAL A 84 10.71 9.20 -2.80
N ARG A 85 10.11 10.40 -2.82
CA ARG A 85 10.86 11.67 -2.65
C ARG A 85 11.49 11.81 -1.25
N LEU A 86 10.78 11.40 -0.21
CA LEU A 86 11.24 11.44 1.18
C LEU A 86 12.06 10.19 1.57
N ALA A 87 12.20 9.22 0.65
CA ALA A 87 13.15 8.09 0.67
C ALA A 87 13.19 7.30 2.01
N ALA A 88 12.01 6.94 2.52
CA ALA A 88 11.79 6.38 3.87
C ALA A 88 12.79 5.26 4.27
N PRO A 89 13.69 5.48 5.25
CA PRO A 89 14.70 4.51 5.67
C PRO A 89 14.18 3.41 6.61
N ALA A 90 12.89 3.43 6.97
CA ALA A 90 12.15 2.38 7.68
C ALA A 90 12.81 1.82 8.96
N PRO A 91 13.16 2.66 9.97
CA PRO A 91 13.84 2.27 11.20
C PRO A 91 12.95 1.49 12.20
N SER A 92 11.82 0.94 11.75
CA SER A 92 10.94 0.04 12.52
C SER A 92 11.55 -1.34 12.81
N GLY A 93 10.92 -2.08 13.73
CA GLY A 93 11.06 -3.52 13.90
C GLY A 93 9.99 -4.24 13.09
N ASP A 94 9.56 -5.42 13.54
CA ASP A 94 8.50 -6.19 12.87
C ASP A 94 7.38 -6.67 13.80
N GLN A 95 6.28 -7.10 13.17
CA GLN A 95 5.19 -7.83 13.80
C GLN A 95 4.76 -9.02 12.93
N ASP A 96 4.07 -10.00 13.53
CA ASP A 96 3.39 -11.09 12.83
C ASP A 96 1.88 -11.07 13.09
N ASP A 97 1.10 -11.50 12.10
CA ASP A 97 -0.37 -11.52 12.10
C ASP A 97 -0.96 -12.93 11.97
N ALA A 98 -0.25 -13.86 11.31
CA ALA A 98 -0.77 -15.18 11.00
C ALA A 98 -1.00 -16.04 12.26
N SER A 99 -2.22 -16.52 12.43
CA SER A 99 -2.58 -17.48 13.47
C SER A 99 -1.82 -18.80 13.31
N GLU A 100 -1.34 -19.35 14.43
CA GLU A 100 -0.81 -20.72 14.48
C GLU A 100 -1.90 -21.75 14.13
N TYR A 101 -1.50 -22.93 13.66
CA TYR A 101 -2.41 -24.04 13.35
C TYR A 101 -2.39 -25.11 14.44
N GLU A 102 -3.42 -25.96 14.44
CA GLU A 102 -3.69 -26.93 15.50
C GLU A 102 -2.75 -28.15 15.46
N GLU A 103 -2.37 -28.67 16.64
CA GLU A 103 -1.36 -29.72 16.83
C GLU A 103 -1.78 -30.86 17.79
N GLY A 104 -2.89 -30.74 18.54
CA GLY A 104 -3.26 -31.76 19.54
C GLY A 104 -4.59 -31.59 20.31
N VAL A 105 -5.35 -30.51 20.10
CA VAL A 105 -6.66 -30.30 20.76
C VAL A 105 -7.77 -31.13 20.10
N ILE A 106 -7.66 -31.45 18.81
CA ILE A 106 -8.59 -32.34 18.10
C ILE A 106 -8.08 -33.78 18.06
N ARG A 107 -9.01 -34.73 17.91
CA ARG A 107 -8.76 -36.16 17.71
C ARG A 107 -8.21 -36.43 16.32
N GLY A 7 -6.24 -13.03 -7.17
CA GLY A 7 -7.05 -13.20 -5.95
C GLY A 7 -8.08 -12.09 -5.81
N ALA A 8 -9.33 -12.39 -5.45
CA ALA A 8 -9.92 -13.71 -5.16
C ALA A 8 -10.87 -14.22 -6.25
N ALA A 9 -11.53 -13.32 -6.98
CA ALA A 9 -12.48 -13.62 -8.07
C ALA A 9 -11.86 -13.35 -9.46
N ALA A 10 -12.59 -13.68 -10.52
CA ALA A 10 -12.12 -13.59 -11.91
C ALA A 10 -12.14 -12.16 -12.52
N GLY A 11 -12.09 -11.11 -11.69
CA GLY A 11 -12.23 -9.69 -12.09
C GLY A 11 -11.00 -9.03 -12.71
N VAL A 12 -10.09 -9.80 -13.33
CA VAL A 12 -8.83 -9.30 -13.89
C VAL A 12 -9.04 -8.33 -15.06
N SER A 13 -8.14 -7.36 -15.24
CA SER A 13 -8.18 -6.34 -16.29
C SER A 13 -6.81 -5.66 -16.50
N ALA A 14 -6.74 -4.75 -17.47
CA ALA A 14 -5.58 -3.87 -17.71
C ALA A 14 -5.93 -2.38 -17.48
N ALA A 15 -5.09 -1.68 -16.75
CA ALA A 15 -5.14 -0.23 -16.49
C ALA A 15 -3.73 0.33 -16.23
N GLY A 16 -2.90 0.36 -17.27
CA GLY A 16 -1.48 0.75 -17.19
C GLY A 16 -0.61 -0.25 -16.43
N ILE A 17 0.41 0.26 -15.74
CA ILE A 17 1.29 -0.51 -14.83
C ILE A 17 1.12 -0.10 -13.36
N GLU A 18 1.19 1.21 -13.08
CA GLU A 18 1.05 1.85 -11.77
C GLU A 18 2.05 1.37 -10.68
N PRO A 19 2.17 2.07 -9.53
CA PRO A 19 3.18 1.74 -8.50
C PRO A 19 2.99 0.35 -7.88
N ASP A 20 4.09 -0.31 -7.51
CA ASP A 20 4.13 -1.62 -6.84
C ASP A 20 3.38 -1.62 -5.49
N LEU A 21 3.31 -0.47 -4.82
CA LEU A 21 2.43 -0.18 -3.69
C LEU A 21 1.00 -0.71 -3.96
N THR A 22 0.49 -0.45 -5.16
CA THR A 22 -0.90 -0.77 -5.53
C THR A 22 -1.08 -2.24 -5.91
N ALA A 23 -0.02 -2.89 -6.41
CA ALA A 23 0.01 -4.32 -6.69
C ALA A 23 0.02 -5.15 -5.39
N ILE A 24 0.86 -4.76 -4.43
CA ILE A 24 0.91 -5.37 -3.10
C ILE A 24 -0.44 -5.18 -2.40
N TRP A 25 -0.95 -3.94 -2.30
CA TRP A 25 -2.19 -3.70 -1.57
C TRP A 25 -3.43 -4.34 -2.22
N GLN A 26 -3.55 -4.38 -3.56
CA GLN A 26 -4.64 -5.14 -4.19
C GLN A 26 -4.52 -6.66 -3.97
N ALA A 27 -3.31 -7.22 -4.02
CA ALA A 27 -3.11 -8.66 -3.78
C ALA A 27 -3.38 -9.08 -2.33
N LEU A 28 -3.11 -8.21 -1.34
CA LEU A 28 -3.43 -8.49 0.07
C LEU A 28 -4.91 -8.31 0.38
N PHE A 29 -5.54 -7.25 -0.14
CA PHE A 29 -6.96 -6.93 0.11
C PHE A 29 -7.93 -7.75 -0.76
N ALA A 30 -7.42 -8.48 -1.77
CA ALA A 30 -8.15 -9.47 -2.59
C ALA A 30 -9.32 -8.91 -3.41
N LEU A 31 -9.14 -7.71 -3.96
CA LEU A 31 -10.10 -6.97 -4.80
C LEU A 31 -9.53 -6.65 -6.21
N PRO A 32 -10.35 -6.23 -7.20
CA PRO A 32 -9.91 -6.08 -8.58
C PRO A 32 -8.83 -5.01 -8.81
N ALA A 33 -9.00 -3.81 -8.24
CA ALA A 33 -8.10 -2.65 -8.36
C ALA A 33 -8.30 -1.67 -7.19
N VAL A 34 -7.40 -0.69 -7.02
CA VAL A 34 -7.44 0.30 -5.92
C VAL A 34 -7.15 1.75 -6.35
N GLY A 35 -7.64 2.69 -5.53
CA GLY A 35 -7.04 4.01 -5.33
C GLY A 35 -7.53 5.15 -6.22
N ARG A 36 -8.39 4.86 -7.20
CA ARG A 36 -8.86 5.79 -8.23
C ARG A 36 -9.42 7.11 -7.68
N HIS A 37 -10.08 7.08 -6.52
CA HIS A 37 -10.58 8.29 -5.86
C HIS A 37 -10.49 8.26 -4.34
N GLN A 38 -10.58 7.09 -3.70
CA GLN A 38 -10.66 7.00 -2.25
C GLN A 38 -9.31 7.16 -1.55
N ASP A 39 -9.32 7.94 -0.46
CA ASP A 39 -8.22 8.07 0.50
C ASP A 39 -8.09 6.80 1.37
N PHE A 40 -6.92 6.59 1.99
CA PHE A 40 -6.62 5.46 2.89
C PHE A 40 -7.67 5.20 4.00
N PHE A 41 -8.41 6.24 4.42
CA PHE A 41 -9.51 6.15 5.39
C PHE A 41 -10.68 5.24 4.94
N ALA A 42 -10.81 5.00 3.64
CA ALA A 42 -11.63 3.95 3.05
C ALA A 42 -10.79 2.84 2.39
N LEU A 43 -9.68 3.21 1.71
CA LEU A 43 -8.90 2.31 0.87
C LEU A 43 -8.16 1.21 1.63
N GLY A 44 -7.92 1.40 2.93
CA GLY A 44 -7.34 0.36 3.79
C GLY A 44 -8.34 -0.72 4.23
N GLY A 45 -9.65 -0.50 4.02
CA GLY A 45 -10.74 -1.39 4.45
C GLY A 45 -11.01 -1.34 5.96
N ASP A 46 -9.97 -1.49 6.77
CA ASP A 46 -9.96 -1.35 8.23
C ASP A 46 -8.52 -1.06 8.69
N SER A 47 -8.30 -0.38 9.83
CA SER A 47 -6.93 -0.25 10.37
C SER A 47 -6.25 -1.61 10.61
N GLN A 48 -6.99 -2.69 10.89
CA GLN A 48 -6.44 -4.04 10.98
C GLN A 48 -5.72 -4.43 9.68
N LEU A 49 -6.43 -4.32 8.54
CA LEU A 49 -5.88 -4.56 7.21
C LEU A 49 -4.86 -3.48 6.80
N GLY A 50 -4.99 -2.25 7.29
CA GLY A 50 -4.00 -1.19 7.14
C GLY A 50 -2.64 -1.56 7.76
N LEU A 51 -2.65 -2.09 8.99
CA LEU A 51 -1.47 -2.63 9.68
C LEU A 51 -0.91 -3.84 8.91
N ARG A 52 -1.77 -4.77 8.46
CA ARG A 52 -1.36 -5.91 7.62
C ARG A 52 -0.66 -5.47 6.33
N MET A 53 -1.27 -4.55 5.58
CA MET A 53 -0.78 -4.15 4.27
C MET A 53 0.46 -3.24 4.35
N LEU A 54 0.63 -2.45 5.42
CA LEU A 54 1.91 -1.81 5.71
C LEU A 54 2.99 -2.84 6.08
N ALA A 55 2.70 -3.77 6.99
CA ALA A 55 3.68 -4.76 7.45
C ALA A 55 4.23 -5.63 6.30
N GLN A 56 3.34 -6.10 5.42
CA GLN A 56 3.70 -6.88 4.25
C GLN A 56 4.31 -6.01 3.13
N LEU A 57 3.88 -4.76 2.95
CA LEU A 57 4.63 -3.79 2.14
C LEU A 57 6.06 -3.56 2.68
N ARG A 58 6.26 -3.56 4.00
CA ARG A 58 7.56 -3.37 4.64
C ARG A 58 8.50 -4.55 4.40
N GLU A 59 8.04 -5.78 4.59
CA GLU A 59 8.87 -6.97 4.29
C GLU A 59 9.01 -7.32 2.79
N ARG A 60 8.12 -6.84 1.89
CA ARG A 60 8.31 -6.91 0.43
C ARG A 60 9.21 -5.80 -0.13
N HIS A 61 9.04 -4.56 0.32
CA HIS A 61 9.49 -3.35 -0.41
C HIS A 61 10.32 -2.37 0.45
N GLY A 62 10.47 -2.62 1.76
CA GLY A 62 11.34 -1.80 2.63
C GLY A 62 10.75 -0.42 2.95
N VAL A 63 9.52 -0.37 3.44
CA VAL A 63 8.73 0.88 3.61
C VAL A 63 8.47 1.23 5.08
N ASP A 64 8.56 2.51 5.39
CA ASP A 64 7.99 3.14 6.57
C ASP A 64 6.89 4.15 6.15
N LEU A 65 5.73 4.10 6.80
CA LEU A 65 4.59 4.98 6.55
C LEU A 65 4.32 5.88 7.76
N PRO A 66 4.93 7.08 7.80
CA PRO A 66 4.66 8.06 8.84
C PRO A 66 3.28 8.70 8.69
N LEU A 67 2.67 8.97 9.85
CA LEU A 67 1.35 9.56 9.99
C LEU A 67 1.27 10.96 9.34
N ARG A 68 2.40 11.67 9.25
CA ARG A 68 2.50 12.96 8.53
C ARG A 68 2.35 12.84 7.00
N CYS A 69 2.93 11.81 6.38
CA CYS A 69 2.65 11.47 4.98
C CYS A 69 1.19 11.04 4.82
N LEU A 70 0.68 10.21 5.74
CA LEU A 70 -0.74 9.80 5.77
C LEU A 70 -1.73 10.94 6.10
N TYR A 71 -1.24 12.05 6.64
CA TYR A 71 -1.99 13.31 6.82
C TYR A 71 -1.99 14.16 5.55
N GLU A 72 -0.87 14.25 4.82
CA GLU A 72 -0.75 15.16 3.65
C GLU A 72 -0.96 14.50 2.27
N ALA A 73 -0.92 13.17 2.19
CA ALA A 73 -1.00 12.41 0.95
C ALA A 73 -1.64 11.01 1.11
N PRO A 74 -2.83 10.85 1.73
CA PRO A 74 -3.50 9.55 1.89
C PRO A 74 -4.06 8.94 0.58
N THR A 75 -3.78 9.53 -0.59
CA THR A 75 -4.06 8.97 -1.93
C THR A 75 -2.88 8.11 -2.38
N VAL A 76 -3.13 6.84 -2.71
CA VAL A 76 -2.10 5.78 -2.73
C VAL A 76 -0.93 6.03 -3.69
N ALA A 77 -1.15 6.67 -4.84
CA ALA A 77 -0.09 7.00 -5.79
C ALA A 77 0.79 8.16 -5.28
N ARG A 78 0.20 9.17 -4.62
CA ARG A 78 0.95 10.28 -3.99
C ARG A 78 1.66 9.81 -2.73
N LEU A 79 1.06 8.91 -1.95
CA LEU A 79 1.69 8.24 -0.81
C LEU A 79 2.96 7.49 -1.25
N ALA A 80 2.82 6.62 -2.24
CA ALA A 80 3.96 5.89 -2.81
C ALA A 80 5.04 6.84 -3.33
N GLU A 81 4.67 7.87 -4.09
CA GLU A 81 5.67 8.69 -4.78
C GLU A 81 6.34 9.73 -3.87
N THR A 82 5.64 10.22 -2.84
CA THR A 82 6.25 10.99 -1.74
C THR A 82 7.23 10.14 -0.94
N ILE A 83 6.82 8.95 -0.49
CA ILE A 83 7.70 8.04 0.26
C ILE A 83 8.94 7.64 -0.56
N VAL A 84 8.83 7.51 -1.89
CA VAL A 84 9.98 7.33 -2.80
C VAL A 84 10.86 8.59 -2.86
N ARG A 85 10.35 9.76 -3.28
CA ARG A 85 11.22 10.93 -3.56
C ARG A 85 11.89 11.53 -2.33
N LEU A 86 11.24 11.43 -1.16
CA LEU A 86 11.77 11.93 0.11
C LEU A 86 12.91 11.04 0.66
N ALA A 87 12.97 9.77 0.25
CA ALA A 87 14.06 8.81 0.50
C ALA A 87 14.58 8.82 1.95
N ALA A 88 13.67 8.69 2.93
CA ALA A 88 13.93 8.90 4.35
C ALA A 88 13.46 7.71 5.22
N PRO A 89 14.28 6.66 5.41
CA PRO A 89 13.95 5.49 6.24
C PRO A 89 13.66 5.81 7.71
N ALA A 90 13.08 4.83 8.43
CA ALA A 90 12.84 4.91 9.87
C ALA A 90 12.74 3.53 10.53
N PRO A 91 13.45 3.29 11.66
CA PRO A 91 13.38 2.02 12.40
C PRO A 91 12.00 1.78 13.05
N SER A 92 11.80 0.55 13.53
CA SER A 92 10.77 0.22 14.52
C SER A 92 9.32 0.54 14.11
N GLY A 93 9.00 0.49 12.82
CA GLY A 93 7.65 0.64 12.27
C GLY A 93 6.87 -0.65 12.46
N ASP A 94 6.56 -0.97 13.72
CA ASP A 94 6.19 -2.32 14.17
C ASP A 94 4.70 -2.41 14.57
N GLN A 95 4.09 -3.59 14.41
CA GLN A 95 2.63 -3.83 14.51
C GLN A 95 2.27 -5.33 14.60
N ASP A 96 1.08 -5.64 15.12
CA ASP A 96 0.47 -6.99 15.14
C ASP A 96 -0.76 -7.12 14.22
N ASP A 97 -1.03 -8.33 13.72
CA ASP A 97 -2.09 -8.66 12.75
C ASP A 97 -3.26 -9.51 13.32
N ALA A 98 -3.16 -10.04 14.55
CA ALA A 98 -4.20 -10.89 15.17
C ALA A 98 -4.78 -11.96 14.19
N SER A 99 -3.88 -12.66 13.49
CA SER A 99 -4.12 -13.32 12.20
C SER A 99 -5.20 -14.41 12.23
N GLU A 100 -5.81 -14.69 11.07
CA GLU A 100 -6.94 -15.63 10.96
C GLU A 100 -6.57 -17.09 11.27
N TYR A 101 -7.48 -17.79 11.96
CA TYR A 101 -7.29 -19.13 12.51
C TYR A 101 -8.32 -20.13 11.94
N GLU A 102 -8.01 -21.42 11.96
CA GLU A 102 -8.94 -22.52 11.60
C GLU A 102 -8.75 -23.73 12.51
N GLU A 103 -9.83 -24.49 12.76
CA GLU A 103 -9.89 -25.53 13.81
C GLU A 103 -10.63 -26.79 13.35
N GLY A 104 -10.54 -27.11 12.05
CA GLY A 104 -11.23 -28.22 11.37
C GLY A 104 -10.69 -29.63 11.68
N VAL A 105 -9.89 -29.78 12.74
CA VAL A 105 -9.51 -31.08 13.32
C VAL A 105 -10.74 -31.79 13.90
N ILE A 106 -10.72 -33.14 13.98
CA ILE A 106 -11.84 -33.94 14.48
C ILE A 106 -11.34 -35.24 15.16
N ARG A 107 -11.98 -35.64 16.27
CA ARG A 107 -11.58 -36.75 17.15
C ARG A 107 -12.05 -38.11 16.63
N GLY A 7 -19.51 11.96 0.18
CA GLY A 7 -19.92 10.61 -0.24
C GLY A 7 -19.55 10.34 -1.68
N ALA A 8 -19.41 9.05 -2.03
CA ALA A 8 -18.95 8.51 -3.31
C ALA A 8 -17.52 8.88 -3.73
N ALA A 9 -16.84 7.92 -4.38
CA ALA A 9 -15.49 8.04 -4.92
C ALA A 9 -15.45 9.03 -6.10
N ALA A 10 -14.80 10.18 -5.88
CA ALA A 10 -14.80 11.35 -6.76
C ALA A 10 -13.38 11.90 -7.04
N GLY A 11 -12.33 11.12 -6.79
CA GLY A 11 -10.94 11.48 -7.02
C GLY A 11 -10.57 11.61 -8.51
N VAL A 12 -9.62 12.50 -8.82
CA VAL A 12 -9.27 12.94 -10.19
C VAL A 12 -7.76 12.97 -10.39
N SER A 13 -7.29 12.69 -11.61
CA SER A 13 -5.88 12.51 -12.01
C SER A 13 -5.20 11.27 -11.44
N ALA A 14 -4.57 10.48 -12.32
CA ALA A 14 -3.85 9.27 -11.97
C ALA A 14 -2.47 9.16 -12.65
N ALA A 15 -1.52 8.52 -11.96
CA ALA A 15 -0.15 8.30 -12.42
C ALA A 15 -0.10 7.41 -13.68
N GLY A 16 0.95 7.56 -14.50
CA GLY A 16 1.22 6.73 -15.69
C GLY A 16 1.58 5.27 -15.39
N ILE A 17 2.09 4.95 -14.21
CA ILE A 17 2.32 3.57 -13.73
C ILE A 17 1.10 2.99 -12.98
N GLU A 18 1.11 1.67 -12.72
CA GLU A 18 0.49 1.14 -11.51
C GLU A 18 1.52 1.21 -10.35
N PRO A 19 1.22 1.90 -9.23
CA PRO A 19 2.10 1.95 -8.06
C PRO A 19 2.44 0.58 -7.48
N ASP A 20 3.60 0.45 -6.83
CA ASP A 20 3.98 -0.81 -6.15
C ASP A 20 3.09 -1.10 -4.94
N LEU A 21 2.68 -0.04 -4.24
CA LEU A 21 1.87 -0.10 -3.04
C LEU A 21 0.45 -0.59 -3.34
N THR A 22 -0.21 -0.03 -4.37
CA THR A 22 -1.57 -0.47 -4.74
C THR A 22 -1.57 -1.89 -5.29
N ALA A 23 -0.52 -2.28 -6.02
CA ALA A 23 -0.33 -3.65 -6.48
C ALA A 23 -0.21 -4.65 -5.31
N ILE A 24 0.65 -4.37 -4.32
CA ILE A 24 0.76 -5.23 -3.11
C ILE A 24 -0.57 -5.24 -2.36
N TRP A 25 -1.20 -4.09 -2.14
CA TRP A 25 -2.43 -4.00 -1.34
C TRP A 25 -3.63 -4.69 -2.01
N GLN A 26 -3.84 -4.54 -3.32
CA GLN A 26 -4.90 -5.29 -4.02
C GLN A 26 -4.57 -6.80 -4.06
N ALA A 27 -3.30 -7.19 -4.16
CA ALA A 27 -2.90 -8.60 -4.03
C ALA A 27 -3.11 -9.18 -2.60
N LEU A 28 -3.02 -8.37 -1.54
CA LEU A 28 -3.28 -8.81 -0.15
C LEU A 28 -4.77 -8.82 0.23
N PHE A 29 -5.56 -7.87 -0.30
CA PHE A 29 -7.00 -7.77 -0.05
C PHE A 29 -7.86 -8.63 -1.01
N ALA A 30 -7.22 -9.52 -1.78
CA ALA A 30 -7.85 -10.53 -2.62
C ALA A 30 -8.82 -9.99 -3.70
N LEU A 31 -8.51 -8.82 -4.29
CA LEU A 31 -9.31 -8.15 -5.32
C LEU A 31 -8.45 -7.57 -6.48
N PRO A 32 -9.02 -7.32 -7.68
CA PRO A 32 -8.25 -6.80 -8.82
C PRO A 32 -7.77 -5.34 -8.75
N ALA A 33 -8.41 -4.48 -7.95
CA ALA A 33 -8.04 -3.07 -7.79
C ALA A 33 -8.52 -2.46 -6.45
N VAL A 34 -7.67 -1.67 -5.79
CA VAL A 34 -8.01 -0.89 -4.58
C VAL A 34 -8.46 0.54 -4.88
N GLY A 35 -9.31 1.08 -4.02
CA GLY A 35 -9.85 2.44 -4.07
C GLY A 35 -10.71 2.80 -2.85
N ARG A 36 -11.88 2.15 -2.71
CA ARG A 36 -13.05 2.41 -1.82
C ARG A 36 -13.59 3.85 -1.83
N HIS A 37 -12.73 4.84 -1.61
CA HIS A 37 -12.96 6.26 -1.85
C HIS A 37 -11.71 6.78 -2.58
N GLN A 38 -10.67 7.15 -1.83
CA GLN A 38 -9.31 7.36 -2.37
C GLN A 38 -8.20 7.43 -1.28
N ASP A 39 -8.55 7.80 -0.05
CA ASP A 39 -7.65 7.96 1.10
C ASP A 39 -7.41 6.66 1.88
N PHE A 40 -6.18 6.44 2.35
CA PHE A 40 -5.70 5.21 3.01
C PHE A 40 -6.59 4.70 4.15
N PHE A 41 -7.21 5.60 4.90
CA PHE A 41 -8.15 5.31 5.99
C PHE A 41 -9.35 4.45 5.56
N ALA A 42 -9.77 4.58 4.30
CA ALA A 42 -10.86 3.81 3.68
C ALA A 42 -10.37 2.84 2.59
N LEU A 43 -9.34 3.22 1.84
CA LEU A 43 -8.79 2.48 0.71
C LEU A 43 -8.18 1.14 1.13
N GLY A 44 -7.70 1.03 2.37
CA GLY A 44 -7.24 -0.24 2.96
C GLY A 44 -8.34 -1.27 3.19
N GLY A 45 -9.62 -0.96 2.91
CA GLY A 45 -10.79 -1.82 3.14
C GLY A 45 -11.24 -1.81 4.60
N ASP A 46 -10.29 -1.88 5.53
CA ASP A 46 -10.45 -1.73 6.98
C ASP A 46 -9.18 -1.07 7.55
N SER A 47 -9.23 -0.46 8.74
CA SER A 47 -8.00 0.02 9.42
C SER A 47 -7.06 -1.12 9.80
N GLN A 48 -7.60 -2.27 10.23
CA GLN A 48 -6.83 -3.48 10.54
C GLN A 48 -6.12 -4.02 9.30
N LEU A 49 -6.79 -3.95 8.14
CA LEU A 49 -6.23 -4.33 6.85
C LEU A 49 -5.20 -3.31 6.36
N GLY A 50 -5.45 -2.00 6.52
CA GLY A 50 -4.45 -0.96 6.24
C GLY A 50 -3.14 -1.19 7.01
N LEU A 51 -3.24 -1.46 8.32
CA LEU A 51 -2.09 -1.81 9.16
C LEU A 51 -1.38 -3.10 8.70
N ARG A 52 -2.12 -4.19 8.45
CA ARG A 52 -1.55 -5.45 7.90
C ARG A 52 -0.85 -5.25 6.56
N MET A 53 -1.48 -4.51 5.65
CA MET A 53 -0.99 -4.35 4.28
C MET A 53 0.22 -3.42 4.22
N LEU A 54 0.33 -2.43 5.12
CA LEU A 54 1.60 -1.75 5.35
C LEU A 54 2.65 -2.73 5.90
N ALA A 55 2.31 -3.56 6.89
CA ALA A 55 3.28 -4.47 7.50
C ALA A 55 3.91 -5.43 6.47
N GLN A 56 3.11 -6.06 5.60
CA GLN A 56 3.63 -6.92 4.52
C GLN A 56 4.29 -6.12 3.38
N LEU A 57 3.78 -4.93 3.00
CA LEU A 57 4.50 -4.02 2.10
C LEU A 57 5.92 -3.73 2.60
N ARG A 58 6.07 -3.40 3.89
CA ARG A 58 7.37 -3.14 4.52
C ARG A 58 8.26 -4.38 4.50
N GLU A 59 7.73 -5.54 4.88
CA GLU A 59 8.49 -6.81 4.86
C GLU A 59 8.93 -7.27 3.47
N ARG A 60 8.18 -6.96 2.39
CA ARG A 60 8.51 -7.35 1.01
C ARG A 60 9.36 -6.33 0.26
N HIS A 61 9.20 -5.03 0.56
CA HIS A 61 9.58 -3.96 -0.36
C HIS A 61 10.49 -2.87 0.26
N GLY A 62 10.62 -2.80 1.59
CA GLY A 62 11.39 -1.75 2.26
C GLY A 62 10.72 -0.37 2.19
N VAL A 63 9.43 -0.30 2.52
CA VAL A 63 8.60 0.92 2.47
C VAL A 63 7.74 1.03 3.74
N ASP A 64 7.78 2.19 4.39
CA ASP A 64 7.00 2.51 5.61
C ASP A 64 6.03 3.68 5.39
N LEU A 65 5.06 3.84 6.28
CA LEU A 65 4.00 4.86 6.23
C LEU A 65 4.00 5.67 7.54
N PRO A 66 4.71 6.81 7.61
CA PRO A 66 4.66 7.75 8.72
C PRO A 66 3.52 8.78 8.57
N LEU A 67 3.07 9.29 9.72
CA LEU A 67 1.96 10.24 9.82
C LEU A 67 2.25 11.59 9.12
N ARG A 68 3.51 11.94 8.88
CA ARG A 68 3.93 13.09 8.05
C ARG A 68 3.49 12.93 6.58
N CYS A 69 3.71 11.74 6.02
CA CYS A 69 3.32 11.45 4.63
C CYS A 69 1.80 11.26 4.54
N LEU A 70 1.20 10.61 5.55
CA LEU A 70 -0.26 10.50 5.64
C LEU A 70 -0.96 11.87 5.76
N TYR A 71 -0.36 12.81 6.49
CA TYR A 71 -0.87 14.18 6.61
C TYR A 71 -0.74 14.94 5.29
N GLU A 72 0.42 14.88 4.61
CA GLU A 72 0.59 15.67 3.36
C GLU A 72 -0.16 15.06 2.16
N ALA A 73 -0.34 13.74 2.17
CA ALA A 73 -0.91 12.95 1.10
C ALA A 73 -1.64 11.71 1.69
N PRO A 74 -2.92 11.84 2.08
CA PRO A 74 -3.69 10.68 2.57
C PRO A 74 -4.05 9.71 1.43
N THR A 75 -3.96 10.17 0.19
CA THR A 75 -4.28 9.44 -1.05
C THR A 75 -3.13 8.53 -1.47
N VAL A 76 -3.43 7.28 -1.85
CA VAL A 76 -2.41 6.22 -1.97
C VAL A 76 -1.28 6.50 -2.97
N ALA A 77 -1.56 7.08 -4.13
CA ALA A 77 -0.53 7.31 -5.15
C ALA A 77 0.31 8.56 -4.84
N ARG A 78 -0.30 9.64 -4.33
CA ARG A 78 0.41 10.82 -3.77
C ARG A 78 1.34 10.42 -2.61
N LEU A 79 0.88 9.51 -1.74
CA LEU A 79 1.64 8.93 -0.64
C LEU A 79 2.84 8.13 -1.16
N ALA A 80 2.60 7.27 -2.16
CA ALA A 80 3.66 6.51 -2.82
C ALA A 80 4.69 7.41 -3.51
N GLU A 81 4.29 8.57 -4.05
CA GLU A 81 5.23 9.58 -4.54
C GLU A 81 6.09 10.15 -3.42
N THR A 82 5.53 10.72 -2.35
CA THR A 82 6.38 11.31 -1.28
C THR A 82 7.33 10.26 -0.67
N ILE A 83 6.89 9.01 -0.44
CA ILE A 83 7.74 7.97 0.16
C ILE A 83 8.80 7.40 -0.82
N VAL A 84 8.53 7.30 -2.12
CA VAL A 84 9.59 6.96 -3.10
C VAL A 84 10.55 8.13 -3.34
N ARG A 85 10.04 9.38 -3.36
CA ARG A 85 10.74 10.59 -3.83
C ARG A 85 11.55 11.34 -2.77
N LEU A 86 11.09 11.39 -1.52
CA LEU A 86 11.80 12.02 -0.39
C LEU A 86 12.32 11.00 0.65
N ALA A 87 12.01 9.71 0.46
CA ALA A 87 12.41 8.56 1.27
C ALA A 87 11.88 8.54 2.72
N ALA A 88 12.02 7.36 3.35
CA ALA A 88 11.74 7.09 4.76
C ALA A 88 12.72 6.01 5.29
N PRO A 89 14.05 6.26 5.26
CA PRO A 89 15.06 5.23 5.52
C PRO A 89 15.12 4.75 6.96
N ALA A 90 14.75 5.58 7.94
CA ALA A 90 14.75 5.24 9.38
C ALA A 90 13.58 5.90 10.15
N PRO A 91 12.34 5.39 10.02
CA PRO A 91 11.16 5.93 10.70
C PRO A 91 11.19 5.78 12.23
N SER A 92 10.21 6.39 12.91
CA SER A 92 9.95 6.29 14.37
C SER A 92 11.14 6.62 15.29
N GLY A 93 12.20 7.27 14.78
CA GLY A 93 13.42 7.62 15.52
C GLY A 93 13.45 9.10 15.90
N ASP A 94 12.78 9.97 15.16
CA ASP A 94 12.58 11.35 15.62
C ASP A 94 11.75 11.43 16.90
N GLN A 95 11.99 12.45 17.73
CA GLN A 95 11.63 12.48 19.15
C GLN A 95 10.61 13.57 19.47
N ASP A 96 9.74 13.34 20.46
CA ASP A 96 8.77 14.33 20.95
C ASP A 96 8.67 14.35 22.48
N ASP A 97 8.42 15.53 23.07
CA ASP A 97 8.34 15.72 24.52
C ASP A 97 7.07 16.46 25.00
N ALA A 98 6.00 16.46 24.19
CA ALA A 98 4.65 16.86 24.59
C ALA A 98 4.55 18.22 25.34
N SER A 99 5.34 19.21 24.90
CA SER A 99 5.64 20.44 25.66
C SER A 99 4.47 21.42 25.76
N GLU A 100 3.43 21.31 24.94
CA GLU A 100 2.34 22.30 24.88
C GLU A 100 1.24 22.05 25.93
N TYR A 101 1.65 21.68 27.14
CA TYR A 101 0.80 21.46 28.32
C TYR A 101 0.49 22.79 29.04
N GLU A 102 -0.68 22.91 29.65
CA GLU A 102 -1.16 24.11 30.36
C GLU A 102 -1.08 25.40 29.50
N GLU A 103 -1.68 25.37 28.31
CA GLU A 103 -1.78 26.51 27.38
C GLU A 103 -3.04 27.38 27.60
N GLY A 104 -4.13 26.83 28.15
CA GLY A 104 -5.46 27.44 28.17
C GLY A 104 -5.75 28.45 29.30
N VAL A 105 -4.76 28.78 30.13
CA VAL A 105 -4.93 29.59 31.37
C VAL A 105 -4.59 31.07 31.19
N ILE A 106 -5.29 31.96 31.91
CA ILE A 106 -5.23 33.43 31.76
C ILE A 106 -5.55 34.20 33.06
N ARG A 107 -5.01 35.43 33.16
CA ARG A 107 -5.24 36.40 34.25
C ARG A 107 -5.94 37.67 33.75
N GLY A 7 -22.17 -16.72 -21.00
CA GLY A 7 -20.83 -17.13 -20.55
C GLY A 7 -19.93 -15.96 -20.21
N ALA A 8 -18.76 -16.23 -19.65
CA ALA A 8 -17.73 -15.26 -19.31
C ALA A 8 -16.32 -15.66 -19.80
N ALA A 9 -15.95 -16.94 -19.69
CA ALA A 9 -14.68 -17.57 -20.12
C ALA A 9 -13.36 -16.99 -19.55
N ALA A 10 -13.42 -15.94 -18.74
CA ALA A 10 -12.31 -15.34 -18.01
C ALA A 10 -12.82 -14.72 -16.70
N GLY A 11 -11.90 -14.47 -15.76
CA GLY A 11 -12.15 -13.74 -14.53
C GLY A 11 -12.05 -12.22 -14.70
N VAL A 12 -12.18 -11.52 -13.59
CA VAL A 12 -12.19 -10.05 -13.51
C VAL A 12 -10.80 -9.42 -13.62
N SER A 13 -10.71 -8.23 -14.23
CA SER A 13 -9.44 -7.51 -14.46
C SER A 13 -9.60 -5.99 -14.60
N ALA A 14 -8.50 -5.27 -14.37
CA ALA A 14 -8.23 -3.93 -14.91
C ALA A 14 -6.87 -3.92 -15.63
N ALA A 15 -6.61 -2.91 -16.47
CA ALA A 15 -5.40 -2.81 -17.28
C ALA A 15 -4.84 -1.37 -17.36
N GLY A 16 -3.71 -1.21 -18.06
CA GLY A 16 -2.89 0.00 -18.07
C GLY A 16 -1.76 -0.06 -17.03
N ILE A 17 -0.80 0.84 -17.14
CA ILE A 17 0.28 1.03 -16.16
C ILE A 17 -0.11 2.06 -15.10
N GLU A 18 0.18 1.76 -13.83
CA GLU A 18 0.01 2.66 -12.68
C GLU A 18 1.05 2.36 -11.58
N PRO A 19 1.25 3.25 -10.59
CA PRO A 19 2.29 3.07 -9.57
C PRO A 19 2.17 1.77 -8.77
N ASP A 20 3.30 1.09 -8.54
CA ASP A 20 3.34 -0.30 -8.06
C ASP A 20 2.70 -0.52 -6.69
N LEU A 21 2.64 0.50 -5.81
CA LEU A 21 1.95 0.37 -4.52
C LEU A 21 0.46 0.01 -4.70
N THR A 22 -0.20 0.44 -5.79
CA THR A 22 -1.55 -0.04 -6.13
C THR A 22 -1.59 -1.56 -6.32
N ALA A 23 -0.58 -2.14 -7.00
CA ALA A 23 -0.45 -3.58 -7.22
C ALA A 23 -0.19 -4.32 -5.90
N ILE A 24 0.62 -3.74 -5.01
CA ILE A 24 0.84 -4.25 -3.64
C ILE A 24 -0.49 -4.25 -2.87
N TRP A 25 -1.26 -3.16 -2.91
CA TRP A 25 -2.49 -3.03 -2.13
C TRP A 25 -3.57 -3.99 -2.63
N GLN A 26 -3.79 -4.07 -3.94
CA GLN A 26 -4.74 -5.04 -4.49
C GLN A 26 -4.25 -6.50 -4.32
N ALA A 27 -2.93 -6.75 -4.24
CA ALA A 27 -2.42 -8.08 -3.93
C ALA A 27 -2.72 -8.49 -2.48
N LEU A 28 -2.54 -7.59 -1.52
CA LEU A 28 -2.72 -7.85 -0.09
C LEU A 28 -4.21 -7.86 0.30
N PHE A 29 -4.98 -6.87 -0.16
CA PHE A 29 -6.41 -6.76 0.08
C PHE A 29 -7.25 -7.77 -0.75
N ALA A 30 -6.60 -8.54 -1.65
CA ALA A 30 -7.17 -9.59 -2.51
C ALA A 30 -8.34 -9.16 -3.43
N LEU A 31 -8.55 -7.86 -3.62
CA LEU A 31 -9.69 -7.27 -4.32
C LEU A 31 -9.47 -7.13 -5.85
N PRO A 32 -10.56 -7.14 -6.66
CA PRO A 32 -10.49 -7.17 -8.12
C PRO A 32 -10.10 -5.79 -8.69
N ALA A 33 -8.78 -5.56 -8.80
CA ALA A 33 -8.15 -4.26 -9.02
C ALA A 33 -8.53 -3.18 -7.99
N VAL A 34 -7.83 -2.04 -8.00
CA VAL A 34 -8.01 -0.97 -7.00
C VAL A 34 -8.08 0.42 -7.64
N GLY A 35 -8.77 1.34 -6.96
CA GLY A 35 -8.83 2.76 -7.32
C GLY A 35 -7.57 3.56 -7.00
N ARG A 36 -7.50 4.79 -7.50
CA ARG A 36 -6.40 5.75 -7.31
C ARG A 36 -6.85 7.10 -6.72
N HIS A 37 -8.12 7.49 -6.94
CA HIS A 37 -8.69 8.78 -6.53
C HIS A 37 -9.11 8.85 -5.04
N GLN A 38 -9.20 7.72 -4.33
CA GLN A 38 -9.69 7.62 -2.95
C GLN A 38 -8.59 7.48 -1.88
N ASP A 39 -8.88 7.97 -0.67
CA ASP A 39 -7.99 7.92 0.49
C ASP A 39 -7.79 6.50 1.06
N PHE A 40 -6.53 6.14 1.28
CA PHE A 40 -6.05 4.80 1.63
C PHE A 40 -6.72 4.18 2.87
N PHE A 41 -7.00 4.98 3.90
CA PHE A 41 -7.63 4.53 5.15
C PHE A 41 -9.06 3.98 4.94
N ALA A 42 -9.81 4.55 4.00
CA ALA A 42 -11.13 4.08 3.61
C ALA A 42 -11.07 2.99 2.54
N LEU A 43 -10.12 3.13 1.60
CA LEU A 43 -9.87 2.17 0.52
C LEU A 43 -9.58 0.76 1.06
N GLY A 44 -8.82 0.69 2.16
CA GLY A 44 -8.43 -0.57 2.83
C GLY A 44 -9.50 -1.17 3.74
N GLY A 45 -10.59 -0.43 4.02
CA GLY A 45 -11.79 -0.91 4.72
C GLY A 45 -11.67 -1.17 6.23
N ASP A 46 -10.47 -1.43 6.76
CA ASP A 46 -10.20 -1.66 8.18
C ASP A 46 -8.83 -1.09 8.59
N SER A 47 -8.72 -0.39 9.72
CA SER A 47 -7.42 0.08 10.23
C SER A 47 -6.50 -1.06 10.67
N GLN A 48 -7.02 -2.24 11.04
CA GLN A 48 -6.18 -3.43 11.22
C GLN A 48 -5.62 -3.96 9.89
N LEU A 49 -6.34 -3.82 8.77
CA LEU A 49 -5.75 -4.00 7.44
C LEU A 49 -4.72 -2.90 7.13
N GLY A 50 -4.91 -1.65 7.57
CA GLY A 50 -3.89 -0.60 7.49
C GLY A 50 -2.58 -0.95 8.23
N LEU A 51 -2.68 -1.43 9.47
CA LEU A 51 -1.54 -1.95 10.24
C LEU A 51 -0.84 -3.12 9.52
N ARG A 52 -1.63 -4.06 8.97
CA ARG A 52 -1.16 -5.19 8.16
C ARG A 52 -0.50 -4.73 6.85
N MET A 53 -1.00 -3.65 6.23
CA MET A 53 -0.43 -3.06 5.02
C MET A 53 0.94 -2.44 5.29
N LEU A 54 1.11 -1.72 6.41
CA LEU A 54 2.44 -1.28 6.87
C LEU A 54 3.37 -2.48 7.07
N ALA A 55 2.92 -3.51 7.81
CA ALA A 55 3.72 -4.71 8.09
C ALA A 55 4.21 -5.42 6.80
N GLN A 56 3.30 -5.70 5.88
CA GLN A 56 3.60 -6.47 4.67
C GLN A 56 4.28 -5.63 3.58
N LEU A 57 4.00 -4.32 3.45
CA LEU A 57 4.81 -3.44 2.58
C LEU A 57 6.26 -3.38 3.07
N ARG A 58 6.46 -3.20 4.39
CA ARG A 58 7.79 -3.15 4.99
C ARG A 58 8.56 -4.46 4.76
N GLU A 59 7.89 -5.61 4.90
CA GLU A 59 8.47 -6.92 4.59
C GLU A 59 8.69 -7.23 3.09
N ARG A 60 7.90 -6.66 2.18
CA ARG A 60 8.00 -6.91 0.72
C ARG A 60 8.86 -5.90 -0.06
N HIS A 61 8.95 -4.67 0.43
CA HIS A 61 9.49 -3.52 -0.31
C HIS A 61 10.52 -2.68 0.49
N GLY A 62 10.70 -2.94 1.80
CA GLY A 62 11.77 -2.35 2.61
C GLY A 62 11.65 -0.85 2.85
N VAL A 63 10.46 -0.36 3.23
CA VAL A 63 10.13 1.07 3.43
C VAL A 63 9.25 1.27 4.66
N ASP A 64 9.16 2.52 5.12
CA ASP A 64 8.30 2.97 6.22
C ASP A 64 7.06 3.73 5.69
N LEU A 65 5.97 3.78 6.47
CA LEU A 65 4.81 4.64 6.21
C LEU A 65 4.65 5.67 7.35
N PRO A 66 5.17 6.90 7.20
CA PRO A 66 4.94 7.98 8.16
C PRO A 66 3.46 8.35 8.23
N LEU A 67 2.91 8.42 9.44
CA LEU A 67 1.57 8.97 9.70
C LEU A 67 1.44 10.45 9.27
N ARG A 68 2.56 11.19 9.22
CA ARG A 68 2.70 12.45 8.47
C ARG A 68 2.27 12.30 7.01
N CYS A 69 2.88 11.37 6.26
CA CYS A 69 2.57 11.12 4.85
C CYS A 69 1.14 10.60 4.65
N LEU A 70 0.61 9.82 5.61
CA LEU A 70 -0.80 9.42 5.64
C LEU A 70 -1.75 10.64 5.80
N TYR A 71 -1.37 11.64 6.59
CA TYR A 71 -2.15 12.88 6.71
C TYR A 71 -1.98 13.82 5.50
N GLU A 72 -0.75 14.07 5.04
CA GLU A 72 -0.50 15.07 3.97
C GLU A 72 -0.67 14.55 2.54
N ALA A 73 -0.64 13.23 2.32
CA ALA A 73 -0.79 12.59 1.01
C ALA A 73 -1.57 11.25 1.10
N PRO A 74 -2.84 11.25 1.58
CA PRO A 74 -3.61 10.01 1.83
C PRO A 74 -3.97 9.19 0.58
N THR A 75 -3.85 9.75 -0.62
CA THR A 75 -4.29 9.14 -1.88
C THR A 75 -3.14 8.31 -2.48
N VAL A 76 -3.40 7.05 -2.83
CA VAL A 76 -2.37 5.99 -2.96
C VAL A 76 -1.16 6.29 -3.86
N ALA A 77 -1.32 7.03 -4.96
CA ALA A 77 -0.20 7.37 -5.86
C ALA A 77 0.66 8.54 -5.32
N ARG A 78 0.02 9.49 -4.64
CA ARG A 78 0.70 10.61 -3.96
C ARG A 78 1.37 10.14 -2.67
N LEU A 79 0.72 9.24 -1.94
CA LEU A 79 1.34 8.46 -0.86
C LEU A 79 2.61 7.78 -1.41
N ALA A 80 2.49 6.97 -2.47
CA ALA A 80 3.64 6.33 -3.10
C ALA A 80 4.73 7.31 -3.56
N GLU A 81 4.36 8.52 -4.00
CA GLU A 81 5.33 9.56 -4.33
C GLU A 81 6.11 10.02 -3.10
N THR A 82 5.43 10.28 -1.97
CA THR A 82 6.11 10.61 -0.70
C THR A 82 7.02 9.46 -0.24
N ILE A 83 6.52 8.23 -0.19
CA ILE A 83 7.27 7.09 0.33
C ILE A 83 8.50 6.79 -0.56
N VAL A 84 8.42 6.96 -1.88
CA VAL A 84 9.57 6.73 -2.79
C VAL A 84 10.56 7.89 -2.80
N ARG A 85 10.12 9.16 -2.72
CA ARG A 85 11.08 10.29 -2.65
C ARG A 85 11.80 10.36 -1.29
N LEU A 86 11.17 9.89 -0.21
CA LEU A 86 11.74 9.83 1.15
C LEU A 86 12.51 8.52 1.42
N ALA A 87 11.96 7.38 1.01
CA ALA A 87 12.49 6.01 1.07
C ALA A 87 13.35 5.70 2.31
N ALA A 88 12.70 5.41 3.45
CA ALA A 88 13.38 5.09 4.70
C ALA A 88 14.35 3.88 4.53
N PRO A 89 15.63 4.01 4.94
CA PRO A 89 16.64 2.99 4.67
C PRO A 89 16.51 1.78 5.60
N ALA A 90 16.46 0.59 4.98
CA ALA A 90 16.54 -0.73 5.60
C ALA A 90 15.78 -0.90 6.94
N PRO A 91 14.46 -0.59 7.01
CA PRO A 91 13.67 -0.51 8.26
C PRO A 91 13.24 -1.91 8.77
N SER A 92 14.21 -2.73 9.16
CA SER A 92 14.03 -4.16 9.51
C SER A 92 13.23 -4.97 8.46
N GLY A 93 13.39 -4.61 7.19
CA GLY A 93 12.72 -5.21 6.03
C GLY A 93 13.46 -4.87 4.73
N ASP A 94 13.18 -5.60 3.64
CA ASP A 94 14.00 -5.63 2.42
C ASP A 94 13.19 -5.47 1.12
N GLN A 95 13.84 -4.96 0.07
CA GLN A 95 13.22 -4.76 -1.25
C GLN A 95 13.17 -6.04 -2.11
N ASP A 96 12.43 -5.96 -3.21
CA ASP A 96 12.30 -7.01 -4.21
C ASP A 96 11.96 -6.37 -5.58
N ASP A 97 12.54 -6.89 -6.66
CA ASP A 97 12.12 -6.57 -8.03
C ASP A 97 10.80 -7.30 -8.41
N ALA A 98 10.33 -8.21 -7.54
CA ALA A 98 9.01 -8.85 -7.57
C ALA A 98 8.75 -9.75 -8.79
N SER A 99 9.65 -10.73 -9.01
CA SER A 99 9.65 -11.63 -10.17
C SER A 99 9.04 -13.02 -9.92
N GLU A 100 8.77 -13.39 -8.67
CA GLU A 100 8.17 -14.68 -8.27
C GLU A 100 6.88 -14.43 -7.46
N TYR A 101 5.76 -14.16 -8.15
CA TYR A 101 4.54 -13.63 -7.52
C TYR A 101 3.30 -14.51 -7.77
N GLU A 102 2.48 -14.67 -6.73
CA GLU A 102 1.31 -15.56 -6.70
C GLU A 102 0.02 -14.92 -7.26
N GLU A 103 0.17 -13.81 -7.99
CA GLU A 103 -0.89 -12.83 -8.26
C GLU A 103 -1.26 -12.70 -9.74
N GLY A 104 -0.50 -13.33 -10.65
CA GLY A 104 -0.68 -13.25 -12.10
C GLY A 104 -1.85 -14.07 -12.65
N VAL A 105 -2.81 -14.45 -11.80
CA VAL A 105 -3.99 -15.31 -12.07
C VAL A 105 -3.69 -16.65 -12.75
N ILE A 106 -2.47 -17.17 -12.58
CA ILE A 106 -2.02 -18.48 -13.06
C ILE A 106 -1.46 -19.35 -11.91
N ARG A 107 -1.50 -20.67 -12.08
CA ARG A 107 -1.16 -21.70 -11.07
C ARG A 107 -0.66 -23.01 -11.68
N GLY A 7 -15.66 -7.24 -7.62
CA GLY A 7 -15.38 -7.07 -9.06
C GLY A 7 -15.89 -5.74 -9.57
N ALA A 8 -15.86 -5.56 -10.90
CA ALA A 8 -16.21 -4.32 -11.61
C ALA A 8 -15.35 -3.10 -11.20
N ALA A 9 -15.57 -1.95 -11.84
CA ALA A 9 -14.84 -0.68 -11.65
C ALA A 9 -13.30 -0.73 -11.82
N ALA A 10 -12.74 -1.83 -12.35
CA ALA A 10 -11.31 -2.01 -12.62
C ALA A 10 -10.81 -1.22 -13.86
N GLY A 11 -11.73 -0.82 -14.75
CA GLY A 11 -11.48 -0.21 -16.06
C GLY A 11 -10.86 1.20 -16.09
N VAL A 12 -10.41 1.71 -14.95
CA VAL A 12 -9.64 2.97 -14.83
C VAL A 12 -8.14 2.76 -15.16
N SER A 13 -7.86 1.89 -16.14
CA SER A 13 -6.52 1.36 -16.47
C SER A 13 -5.50 2.45 -16.82
N ALA A 14 -4.25 2.23 -16.39
CA ALA A 14 -3.17 3.21 -16.40
C ALA A 14 -2.46 3.41 -17.75
N ALA A 15 -1.74 4.53 -17.83
CA ALA A 15 -0.62 4.74 -18.76
C ALA A 15 0.71 4.47 -18.02
N GLY A 16 1.67 3.87 -18.70
CA GLY A 16 2.87 3.29 -18.09
C GLY A 16 2.56 1.99 -17.34
N ILE A 17 3.39 1.68 -16.34
CA ILE A 17 3.23 0.51 -15.45
C ILE A 17 2.45 0.83 -14.17
N GLU A 18 2.42 2.11 -13.77
CA GLU A 18 1.85 2.63 -12.52
C GLU A 18 2.59 2.14 -11.24
N PRO A 19 2.77 2.98 -10.18
CA PRO A 19 3.53 2.59 -8.98
C PRO A 19 3.02 1.30 -8.33
N ASP A 20 3.92 0.37 -8.02
CA ASP A 20 3.57 -1.00 -7.60
C ASP A 20 2.83 -1.10 -6.25
N LEU A 21 2.87 -0.05 -5.41
CA LEU A 21 2.02 0.06 -4.22
C LEU A 21 0.52 -0.07 -4.58
N THR A 22 0.12 0.37 -5.78
CA THR A 22 -1.25 0.16 -6.28
C THR A 22 -1.61 -1.32 -6.41
N ALA A 23 -0.70 -2.12 -6.98
CA ALA A 23 -0.85 -3.57 -7.13
C ALA A 23 -0.89 -4.27 -5.77
N ILE A 24 -0.02 -3.87 -4.84
CA ILE A 24 0.01 -4.39 -3.46
C ILE A 24 -1.30 -4.07 -2.72
N TRP A 25 -1.86 -2.86 -2.88
CA TRP A 25 -3.09 -2.49 -2.18
C TRP A 25 -4.31 -3.21 -2.78
N GLN A 26 -4.40 -3.39 -4.11
CA GLN A 26 -5.47 -4.23 -4.67
C GLN A 26 -5.32 -5.72 -4.32
N ALA A 27 -4.10 -6.22 -4.10
CA ALA A 27 -3.87 -7.60 -3.62
C ALA A 27 -4.34 -7.80 -2.17
N LEU A 28 -3.96 -6.90 -1.26
CA LEU A 28 -4.26 -7.01 0.17
C LEU A 28 -5.73 -6.68 0.49
N PHE A 29 -6.27 -5.65 -0.15
CA PHE A 29 -7.58 -5.09 0.18
C PHE A 29 -8.70 -5.61 -0.74
N ALA A 30 -8.42 -6.58 -1.61
CA ALA A 30 -9.35 -7.19 -2.59
C ALA A 30 -10.02 -6.21 -3.57
N LEU A 31 -9.52 -4.97 -3.66
CA LEU A 31 -10.02 -3.91 -4.55
C LEU A 31 -9.89 -4.28 -6.04
N PRO A 32 -10.68 -3.66 -6.92
CA PRO A 32 -10.52 -3.80 -8.38
C PRO A 32 -9.42 -2.90 -8.96
N ALA A 33 -9.30 -1.64 -8.50
CA ALA A 33 -8.29 -0.68 -8.93
C ALA A 33 -8.11 0.50 -7.93
N VAL A 34 -6.89 1.03 -7.84
CA VAL A 34 -6.51 2.24 -7.08
C VAL A 34 -5.52 3.13 -7.85
N GLY A 35 -5.41 4.40 -7.46
CA GLY A 35 -4.61 5.41 -8.16
C GLY A 35 -4.66 6.79 -7.48
N ARG A 36 -5.55 7.67 -7.96
CA ARG A 36 -5.52 9.13 -7.70
C ARG A 36 -6.88 9.76 -7.35
N HIS A 37 -7.95 8.96 -7.18
CA HIS A 37 -9.30 9.46 -6.82
C HIS A 37 -9.77 9.07 -5.42
N GLN A 38 -9.40 7.91 -4.87
CA GLN A 38 -9.81 7.44 -3.53
C GLN A 38 -8.61 7.23 -2.58
N ASP A 39 -8.83 7.38 -1.27
CA ASP A 39 -7.80 7.63 -0.26
C ASP A 39 -7.80 6.57 0.87
N PHE A 40 -6.68 6.35 1.57
CA PHE A 40 -6.52 5.30 2.59
C PHE A 40 -7.56 5.30 3.72
N PHE A 41 -8.10 6.45 4.11
CA PHE A 41 -9.12 6.54 5.15
C PHE A 41 -10.41 5.77 4.77
N ALA A 42 -10.67 5.62 3.47
CA ALA A 42 -11.60 4.63 2.91
C ALA A 42 -10.90 3.32 2.49
N LEU A 43 -9.86 3.40 1.64
CA LEU A 43 -9.28 2.25 0.94
C LEU A 43 -8.61 1.22 1.85
N GLY A 44 -8.09 1.63 3.02
CA GLY A 44 -7.48 0.73 3.99
C GLY A 44 -8.51 -0.21 4.64
N GLY A 45 -9.76 0.23 4.79
CA GLY A 45 -10.92 -0.56 5.25
C GLY A 45 -10.88 -1.03 6.71
N ASP A 46 -9.73 -1.42 7.25
CA ASP A 46 -9.55 -1.97 8.60
C ASP A 46 -8.19 -1.56 9.20
N SER A 47 -8.11 -1.49 10.52
CA SER A 47 -6.83 -1.39 11.24
C SER A 47 -5.98 -2.65 11.06
N GLN A 48 -6.62 -3.83 11.07
CA GLN A 48 -5.94 -5.11 10.79
C GLN A 48 -5.30 -5.13 9.39
N LEU A 49 -6.01 -4.58 8.39
CA LEU A 49 -5.52 -4.41 7.02
C LEU A 49 -4.34 -3.43 6.99
N GLY A 50 -4.44 -2.28 7.67
CA GLY A 50 -3.34 -1.31 7.78
C GLY A 50 -2.07 -1.89 8.44
N LEU A 51 -2.22 -2.61 9.56
CA LEU A 51 -1.10 -3.24 10.27
C LEU A 51 -0.44 -4.36 9.43
N ARG A 52 -1.21 -5.31 8.87
CA ARG A 52 -0.64 -6.41 8.09
C ARG A 52 -0.04 -5.95 6.75
N MET A 53 -0.62 -4.90 6.15
CA MET A 53 -0.06 -4.19 5.00
C MET A 53 1.28 -3.58 5.35
N LEU A 54 1.40 -2.85 6.46
CA LEU A 54 2.68 -2.26 6.86
C LEU A 54 3.72 -3.34 7.10
N ALA A 55 3.39 -4.39 7.85
CA ALA A 55 4.33 -5.45 8.19
C ALA A 55 4.87 -6.17 6.93
N GLN A 56 3.98 -6.62 6.03
CA GLN A 56 4.42 -7.27 4.79
C GLN A 56 5.13 -6.30 3.83
N LEU A 57 4.78 -5.01 3.83
CA LEU A 57 5.48 -3.97 3.05
C LEU A 57 6.87 -3.64 3.65
N ARG A 58 7.04 -3.70 4.98
CA ARG A 58 8.34 -3.60 5.65
C ARG A 58 9.24 -4.76 5.22
N GLU A 59 8.72 -5.99 5.20
CA GLU A 59 9.51 -7.14 4.71
C GLU A 59 9.80 -7.07 3.20
N ARG A 60 8.80 -6.74 2.37
CA ARG A 60 8.91 -6.66 0.90
C ARG A 60 9.77 -5.50 0.39
N HIS A 61 9.69 -4.33 1.04
CA HIS A 61 10.18 -3.04 0.50
C HIS A 61 11.04 -2.21 1.49
N GLY A 62 11.06 -2.54 2.78
CA GLY A 62 11.89 -1.84 3.79
C GLY A 62 11.39 -0.45 4.17
N VAL A 63 10.11 -0.33 4.53
CA VAL A 63 9.35 0.93 4.61
C VAL A 63 8.66 1.13 5.97
N ASP A 64 8.44 2.38 6.37
CA ASP A 64 7.46 2.84 7.38
C ASP A 64 6.31 3.60 6.71
N LEU A 65 5.15 3.69 7.36
CA LEU A 65 4.09 4.63 7.01
C LEU A 65 4.04 5.77 8.06
N PRO A 66 4.60 6.95 7.77
CA PRO A 66 4.46 8.12 8.63
C PRO A 66 3.00 8.60 8.64
N LEU A 67 2.41 8.81 9.81
CA LEU A 67 1.06 9.36 9.95
C LEU A 67 0.91 10.75 9.33
N ARG A 68 2.00 11.53 9.26
CA ARG A 68 2.03 12.83 8.58
C ARG A 68 2.12 12.70 7.04
N CYS A 69 2.81 11.68 6.49
CA CYS A 69 2.72 11.30 5.07
C CYS A 69 1.26 10.98 4.72
N LEU A 70 0.63 10.12 5.54
CA LEU A 70 -0.76 9.72 5.39
C LEU A 70 -1.74 10.91 5.50
N TYR A 71 -1.46 11.87 6.40
CA TYR A 71 -2.29 13.06 6.55
C TYR A 71 -2.13 14.07 5.40
N GLU A 72 -0.93 14.22 4.81
CA GLU A 72 -0.75 15.14 3.68
C GLU A 72 -1.21 14.54 2.34
N ALA A 73 -1.00 13.24 2.12
CA ALA A 73 -1.14 12.58 0.83
C ALA A 73 -1.68 11.14 0.93
N PRO A 74 -2.94 10.92 1.37
CA PRO A 74 -3.50 9.56 1.58
C PRO A 74 -3.92 8.83 0.28
N THR A 75 -3.83 9.47 -0.89
CA THR A 75 -4.24 8.89 -2.18
C THR A 75 -3.10 8.05 -2.78
N VAL A 76 -3.36 6.82 -3.23
CA VAL A 76 -2.32 5.76 -3.32
C VAL A 76 -1.09 6.14 -4.15
N ALA A 77 -1.27 6.66 -5.37
CA ALA A 77 -0.14 7.05 -6.21
C ALA A 77 0.63 8.25 -5.63
N ARG A 78 -0.05 9.18 -4.95
CA ARG A 78 0.57 10.35 -4.31
C ARG A 78 1.37 9.95 -3.08
N LEU A 79 0.82 9.07 -2.26
CA LEU A 79 1.48 8.45 -1.12
C LEU A 79 2.76 7.70 -1.57
N ALA A 80 2.62 6.82 -2.55
CA ALA A 80 3.74 6.10 -3.16
C ALA A 80 4.81 7.05 -3.71
N GLU A 81 4.42 8.14 -4.38
CA GLU A 81 5.35 9.16 -4.87
C GLU A 81 6.10 9.84 -3.71
N THR A 82 5.44 10.17 -2.59
CA THR A 82 6.14 10.75 -1.42
C THR A 82 7.14 9.76 -0.81
N ILE A 83 6.76 8.51 -0.57
CA ILE A 83 7.68 7.52 0.03
C ILE A 83 8.85 7.17 -0.92
N VAL A 84 8.63 7.16 -2.24
CA VAL A 84 9.68 6.96 -3.26
C VAL A 84 10.63 8.15 -3.38
N ARG A 85 10.13 9.39 -3.32
CA ARG A 85 10.95 10.62 -3.46
C ARG A 85 11.61 11.10 -2.16
N LEU A 86 11.08 10.71 -1.00
CA LEU A 86 11.77 10.79 0.30
C LEU A 86 12.88 9.73 0.45
N ALA A 87 12.93 8.77 -0.48
CA ALA A 87 13.86 7.64 -0.61
C ALA A 87 13.82 6.59 0.53
N ALA A 88 13.61 6.99 1.79
CA ALA A 88 13.57 6.13 2.98
C ALA A 88 14.91 5.40 3.28
N PRO A 89 15.07 4.69 4.42
CA PRO A 89 16.36 4.14 4.87
C PRO A 89 16.96 2.99 4.03
N ALA A 90 16.24 2.47 3.03
CA ALA A 90 16.73 1.43 2.12
C ALA A 90 15.98 1.50 0.76
N PRO A 91 16.39 2.38 -0.18
CA PRO A 91 15.67 2.60 -1.44
C PRO A 91 15.47 1.30 -2.25
N SER A 92 14.21 0.92 -2.48
CA SER A 92 13.83 -0.41 -2.97
C SER A 92 12.75 -0.35 -4.08
N GLY A 93 12.56 -1.47 -4.78
CA GLY A 93 11.46 -1.63 -5.75
C GLY A 93 11.54 -2.92 -6.56
N ASP A 94 10.38 -3.45 -6.92
CA ASP A 94 10.24 -4.65 -7.75
C ASP A 94 10.65 -4.41 -9.21
N GLN A 95 10.96 -5.49 -9.93
CA GLN A 95 11.34 -5.49 -11.35
C GLN A 95 10.32 -6.21 -12.22
N ASP A 96 10.03 -5.70 -13.42
CA ASP A 96 9.01 -6.26 -14.32
C ASP A 96 9.39 -6.06 -15.80
N ASP A 97 9.25 -7.11 -16.59
CA ASP A 97 9.47 -7.11 -18.03
C ASP A 97 8.40 -6.30 -18.77
N ALA A 98 7.15 -6.33 -18.26
CA ALA A 98 5.93 -5.65 -18.73
C ALA A 98 5.47 -5.89 -20.19
N SER A 99 6.37 -6.37 -21.07
CA SER A 99 6.26 -6.42 -22.53
C SER A 99 6.02 -5.04 -23.20
N GLU A 100 6.37 -4.91 -24.47
CA GLU A 100 6.39 -3.63 -25.19
C GLU A 100 5.04 -2.90 -25.19
N TYR A 101 5.04 -1.59 -24.95
CA TYR A 101 3.91 -0.71 -25.30
C TYR A 101 4.13 -0.20 -26.72
N GLU A 102 3.16 -0.42 -27.60
CA GLU A 102 3.29 -0.23 -29.04
C GLU A 102 2.40 0.93 -29.52
N GLU A 103 3.00 2.06 -29.88
CA GLU A 103 2.33 3.16 -30.59
C GLU A 103 2.96 3.42 -31.97
N GLY A 104 4.30 3.41 -32.04
CA GLY A 104 5.08 3.60 -33.27
C GLY A 104 5.15 2.36 -34.16
N VAL A 105 3.97 1.88 -34.60
CA VAL A 105 3.81 0.64 -35.39
C VAL A 105 4.54 0.69 -36.75
N ILE A 106 5.02 -0.47 -37.20
CA ILE A 106 5.85 -0.65 -38.40
C ILE A 106 5.43 -1.92 -39.18
N ARG A 107 5.66 -1.96 -40.50
CA ARG A 107 5.08 -2.95 -41.45
C ARG A 107 6.09 -3.96 -41.99
N GLY A 7 -7.12 -13.77 -20.57
CA GLY A 7 -5.91 -14.22 -19.87
C GLY A 7 -5.07 -13.06 -19.39
N ALA A 8 -4.23 -13.31 -18.37
CA ALA A 8 -3.30 -12.33 -17.80
C ALA A 8 -2.12 -13.00 -17.08
N ALA A 9 -0.97 -12.33 -17.05
CA ALA A 9 0.14 -12.60 -16.13
C ALA A 9 -0.01 -11.77 -14.83
N ALA A 10 0.66 -12.18 -13.76
CA ALA A 10 0.56 -11.55 -12.44
C ALA A 10 1.90 -11.41 -11.69
N GLY A 11 2.92 -12.19 -12.06
CA GLY A 11 4.27 -12.10 -11.50
C GLY A 11 5.14 -11.04 -12.19
N VAL A 12 5.96 -10.33 -11.41
CA VAL A 12 6.81 -9.22 -11.85
C VAL A 12 8.26 -9.65 -12.04
N SER A 13 8.91 -9.13 -13.09
CA SER A 13 10.35 -9.23 -13.37
C SER A 13 10.85 -7.90 -13.95
N ALA A 14 10.91 -6.88 -13.10
CA ALA A 14 11.06 -5.45 -13.40
C ALA A 14 9.99 -4.85 -14.35
N ALA A 15 10.04 -3.54 -14.57
CA ALA A 15 9.19 -2.79 -15.51
C ALA A 15 7.65 -3.03 -15.39
N GLY A 16 7.13 -3.24 -14.18
CA GLY A 16 5.69 -3.30 -13.90
C GLY A 16 5.08 -1.91 -13.73
N ILE A 17 3.80 -1.73 -14.08
CA ILE A 17 3.13 -0.41 -14.12
C ILE A 17 2.23 -0.15 -12.91
N GLU A 18 2.10 1.14 -12.57
CA GLU A 18 1.66 1.68 -11.27
C GLU A 18 2.58 1.31 -10.08
N PRO A 19 2.65 2.15 -9.03
CA PRO A 19 3.51 1.88 -7.87
C PRO A 19 3.05 0.62 -7.11
N ASP A 20 4.03 -0.12 -6.59
CA ASP A 20 3.86 -1.47 -6.02
C ASP A 20 2.86 -1.50 -4.85
N LEU A 21 2.66 -0.36 -4.17
CA LEU A 21 1.62 -0.14 -3.16
C LEU A 21 0.25 -0.64 -3.65
N THR A 22 -0.11 -0.30 -4.90
CA THR A 22 -1.39 -0.72 -5.51
C THR A 22 -1.45 -2.23 -5.74
N ALA A 23 -0.38 -2.84 -6.26
CA ALA A 23 -0.29 -4.27 -6.55
C ALA A 23 -0.32 -5.13 -5.27
N ILE A 24 0.44 -4.71 -4.25
CA ILE A 24 0.48 -5.37 -2.95
C ILE A 24 -0.89 -5.27 -2.27
N TRP A 25 -1.52 -4.10 -2.25
CA TRP A 25 -2.83 -3.96 -1.59
C TRP A 25 -3.97 -4.66 -2.36
N GLN A 26 -3.98 -4.63 -3.70
CA GLN A 26 -5.00 -5.37 -4.48
C GLN A 26 -4.81 -6.89 -4.42
N ALA A 27 -3.59 -7.39 -4.20
CA ALA A 27 -3.36 -8.79 -3.87
C ALA A 27 -3.82 -9.17 -2.44
N LEU A 28 -3.47 -8.37 -1.42
CA LEU A 28 -3.76 -8.69 -0.01
C LEU A 28 -5.24 -8.53 0.35
N PHE A 29 -5.95 -7.64 -0.34
CA PHE A 29 -7.40 -7.47 -0.21
C PHE A 29 -8.19 -8.33 -1.23
N ALA A 30 -7.49 -9.12 -2.07
CA ALA A 30 -8.06 -10.12 -2.97
C ALA A 30 -9.23 -9.61 -3.84
N LEU A 31 -9.06 -8.44 -4.46
CA LEU A 31 -10.13 -7.71 -5.17
C LEU A 31 -9.74 -7.24 -6.58
N PRO A 32 -10.72 -6.81 -7.41
CA PRO A 32 -10.48 -6.27 -8.76
C PRO A 32 -9.82 -4.87 -8.76
N ALA A 33 -8.49 -4.87 -8.64
CA ALA A 33 -7.54 -3.75 -8.66
C ALA A 33 -7.72 -2.61 -7.62
N VAL A 34 -6.61 -1.98 -7.25
CA VAL A 34 -6.55 -0.70 -6.52
C VAL A 34 -6.28 0.44 -7.51
N GLY A 35 -7.13 1.47 -7.51
CA GLY A 35 -7.05 2.57 -8.49
C GLY A 35 -7.97 3.77 -8.25
N ARG A 36 -8.88 3.70 -7.26
CA ARG A 36 -9.75 4.83 -6.87
C ARG A 36 -8.94 5.98 -6.29
N HIS A 37 -9.39 7.23 -6.46
CA HIS A 37 -8.79 8.39 -5.77
C HIS A 37 -9.30 8.47 -4.31
N GLN A 38 -9.00 7.41 -3.54
CA GLN A 38 -9.57 7.10 -2.24
C GLN A 38 -8.46 6.98 -1.17
N ASP A 39 -8.72 7.53 0.01
CA ASP A 39 -7.74 7.70 1.09
C ASP A 39 -7.46 6.43 1.88
N PHE A 40 -6.20 6.24 2.29
CA PHE A 40 -5.69 5.09 3.07
C PHE A 40 -6.57 4.68 4.27
N PHE A 41 -7.15 5.65 4.99
CA PHE A 41 -8.05 5.41 6.13
C PHE A 41 -9.26 4.52 5.79
N ALA A 42 -9.79 4.63 4.57
CA ALA A 42 -10.93 3.87 4.07
C ALA A 42 -10.55 2.84 2.99
N LEU A 43 -9.47 3.09 2.23
CA LEU A 43 -8.96 2.20 1.18
C LEU A 43 -8.60 0.80 1.71
N GLY A 44 -8.18 0.73 2.98
CA GLY A 44 -7.84 -0.52 3.66
C GLY A 44 -9.04 -1.33 4.15
N GLY A 45 -10.28 -0.83 4.02
CA GLY A 45 -11.52 -1.47 4.45
C GLY A 45 -11.74 -1.51 5.98
N ASP A 46 -10.73 -1.96 6.72
CA ASP A 46 -10.73 -2.22 8.16
C ASP A 46 -9.35 -1.88 8.75
N SER A 47 -9.25 -1.21 9.89
CA SER A 47 -7.97 -0.67 10.40
C SER A 47 -6.92 -1.73 10.75
N GLN A 48 -7.32 -2.92 11.18
CA GLN A 48 -6.41 -4.06 11.36
C GLN A 48 -5.96 -4.67 10.03
N LEU A 49 -6.81 -4.65 9.00
CA LEU A 49 -6.46 -5.06 7.64
C LEU A 49 -5.50 -4.02 7.01
N GLY A 50 -5.72 -2.73 7.25
CA GLY A 50 -4.79 -1.66 6.86
C GLY A 50 -3.41 -1.82 7.53
N LEU A 51 -3.36 -2.12 8.83
CA LEU A 51 -2.12 -2.45 9.54
C LEU A 51 -1.40 -3.70 9.00
N ARG A 52 -2.15 -4.74 8.63
CA ARG A 52 -1.63 -5.97 7.98
C ARG A 52 -1.03 -5.64 6.60
N MET A 53 -1.74 -4.86 5.80
CA MET A 53 -1.30 -4.47 4.46
C MET A 53 -0.14 -3.44 4.48
N LEU A 54 -0.04 -2.59 5.51
CA LEU A 54 1.16 -1.80 5.80
C LEU A 54 2.35 -2.69 6.17
N ALA A 55 2.21 -3.67 7.07
CA ALA A 55 3.33 -4.53 7.44
C ALA A 55 3.85 -5.36 6.25
N GLN A 56 2.95 -5.97 5.47
CA GLN A 56 3.30 -6.69 4.24
C GLN A 56 3.96 -5.77 3.20
N LEU A 57 3.40 -4.59 2.91
CA LEU A 57 4.02 -3.58 2.06
C LEU A 57 5.43 -3.20 2.54
N ARG A 58 5.57 -2.92 3.85
CA ARG A 58 6.82 -2.50 4.45
C ARG A 58 7.91 -3.51 4.23
N GLU A 59 7.61 -4.78 4.51
CA GLU A 59 8.59 -5.84 4.38
C GLU A 59 8.94 -6.14 2.90
N ARG A 60 7.94 -6.07 2.00
CA ARG A 60 8.08 -6.28 0.54
C ARG A 60 8.86 -5.20 -0.19
N HIS A 61 8.77 -3.95 0.27
CA HIS A 61 9.21 -2.77 -0.47
C HIS A 61 10.35 -2.00 0.24
N GLY A 62 10.60 -2.28 1.52
CA GLY A 62 11.64 -1.63 2.33
C GLY A 62 11.24 -0.21 2.78
N VAL A 63 9.96 0.03 3.03
CA VAL A 63 9.37 1.37 3.16
C VAL A 63 8.35 1.43 4.30
N ASP A 64 8.66 2.22 5.33
CA ASP A 64 7.79 2.56 6.46
C ASP A 64 6.93 3.80 6.11
N LEU A 65 5.66 3.86 6.54
CA LEU A 65 4.77 5.00 6.27
C LEU A 65 4.70 5.98 7.46
N PRO A 66 5.37 7.14 7.44
CA PRO A 66 5.20 8.17 8.46
C PRO A 66 3.81 8.80 8.41
N LEU A 67 3.19 9.04 9.58
CA LEU A 67 1.90 9.73 9.67
C LEU A 67 1.93 11.18 9.13
N ARG A 68 3.10 11.81 9.04
CA ARG A 68 3.27 13.06 8.28
C ARG A 68 2.94 12.88 6.78
N CYS A 69 3.58 11.93 6.09
CA CYS A 69 3.23 11.63 4.67
C CYS A 69 1.79 11.13 4.52
N LEU A 70 1.29 10.36 5.49
CA LEU A 70 -0.09 9.88 5.53
C LEU A 70 -1.07 11.05 5.63
N TYR A 71 -0.74 12.10 6.39
CA TYR A 71 -1.56 13.30 6.54
C TYR A 71 -1.52 14.24 5.32
N GLU A 72 -0.35 14.44 4.70
CA GLU A 72 -0.20 15.36 3.56
C GLU A 72 -0.42 14.71 2.18
N ALA A 73 -0.33 13.38 2.07
CA ALA A 73 -0.54 12.58 0.86
C ALA A 73 -1.28 11.24 1.11
N PRO A 74 -2.52 11.23 1.66
CA PRO A 74 -3.27 10.01 2.01
C PRO A 74 -3.70 9.09 0.84
N THR A 75 -3.52 9.51 -0.41
CA THR A 75 -3.77 8.70 -1.63
C THR A 75 -2.48 8.00 -2.07
N VAL A 76 -2.49 6.67 -2.24
CA VAL A 76 -1.27 5.84 -2.28
C VAL A 76 -0.31 6.15 -3.43
N ALA A 77 -0.77 6.66 -4.57
CA ALA A 77 0.10 7.10 -5.66
C ALA A 77 0.94 8.33 -5.27
N ARG A 78 0.30 9.29 -4.56
CA ARG A 78 0.92 10.52 -4.03
C ARG A 78 1.91 10.19 -2.91
N LEU A 79 1.53 9.25 -2.05
CA LEU A 79 2.39 8.72 -0.99
C LEU A 79 3.62 8.03 -1.57
N ALA A 80 3.43 7.11 -2.52
CA ALA A 80 4.51 6.41 -3.19
C ALA A 80 5.47 7.41 -3.86
N GLU A 81 4.94 8.44 -4.53
CA GLU A 81 5.77 9.44 -5.21
C GLU A 81 6.61 10.26 -4.22
N THR A 82 5.98 10.78 -3.17
CA THR A 82 6.65 11.61 -2.17
C THR A 82 7.62 10.83 -1.29
N ILE A 83 7.38 9.54 -1.01
CA ILE A 83 8.33 8.69 -0.27
C ILE A 83 9.48 8.20 -1.14
N VAL A 84 9.29 7.97 -2.45
CA VAL A 84 10.40 7.78 -3.39
C VAL A 84 11.23 9.07 -3.56
N ARG A 85 10.61 10.25 -3.49
CA ARG A 85 11.31 11.56 -3.51
C ARG A 85 12.09 11.86 -2.22
N LEU A 86 11.47 11.67 -1.06
CA LEU A 86 11.89 12.25 0.23
C LEU A 86 12.43 11.24 1.25
N ALA A 87 12.18 9.93 1.05
CA ALA A 87 12.70 8.83 1.88
C ALA A 87 12.49 9.02 3.40
N ALA A 88 11.28 9.43 3.79
CA ALA A 88 11.01 9.98 5.12
C ALA A 88 10.98 8.91 6.26
N PRO A 89 11.57 9.20 7.43
CA PRO A 89 11.49 8.35 8.61
C PRO A 89 10.24 8.64 9.47
N ALA A 90 9.80 7.62 10.22
CA ALA A 90 8.50 7.57 10.91
C ALA A 90 8.61 7.48 12.44
N PRO A 91 8.44 8.58 13.22
CA PRO A 91 8.48 8.57 14.68
C PRO A 91 7.26 7.97 15.39
N SER A 92 6.16 7.67 14.67
CA SER A 92 4.88 7.27 15.29
C SER A 92 4.98 6.01 16.16
N GLY A 93 5.71 5.00 15.69
CA GLY A 93 5.96 3.72 16.35
C GLY A 93 4.93 2.65 15.98
N ASP A 94 5.43 1.50 15.50
CA ASP A 94 4.61 0.48 14.83
C ASP A 94 3.58 -0.19 15.75
N GLN A 95 2.46 -0.62 15.17
CA GLN A 95 1.34 -1.24 15.88
C GLN A 95 1.24 -2.73 15.57
N ASP A 96 1.26 -3.57 16.60
CA ASP A 96 1.04 -5.02 16.48
C ASP A 96 0.65 -5.64 17.84
N ASP A 97 -0.56 -6.19 17.91
CA ASP A 97 -1.10 -6.92 19.08
C ASP A 97 -1.27 -8.43 18.83
N ALA A 98 -1.10 -8.91 17.58
CA ALA A 98 -1.40 -10.26 17.09
C ALA A 98 -2.82 -10.82 17.35
N SER A 99 -3.67 -10.11 18.12
CA SER A 99 -4.92 -10.60 18.72
C SER A 99 -4.77 -11.93 19.48
N GLU A 100 -5.89 -12.44 20.01
CA GLU A 100 -6.01 -13.77 20.61
C GLU A 100 -7.41 -14.33 20.32
N TYR A 101 -7.52 -15.26 19.37
CA TYR A 101 -8.80 -15.74 18.80
C TYR A 101 -9.17 -17.18 19.19
N GLU A 102 -8.22 -17.92 19.80
CA GLU A 102 -8.29 -19.35 20.09
C GLU A 102 -8.40 -20.24 18.83
N GLU A 103 -7.98 -21.50 18.93
CA GLU A 103 -7.83 -22.44 17.80
C GLU A 103 -8.73 -23.70 17.94
N GLY A 104 -9.50 -23.80 19.02
CA GLY A 104 -10.30 -24.99 19.39
C GLY A 104 -9.48 -26.13 19.99
N VAL A 105 -8.21 -25.88 20.32
CA VAL A 105 -7.26 -26.83 20.95
C VAL A 105 -7.59 -26.96 22.44
N ILE A 106 -7.53 -28.17 23.01
CA ILE A 106 -8.03 -28.43 24.37
C ILE A 106 -7.08 -28.00 25.51
N ARG A 107 -5.86 -27.54 25.18
CA ARG A 107 -4.74 -27.32 26.11
C ARG A 107 -4.31 -25.87 26.25
N GLY A 7 -11.69 -25.16 -18.88
CA GLY A 7 -12.62 -24.36 -19.70
C GLY A 7 -11.87 -23.62 -20.79
N ALA A 8 -12.38 -22.46 -21.22
CA ALA A 8 -11.86 -21.73 -22.38
C ALA A 8 -11.47 -20.27 -22.10
N ALA A 9 -11.95 -19.64 -21.02
CA ALA A 9 -11.73 -18.23 -20.73
C ALA A 9 -10.67 -17.99 -19.62
N ALA A 10 -9.72 -17.08 -19.88
CA ALA A 10 -8.72 -16.57 -18.93
C ALA A 10 -8.07 -15.27 -19.45
N GLY A 11 -7.68 -14.34 -18.56
CA GLY A 11 -6.95 -13.13 -18.94
C GLY A 11 -6.74 -12.12 -17.81
N VAL A 12 -5.94 -11.07 -18.08
CA VAL A 12 -5.55 -10.04 -17.12
C VAL A 12 -5.55 -8.63 -17.71
N SER A 13 -5.89 -7.62 -16.89
CA SER A 13 -6.07 -6.22 -17.29
C SER A 13 -4.80 -5.36 -17.23
N ALA A 14 -4.87 -4.15 -17.78
CA ALA A 14 -3.79 -3.15 -17.74
C ALA A 14 -3.91 -2.25 -16.50
N ALA A 15 -2.81 -2.07 -15.75
CA ALA A 15 -2.82 -1.42 -14.42
C ALA A 15 -1.54 -0.58 -14.10
N GLY A 16 -0.73 -0.23 -15.11
CA GLY A 16 0.59 0.41 -14.96
C GLY A 16 0.60 1.92 -14.75
N ILE A 17 -0.56 2.56 -14.87
CA ILE A 17 -0.77 3.99 -14.60
C ILE A 17 -0.55 4.40 -13.13
N GLU A 18 -0.42 3.44 -12.21
CA GLU A 18 -0.11 3.64 -10.79
C GLU A 18 1.02 2.70 -10.31
N PRO A 19 1.80 3.10 -9.27
CA PRO A 19 2.94 2.34 -8.78
C PRO A 19 2.57 1.00 -8.14
N ASP A 20 3.54 0.11 -8.02
CA ASP A 20 3.40 -1.27 -7.52
C ASP A 20 2.82 -1.39 -6.09
N LEU A 21 2.88 -0.33 -5.28
CA LEU A 21 2.15 -0.28 -4.01
C LEU A 21 0.63 -0.56 -4.21
N THR A 22 0.07 -0.20 -5.37
CA THR A 22 -1.34 -0.49 -5.70
C THR A 22 -1.58 -1.97 -6.02
N ALA A 23 -0.61 -2.64 -6.64
CA ALA A 23 -0.63 -4.08 -6.90
C ALA A 23 -0.42 -4.89 -5.61
N ILE A 24 0.47 -4.44 -4.72
CA ILE A 24 0.63 -5.00 -3.37
C ILE A 24 -0.70 -4.90 -2.63
N TRP A 25 -1.35 -3.73 -2.66
CA TRP A 25 -2.58 -3.51 -1.89
C TRP A 25 -3.75 -4.30 -2.49
N GLN A 26 -3.95 -4.34 -3.81
CA GLN A 26 -5.06 -5.12 -4.38
C GLN A 26 -4.82 -6.63 -4.24
N ALA A 27 -3.56 -7.11 -4.17
CA ALA A 27 -3.27 -8.52 -3.91
C ALA A 27 -3.51 -8.92 -2.43
N LEU A 28 -3.10 -8.08 -1.48
CA LEU A 28 -3.29 -8.32 -0.04
C LEU A 28 -4.76 -8.14 0.38
N PHE A 29 -5.47 -7.17 -0.20
CA PHE A 29 -6.88 -6.90 0.06
C PHE A 29 -7.83 -7.87 -0.68
N ALA A 30 -7.32 -8.62 -1.67
CA ALA A 30 -8.06 -9.59 -2.49
C ALA A 30 -9.32 -8.99 -3.18
N LEU A 31 -9.10 -8.00 -4.04
CA LEU A 31 -10.10 -7.45 -4.97
C LEU A 31 -9.55 -7.33 -6.40
N PRO A 32 -10.39 -7.19 -7.45
CA PRO A 32 -9.90 -7.20 -8.83
C PRO A 32 -9.01 -5.99 -9.18
N ALA A 33 -9.42 -4.80 -8.76
CA ALA A 33 -8.70 -3.53 -8.93
C ALA A 33 -9.00 -2.56 -7.77
N VAL A 34 -8.00 -1.79 -7.31
CA VAL A 34 -8.12 -0.81 -6.22
C VAL A 34 -8.57 0.56 -6.74
N GLY A 35 -9.36 1.29 -5.95
CA GLY A 35 -9.95 2.58 -6.34
C GLY A 35 -8.94 3.73 -6.23
N ARG A 36 -8.77 4.52 -7.29
CA ARG A 36 -7.79 5.63 -7.32
C ARG A 36 -8.38 7.02 -7.17
N HIS A 37 -7.51 8.00 -6.93
CA HIS A 37 -7.81 9.33 -6.37
C HIS A 37 -8.49 9.26 -4.99
N GLN A 38 -8.27 8.17 -4.25
CA GLN A 38 -8.95 7.80 -3.01
C GLN A 38 -7.97 7.40 -1.91
N ASP A 39 -8.35 7.63 -0.65
CA ASP A 39 -7.47 7.66 0.51
C ASP A 39 -7.11 6.27 1.05
N PHE A 40 -5.91 6.09 1.62
CA PHE A 40 -5.59 4.92 2.45
C PHE A 40 -6.57 4.74 3.63
N PHE A 41 -7.16 5.82 4.15
CA PHE A 41 -8.24 5.82 5.13
C PHE A 41 -9.50 5.06 4.66
N ALA A 42 -9.80 5.06 3.35
CA ALA A 42 -10.89 4.30 2.75
C ALA A 42 -10.42 2.92 2.24
N LEU A 43 -9.27 2.88 1.56
CA LEU A 43 -8.72 1.68 0.89
C LEU A 43 -8.24 0.59 1.84
N GLY A 44 -7.94 0.92 3.11
CA GLY A 44 -7.50 -0.07 4.11
C GLY A 44 -8.62 -1.00 4.60
N GLY A 45 -9.87 -0.56 4.56
CA GLY A 45 -11.06 -1.31 4.99
C GLY A 45 -11.20 -1.46 6.51
N ASP A 46 -10.17 -1.98 7.18
CA ASP A 46 -10.10 -2.15 8.65
C ASP A 46 -8.69 -1.82 9.14
N SER A 47 -8.52 -1.26 10.34
CA SER A 47 -7.18 -0.85 10.81
C SER A 47 -6.19 -2.01 10.92
N GLN A 48 -6.63 -3.23 11.24
CA GLN A 48 -5.75 -4.41 11.26
C GLN A 48 -5.40 -4.90 9.84
N LEU A 49 -6.31 -4.76 8.88
CA LEU A 49 -6.04 -5.01 7.47
C LEU A 49 -5.04 -3.97 6.94
N GLY A 50 -5.23 -2.68 7.26
CA GLY A 50 -4.29 -1.60 6.97
C GLY A 50 -2.91 -1.81 7.61
N LEU A 51 -2.85 -2.26 8.87
CA LEU A 51 -1.59 -2.50 9.60
C LEU A 51 -0.84 -3.74 9.12
N ARG A 52 -1.53 -4.85 8.76
CA ARG A 52 -0.87 -5.97 8.06
C ARG A 52 -0.48 -5.60 6.64
N MET A 53 -1.26 -4.76 5.96
CA MET A 53 -0.95 -4.29 4.61
C MET A 53 0.29 -3.38 4.61
N LEU A 54 0.51 -2.59 5.66
CA LEU A 54 1.81 -1.96 5.93
C LEU A 54 2.87 -3.01 6.25
N ALA A 55 2.66 -3.89 7.22
CA ALA A 55 3.69 -4.84 7.66
C ALA A 55 4.20 -5.74 6.51
N GLN A 56 3.30 -6.16 5.62
CA GLN A 56 3.61 -6.89 4.39
C GLN A 56 4.20 -5.98 3.29
N LEU A 57 3.71 -4.76 3.07
CA LEU A 57 4.40 -3.76 2.20
C LEU A 57 5.83 -3.50 2.69
N ARG A 58 6.07 -3.52 4.00
CA ARG A 58 7.38 -3.30 4.61
C ARG A 58 8.29 -4.52 4.46
N GLU A 59 7.78 -5.73 4.71
CA GLU A 59 8.51 -6.97 4.42
C GLU A 59 8.84 -7.11 2.92
N ARG A 60 7.93 -6.65 2.03
CA ARG A 60 8.13 -6.60 0.58
C ARG A 60 9.13 -5.54 0.14
N HIS A 61 9.02 -4.31 0.63
CA HIS A 61 9.54 -3.12 -0.07
C HIS A 61 10.41 -2.20 0.81
N GLY A 62 10.49 -2.46 2.11
CA GLY A 62 11.26 -1.66 3.09
C GLY A 62 10.59 -0.35 3.53
N VAL A 63 9.30 -0.18 3.21
CA VAL A 63 8.56 1.08 3.39
C VAL A 63 7.94 1.17 4.79
N ASP A 64 8.29 2.21 5.54
CA ASP A 64 7.48 2.74 6.64
C ASP A 64 6.50 3.80 6.08
N LEU A 65 5.32 3.97 6.69
CA LEU A 65 4.32 4.98 6.29
C LEU A 65 4.02 5.97 7.44
N PRO A 66 4.66 7.15 7.48
CA PRO A 66 4.44 8.11 8.57
C PRO A 66 3.09 8.82 8.52
N LEU A 67 2.56 9.19 9.69
CA LEU A 67 1.30 9.94 9.83
C LEU A 67 1.32 11.32 9.15
N ARG A 68 2.49 11.97 9.05
CA ARG A 68 2.67 13.24 8.30
C ARG A 68 2.48 13.05 6.80
N CYS A 69 3.15 12.04 6.22
CA CYS A 69 2.94 11.61 4.83
C CYS A 69 1.45 11.29 4.57
N LEU A 70 0.83 10.55 5.47
CA LEU A 70 -0.59 10.19 5.41
C LEU A 70 -1.54 11.39 5.55
N TYR A 71 -1.17 12.43 6.30
CA TYR A 71 -1.93 13.67 6.36
C TYR A 71 -1.83 14.45 5.04
N GLU A 72 -0.62 14.56 4.46
CA GLU A 72 -0.37 15.45 3.32
C GLU A 72 -0.72 14.81 1.96
N ALA A 73 -0.51 13.50 1.80
CA ALA A 73 -0.68 12.77 0.54
C ALA A 73 -1.34 11.38 0.74
N PRO A 74 -2.59 11.29 1.25
CA PRO A 74 -3.26 10.01 1.52
C PRO A 74 -3.62 9.15 0.28
N THR A 75 -3.51 9.66 -0.95
CA THR A 75 -3.82 8.90 -2.19
C THR A 75 -2.59 8.13 -2.69
N VAL A 76 -2.75 6.86 -3.08
CA VAL A 76 -1.65 5.86 -3.07
C VAL A 76 -0.46 6.19 -3.98
N ALA A 77 -0.69 6.74 -5.18
CA ALA A 77 0.39 7.12 -6.10
C ALA A 77 1.19 8.33 -5.59
N ARG A 78 0.52 9.23 -4.87
CA ARG A 78 1.04 10.48 -4.34
C ARG A 78 1.74 10.26 -3.00
N LEU A 79 1.17 9.41 -2.15
CA LEU A 79 1.81 8.75 -1.01
C LEU A 79 3.12 8.09 -1.45
N ALA A 80 3.08 7.17 -2.41
CA ALA A 80 4.27 6.52 -2.97
C ALA A 80 5.29 7.54 -3.49
N GLU A 81 4.85 8.60 -4.18
CA GLU A 81 5.76 9.64 -4.67
C GLU A 81 6.50 10.37 -3.53
N THR A 82 5.80 10.77 -2.47
CA THR A 82 6.40 11.40 -1.27
C THR A 82 7.33 10.44 -0.52
N ILE A 83 6.91 9.18 -0.34
CA ILE A 83 7.68 8.12 0.34
C ILE A 83 9.01 7.84 -0.36
N VAL A 84 9.01 7.77 -1.70
CA VAL A 84 10.22 7.57 -2.50
C VAL A 84 11.07 8.84 -2.56
N ARG A 85 10.46 10.02 -2.69
CA ARG A 85 11.18 11.31 -2.76
C ARG A 85 11.95 11.58 -1.47
N LEU A 86 11.29 11.47 -0.30
CA LEU A 86 11.88 11.77 1.01
C LEU A 86 12.60 10.56 1.65
N ALA A 87 12.70 9.43 0.92
CA ALA A 87 13.29 8.17 1.40
C ALA A 87 14.68 8.33 2.05
N ALA A 88 14.94 7.50 3.07
CA ALA A 88 16.20 7.44 3.78
C ALA A 88 17.30 6.68 2.99
N PRO A 89 18.60 6.93 3.26
CA PRO A 89 19.75 6.23 2.66
C PRO A 89 19.66 4.69 2.62
N ALA A 90 19.99 4.13 1.46
CA ALA A 90 20.08 2.70 1.13
C ALA A 90 18.78 1.88 1.43
N PRO A 91 17.74 1.98 0.58
CA PRO A 91 16.52 1.17 0.64
C PRO A 91 16.78 -0.34 0.52
N SER A 92 15.99 -1.17 1.21
CA SER A 92 16.16 -2.64 1.23
C SER A 92 14.83 -3.39 1.39
N GLY A 93 14.63 -4.47 0.62
CA GLY A 93 13.37 -5.19 0.53
C GLY A 93 13.50 -6.53 -0.19
N ASP A 94 12.37 -7.14 -0.52
CA ASP A 94 12.24 -8.46 -1.15
C ASP A 94 11.64 -8.44 -2.57
N GLN A 95 10.89 -7.39 -2.92
CA GLN A 95 10.32 -7.13 -4.24
C GLN A 95 10.28 -5.63 -4.50
N ASP A 96 10.78 -5.19 -5.65
CA ASP A 96 10.91 -3.77 -6.02
C ASP A 96 10.57 -3.59 -7.50
N ASP A 97 9.82 -2.55 -7.86
CA ASP A 97 9.35 -2.27 -9.23
C ASP A 97 8.50 -3.42 -9.81
N ALA A 98 7.87 -4.18 -8.89
CA ALA A 98 7.36 -5.54 -9.11
C ALA A 98 6.02 -5.63 -9.88
N SER A 99 5.65 -4.55 -10.58
CA SER A 99 4.48 -4.45 -11.46
C SER A 99 4.74 -3.49 -12.62
N GLU A 100 3.94 -3.61 -13.67
CA GLU A 100 3.99 -2.84 -14.93
C GLU A 100 3.96 -1.31 -14.78
N TYR A 101 4.41 -0.61 -15.83
CA TYR A 101 4.50 0.85 -15.94
C TYR A 101 4.22 1.32 -17.37
N GLU A 102 3.68 2.54 -17.53
CA GLU A 102 3.62 3.27 -18.80
C GLU A 102 3.87 4.78 -18.58
N GLU A 103 4.48 5.46 -19.55
CA GLU A 103 4.77 6.90 -19.48
C GLU A 103 3.53 7.72 -19.86
N GLY A 104 2.83 7.34 -20.94
CA GLY A 104 1.63 8.02 -21.46
C GLY A 104 1.89 9.33 -22.23
N VAL A 105 3.15 9.59 -22.61
CA VAL A 105 3.63 10.85 -23.23
C VAL A 105 3.14 12.08 -22.45
N ILE A 106 3.29 12.01 -21.12
CA ILE A 106 2.61 12.88 -20.14
C ILE A 106 3.15 14.32 -20.16
N ARG A 107 2.26 15.31 -20.01
CA ARG A 107 2.56 16.75 -19.97
C ARG A 107 1.87 17.43 -18.80
N GLY A 7 -23.29 -12.98 -15.49
CA GLY A 7 -22.07 -13.50 -14.86
C GLY A 7 -20.86 -12.70 -15.30
N ALA A 8 -19.65 -13.27 -15.16
CA ALA A 8 -18.39 -12.61 -15.54
C ALA A 8 -17.35 -13.59 -16.14
N ALA A 9 -16.51 -13.10 -17.04
CA ALA A 9 -15.39 -13.82 -17.65
C ALA A 9 -14.03 -13.32 -17.14
N ALA A 10 -13.19 -14.24 -16.66
CA ALA A 10 -11.94 -13.97 -15.94
C ALA A 10 -10.88 -13.22 -16.78
N GLY A 11 -10.15 -12.29 -16.15
CA GLY A 11 -9.06 -11.55 -16.79
C GLY A 11 -8.33 -10.55 -15.89
N VAL A 12 -7.40 -9.77 -16.50
CA VAL A 12 -6.58 -8.69 -15.92
C VAL A 12 -5.55 -9.17 -14.88
N SER A 13 -4.30 -8.73 -15.03
CA SER A 13 -3.19 -9.03 -14.10
C SER A 13 -2.91 -7.87 -13.13
N ALA A 14 -2.29 -8.16 -11.98
CA ALA A 14 -2.12 -7.20 -10.89
C ALA A 14 -1.09 -6.07 -11.15
N ALA A 15 -0.13 -6.24 -12.08
CA ALA A 15 0.77 -5.15 -12.47
C ALA A 15 0.18 -4.29 -13.61
N GLY A 16 0.57 -3.01 -13.66
CA GLY A 16 0.06 -2.03 -14.62
C GLY A 16 1.08 -0.92 -14.91
N ILE A 17 0.62 0.33 -15.02
CA ILE A 17 1.51 1.51 -15.11
C ILE A 17 1.69 2.23 -13.78
N GLU A 18 0.77 2.02 -12.83
CA GLU A 18 0.83 2.52 -11.45
C GLU A 18 1.95 1.82 -10.64
N PRO A 19 2.50 2.43 -9.57
CA PRO A 19 3.56 1.81 -8.75
C PRO A 19 3.10 0.50 -8.09
N ASP A 20 4.03 -0.44 -7.86
CA ASP A 20 3.75 -1.80 -7.34
C ASP A 20 3.11 -1.82 -5.93
N LEU A 21 3.22 -0.71 -5.19
CA LEU A 21 2.40 -0.42 -4.01
C LEU A 21 0.90 -0.70 -4.27
N THR A 22 0.38 -0.41 -5.47
CA THR A 22 -1.04 -0.65 -5.78
C THR A 22 -1.35 -2.14 -5.97
N ALA A 23 -0.42 -2.92 -6.53
CA ALA A 23 -0.55 -4.37 -6.67
C ALA A 23 -0.53 -5.05 -5.29
N ILE A 24 0.35 -4.60 -4.39
CA ILE A 24 0.38 -5.04 -2.98
C ILE A 24 -0.93 -4.65 -2.26
N TRP A 25 -1.48 -3.46 -2.52
CA TRP A 25 -2.69 -3.00 -1.83
C TRP A 25 -3.94 -3.71 -2.36
N GLN A 26 -4.10 -3.94 -3.66
CA GLN A 26 -5.20 -4.79 -4.16
C GLN A 26 -5.06 -6.26 -3.73
N ALA A 27 -3.84 -6.77 -3.54
CA ALA A 27 -3.62 -8.12 -3.00
C ALA A 27 -4.09 -8.24 -1.53
N LEU A 28 -3.67 -7.30 -0.67
CA LEU A 28 -3.96 -7.31 0.76
C LEU A 28 -5.42 -6.93 1.06
N PHE A 29 -5.94 -5.89 0.42
CA PHE A 29 -7.32 -5.44 0.60
C PHE A 29 -8.33 -6.33 -0.15
N ALA A 30 -7.86 -7.38 -0.85
CA ALA A 30 -8.66 -8.29 -1.67
C ALA A 30 -9.56 -7.60 -2.73
N LEU A 31 -9.19 -6.38 -3.15
CA LEU A 31 -9.90 -5.59 -4.15
C LEU A 31 -9.62 -6.09 -5.58
N PRO A 32 -10.53 -5.84 -6.54
CA PRO A 32 -10.28 -6.12 -7.96
C PRO A 32 -9.29 -5.12 -8.59
N ALA A 33 -9.18 -3.91 -8.03
CA ALA A 33 -8.32 -2.80 -8.45
C ALA A 33 -8.00 -1.85 -7.28
N VAL A 34 -6.88 -1.14 -7.35
CA VAL A 34 -6.50 -0.01 -6.48
C VAL A 34 -5.79 1.05 -7.32
N GLY A 35 -6.28 2.30 -7.33
CA GLY A 35 -5.62 3.37 -8.06
C GLY A 35 -6.38 4.70 -8.08
N ARG A 36 -6.41 5.33 -9.26
CA ARG A 36 -7.04 6.62 -9.56
C ARG A 36 -6.75 7.66 -8.45
N HIS A 37 -7.77 8.34 -7.94
CA HIS A 37 -7.69 9.26 -6.80
C HIS A 37 -8.39 8.71 -5.55
N GLN A 38 -8.34 7.39 -5.33
CA GLN A 38 -8.89 6.76 -4.13
C GLN A 38 -7.90 6.78 -2.95
N ASP A 39 -8.44 6.98 -1.74
CA ASP A 39 -7.73 7.31 -0.52
C ASP A 39 -7.76 6.19 0.54
N PHE A 40 -6.69 6.09 1.33
CA PHE A 40 -6.50 5.05 2.34
C PHE A 40 -7.62 4.98 3.42
N PHE A 41 -8.29 6.09 3.75
CA PHE A 41 -9.43 6.11 4.67
C PHE A 41 -10.61 5.25 4.18
N ALA A 42 -10.73 5.03 2.86
CA ALA A 42 -11.67 4.10 2.24
C ALA A 42 -10.99 2.79 1.80
N LEU A 43 -9.89 2.87 1.05
CA LEU A 43 -9.20 1.71 0.46
C LEU A 43 -8.76 0.69 1.52
N GLY A 44 -8.27 1.18 2.67
CA GLY A 44 -7.66 0.33 3.68
C GLY A 44 -8.66 -0.64 4.36
N GLY A 45 -9.94 -0.27 4.44
CA GLY A 45 -11.07 -1.10 4.86
C GLY A 45 -11.14 -1.49 6.35
N ASP A 46 -10.00 -1.83 6.97
CA ASP A 46 -9.91 -2.30 8.35
C ASP A 46 -8.56 -1.97 9.03
N SER A 47 -8.56 -1.58 10.31
CA SER A 47 -7.33 -1.34 11.08
C SER A 47 -6.44 -2.58 11.23
N GLN A 48 -6.99 -3.79 11.29
CA GLN A 48 -6.16 -5.01 11.28
C GLN A 48 -5.40 -5.16 9.94
N LEU A 49 -6.06 -4.80 8.84
CA LEU A 49 -5.45 -4.74 7.51
C LEU A 49 -4.49 -3.54 7.36
N GLY A 50 -4.67 -2.47 8.13
CA GLY A 50 -3.76 -1.32 8.19
C GLY A 50 -2.41 -1.69 8.82
N LEU A 51 -2.45 -2.33 10.00
CA LEU A 51 -1.25 -2.91 10.63
C LEU A 51 -0.60 -3.98 9.72
N ARG A 52 -1.43 -4.86 9.12
CA ARG A 52 -0.96 -5.87 8.16
C ARG A 52 -0.26 -5.26 6.96
N MET A 53 -0.84 -4.24 6.31
CA MET A 53 -0.27 -3.63 5.11
C MET A 53 0.99 -2.82 5.42
N LEU A 54 1.09 -2.16 6.58
CA LEU A 54 2.35 -1.52 6.98
C LEU A 54 3.45 -2.58 7.18
N ALA A 55 3.18 -3.63 7.95
CA ALA A 55 4.19 -4.68 8.19
C ALA A 55 4.57 -5.46 6.91
N GLN A 56 3.60 -5.84 6.07
CA GLN A 56 3.86 -6.56 4.83
C GLN A 56 4.50 -5.67 3.76
N LEU A 57 4.13 -4.41 3.61
CA LEU A 57 4.83 -3.50 2.70
C LEU A 57 6.29 -3.30 3.16
N ARG A 58 6.53 -3.16 4.47
CA ARG A 58 7.89 -3.07 5.01
C ARG A 58 8.72 -4.34 4.78
N GLU A 59 8.13 -5.52 4.95
CA GLU A 59 8.82 -6.80 4.71
C GLU A 59 9.05 -7.08 3.21
N ARG A 60 8.02 -6.94 2.36
CA ARG A 60 8.08 -7.26 0.92
C ARG A 60 8.85 -6.22 0.09
N HIS A 61 8.69 -4.93 0.40
CA HIS A 61 9.17 -3.80 -0.42
C HIS A 61 10.30 -2.99 0.28
N GLY A 62 10.55 -3.18 1.57
CA GLY A 62 11.67 -2.54 2.28
C GLY A 62 11.50 -1.04 2.52
N VAL A 63 10.26 -0.58 2.72
CA VAL A 63 9.90 0.86 2.81
C VAL A 63 9.04 1.14 4.04
N ASP A 64 8.97 2.42 4.41
CA ASP A 64 8.42 2.87 5.68
C ASP A 64 7.52 4.10 5.48
N LEU A 65 6.30 4.05 6.02
CA LEU A 65 5.23 5.01 5.79
C LEU A 65 4.91 5.80 7.08
N PRO A 66 5.32 7.07 7.19
CA PRO A 66 4.96 7.92 8.31
C PRO A 66 3.47 8.28 8.30
N LEU A 67 2.86 8.32 9.49
CA LEU A 67 1.47 8.74 9.66
C LEU A 67 1.25 10.20 9.23
N ARG A 68 2.27 11.08 9.26
CA ARG A 68 2.18 12.43 8.68
C ARG A 68 2.08 12.44 7.14
N CYS A 69 2.75 11.52 6.45
CA CYS A 69 2.59 11.28 5.01
C CYS A 69 1.17 10.78 4.73
N LEU A 70 0.71 9.79 5.50
CA LEU A 70 -0.64 9.21 5.41
C LEU A 70 -1.76 10.22 5.73
N TYR A 71 -1.46 11.20 6.58
CA TYR A 71 -2.33 12.32 6.94
C TYR A 71 -2.40 13.37 5.83
N GLU A 72 -1.29 13.73 5.18
CA GLU A 72 -1.33 14.75 4.11
C GLU A 72 -1.75 14.20 2.73
N ALA A 73 -1.36 12.96 2.43
CA ALA A 73 -1.46 12.33 1.12
C ALA A 73 -1.93 10.86 1.24
N PRO A 74 -3.18 10.59 1.66
CA PRO A 74 -3.72 9.22 1.76
C PRO A 74 -4.00 8.57 0.40
N THR A 75 -3.91 9.31 -0.71
CA THR A 75 -4.11 8.81 -2.07
C THR A 75 -2.86 8.09 -2.57
N VAL A 76 -3.01 6.85 -3.06
CA VAL A 76 -1.88 5.92 -3.28
C VAL A 76 -0.80 6.46 -4.21
N ALA A 77 -1.18 7.18 -5.26
CA ALA A 77 -0.23 7.84 -6.17
C ALA A 77 0.65 8.87 -5.43
N ARG A 78 0.02 9.79 -4.69
CA ARG A 78 0.70 10.86 -3.94
C ARG A 78 1.51 10.30 -2.76
N LEU A 79 1.02 9.25 -2.11
CA LEU A 79 1.72 8.50 -1.08
C LEU A 79 2.98 7.82 -1.63
N ALA A 80 2.85 7.07 -2.73
CA ALA A 80 4.01 6.45 -3.38
C ALA A 80 5.04 7.50 -3.80
N GLU A 81 4.61 8.66 -4.32
CA GLU A 81 5.54 9.70 -4.79
C GLU A 81 6.21 10.45 -3.64
N THR A 82 5.53 10.66 -2.50
CA THR A 82 6.15 11.24 -1.29
C THR A 82 7.13 10.27 -0.63
N ILE A 83 6.79 8.99 -0.46
CA ILE A 83 7.73 7.98 0.06
C ILE A 83 8.94 7.79 -0.88
N VAL A 84 8.78 7.95 -2.20
CA VAL A 84 9.92 8.08 -3.13
C VAL A 84 10.76 9.34 -2.87
N ARG A 85 10.18 10.55 -2.83
CA ARG A 85 10.97 11.80 -2.71
C ARG A 85 11.64 11.98 -1.34
N LEU A 86 11.08 11.34 -0.30
CA LEU A 86 11.63 11.34 1.06
C LEU A 86 12.67 10.23 1.27
N ALA A 87 12.48 9.07 0.63
CA ALA A 87 13.35 7.89 0.61
C ALA A 87 13.64 7.22 1.99
N ALA A 88 14.12 5.98 1.91
CA ALA A 88 14.55 5.15 3.04
C ALA A 88 15.76 4.27 2.63
N PRO A 89 16.55 3.70 3.58
CA PRO A 89 17.72 2.89 3.24
C PRO A 89 17.36 1.49 2.71
N ALA A 90 17.99 1.09 1.59
CA ALA A 90 17.86 -0.22 0.93
C ALA A 90 16.42 -0.76 0.71
N PRO A 91 15.57 -0.05 -0.05
CA PRO A 91 14.27 -0.54 -0.49
C PRO A 91 14.37 -1.43 -1.75
N SER A 92 13.26 -2.09 -2.10
CA SER A 92 13.02 -2.85 -3.34
C SER A 92 13.89 -4.10 -3.59
N GLY A 93 13.36 -5.01 -4.38
CA GLY A 93 14.01 -6.26 -4.77
C GLY A 93 13.17 -7.06 -5.78
N ASP A 94 12.23 -7.86 -5.29
CA ASP A 94 11.46 -8.78 -6.12
C ASP A 94 10.19 -8.15 -6.74
N GLN A 95 9.93 -8.42 -8.03
CA GLN A 95 8.79 -7.94 -8.83
C GLN A 95 8.30 -9.06 -9.76
N ASP A 96 6.98 -9.32 -9.85
CA ASP A 96 6.40 -10.39 -10.69
C ASP A 96 5.07 -9.98 -11.36
N ASP A 97 4.94 -10.33 -12.65
CA ASP A 97 3.70 -10.32 -13.43
C ASP A 97 3.70 -11.43 -14.51
N ALA A 98 4.17 -12.64 -14.14
CA ALA A 98 4.23 -13.83 -15.01
C ALA A 98 2.88 -14.42 -15.46
N SER A 99 1.76 -13.85 -14.99
CA SER A 99 0.40 -14.07 -15.53
C SER A 99 0.34 -13.85 -17.05
N GLU A 100 1.01 -12.81 -17.54
CA GLU A 100 1.13 -12.46 -18.97
C GLU A 100 -0.22 -12.38 -19.71
N TYR A 101 -1.12 -11.54 -19.17
CA TYR A 101 -2.44 -11.26 -19.75
C TYR A 101 -2.35 -10.47 -21.08
N GLU A 102 -1.29 -9.66 -21.23
CA GLU A 102 -0.99 -8.88 -22.45
C GLU A 102 0.37 -9.31 -23.05
N GLU A 103 0.39 -9.61 -24.34
CA GLU A 103 1.51 -10.27 -25.05
C GLU A 103 1.82 -9.67 -26.43
N GLY A 104 1.00 -8.77 -26.97
CA GLY A 104 1.18 -8.18 -28.30
C GLY A 104 0.86 -9.13 -29.48
N VAL A 105 0.26 -10.28 -29.18
CA VAL A 105 -0.17 -11.31 -30.14
C VAL A 105 -1.30 -10.85 -31.06
N ILE A 106 -1.55 -11.61 -32.12
CA ILE A 106 -2.64 -11.38 -33.09
C ILE A 106 -3.74 -12.45 -33.00
N ARG A 107 -4.94 -12.13 -33.51
CA ARG A 107 -6.08 -13.03 -33.72
C ARG A 107 -6.06 -13.62 -35.13
N GLY A 7 -8.60 -12.51 -35.72
CA GLY A 7 -9.06 -13.52 -34.76
C GLY A 7 -9.51 -12.90 -33.45
N ALA A 8 -9.32 -13.59 -32.33
CA ALA A 8 -9.81 -13.18 -31.01
C ALA A 8 -8.74 -12.55 -30.07
N ALA A 9 -7.46 -12.65 -30.42
CA ALA A 9 -6.26 -12.13 -29.73
C ALA A 9 -6.01 -12.62 -28.28
N ALA A 10 -4.77 -13.02 -27.99
CA ALA A 10 -4.25 -13.36 -26.66
C ALA A 10 -3.54 -12.18 -25.96
N GLY A 11 -3.21 -12.33 -24.67
CA GLY A 11 -2.51 -11.30 -23.88
C GLY A 11 -1.01 -11.22 -24.21
N VAL A 12 -0.57 -10.11 -24.79
CA VAL A 12 0.81 -9.89 -25.28
C VAL A 12 1.58 -8.77 -24.56
N SER A 13 0.94 -8.03 -23.64
CA SER A 13 1.61 -7.09 -22.74
C SER A 13 0.80 -6.80 -21.48
N ALA A 14 1.50 -6.33 -20.44
CA ALA A 14 0.96 -5.78 -19.20
C ALA A 14 1.69 -4.46 -18.87
N ALA A 15 1.18 -3.35 -19.40
CA ALA A 15 1.74 -2.01 -19.21
C ALA A 15 1.84 -1.61 -17.72
N GLY A 16 2.95 -0.97 -17.34
CA GLY A 16 3.22 -0.55 -15.97
C GLY A 16 2.52 0.73 -15.56
N ILE A 17 1.91 0.74 -14.36
CA ILE A 17 1.29 1.93 -13.78
C ILE A 17 1.34 1.93 -12.24
N GLU A 18 1.70 3.07 -11.65
CA GLU A 18 2.07 3.27 -10.24
C GLU A 18 3.25 2.38 -9.73
N PRO A 19 3.98 2.83 -8.69
CA PRO A 19 4.93 1.98 -7.98
C PRO A 19 4.27 0.78 -7.28
N ASP A 20 5.03 -0.29 -7.09
CA ASP A 20 4.54 -1.64 -6.74
C ASP A 20 3.85 -1.74 -5.36
N LEU A 21 3.96 -0.70 -4.52
CA LEU A 21 3.16 -0.52 -3.30
C LEU A 21 1.66 -0.72 -3.59
N THR A 22 1.20 -0.18 -4.71
CA THR A 22 -0.20 -0.31 -5.17
C THR A 22 -0.56 -1.75 -5.56
N ALA A 23 0.34 -2.47 -6.24
CA ALA A 23 0.17 -3.88 -6.61
C ALA A 23 0.02 -4.77 -5.36
N ILE A 24 0.84 -4.53 -4.34
CA ILE A 24 0.77 -5.20 -3.04
C ILE A 24 -0.57 -4.89 -2.36
N TRP A 25 -1.00 -3.62 -2.28
CA TRP A 25 -2.24 -3.29 -1.58
C TRP A 25 -3.52 -3.77 -2.30
N GLN A 26 -3.55 -3.77 -3.64
CA GLN A 26 -4.64 -4.42 -4.38
C GLN A 26 -4.65 -5.94 -4.16
N ALA A 27 -3.47 -6.59 -4.06
CA ALA A 27 -3.40 -8.03 -3.80
C ALA A 27 -3.84 -8.41 -2.37
N LEU A 28 -3.47 -7.60 -1.37
CA LEU A 28 -3.80 -7.85 0.05
C LEU A 28 -5.25 -7.50 0.40
N PHE A 29 -5.87 -6.56 -0.33
CA PHE A 29 -7.34 -6.37 -0.26
C PHE A 29 -8.13 -7.24 -1.26
N ALA A 30 -7.44 -7.86 -2.22
CA ALA A 30 -7.95 -8.74 -3.28
C ALA A 30 -9.03 -8.12 -4.20
N LEU A 31 -8.74 -6.96 -4.79
CA LEU A 31 -9.55 -6.31 -5.84
C LEU A 31 -8.72 -6.08 -7.13
N PRO A 32 -9.33 -5.76 -8.29
CA PRO A 32 -8.60 -5.71 -9.57
C PRO A 32 -7.55 -4.58 -9.66
N ALA A 33 -7.84 -3.39 -9.12
CA ALA A 33 -6.91 -2.26 -9.05
C ALA A 33 -7.20 -1.31 -7.87
N VAL A 34 -6.18 -0.61 -7.38
CA VAL A 34 -6.28 0.37 -6.28
C VAL A 34 -6.61 1.76 -6.83
N GLY A 35 -7.67 2.39 -6.30
CA GLY A 35 -8.10 3.73 -6.72
C GLY A 35 -9.41 4.22 -6.09
N ARG A 36 -10.48 3.41 -6.17
CA ARG A 36 -11.87 3.85 -5.88
C ARG A 36 -12.23 3.96 -4.40
N HIS A 37 -11.49 3.32 -3.50
CA HIS A 37 -11.68 3.54 -2.06
C HIS A 37 -11.08 4.88 -1.60
N GLN A 38 -10.12 5.42 -2.37
CA GLN A 38 -9.64 6.82 -2.42
C GLN A 38 -8.98 7.42 -1.16
N ASP A 39 -9.26 6.95 0.06
CA ASP A 39 -8.54 7.34 1.28
C ASP A 39 -8.04 6.11 2.06
N PHE A 40 -6.92 6.22 2.77
CA PHE A 40 -6.30 5.15 3.56
C PHE A 40 -7.30 4.32 4.40
N PHE A 41 -8.23 4.97 5.11
CA PHE A 41 -9.17 4.28 6.00
C PHE A 41 -10.13 3.31 5.27
N ALA A 42 -10.24 3.42 3.94
CA ALA A 42 -10.93 2.48 3.05
C ALA A 42 -9.97 1.70 2.13
N LEU A 43 -8.87 2.31 1.66
CA LEU A 43 -7.81 1.67 0.83
C LEU A 43 -7.07 0.56 1.60
N GLY A 44 -7.00 0.69 2.92
CA GLY A 44 -6.57 -0.35 3.87
C GLY A 44 -7.75 -1.00 4.62
N GLY A 45 -8.99 -0.61 4.34
CA GLY A 45 -10.24 -1.18 4.88
C GLY A 45 -10.57 -0.91 6.35
N ASP A 46 -9.57 -0.77 7.22
CA ASP A 46 -9.66 -0.42 8.65
C ASP A 46 -8.31 0.13 9.14
N SER A 47 -8.21 0.63 10.38
CA SER A 47 -6.89 0.88 10.99
C SER A 47 -6.10 -0.40 11.25
N GLN A 48 -6.72 -1.46 11.82
CA GLN A 48 -6.01 -2.74 12.03
C GLN A 48 -5.62 -3.39 10.70
N LEU A 49 -6.56 -3.39 9.76
CA LEU A 49 -6.42 -3.99 8.42
C LEU A 49 -5.40 -3.19 7.58
N GLY A 50 -5.37 -1.86 7.71
CA GLY A 50 -4.35 -1.00 7.13
C GLY A 50 -2.96 -1.21 7.74
N LEU A 51 -2.86 -1.42 9.06
CA LEU A 51 -1.60 -1.77 9.73
C LEU A 51 -1.09 -3.17 9.36
N ARG A 52 -2.00 -4.15 9.16
CA ARG A 52 -1.69 -5.46 8.52
C ARG A 52 -1.08 -5.26 7.13
N MET A 53 -1.72 -4.42 6.30
CA MET A 53 -1.29 -4.18 4.92
C MET A 53 0.02 -3.37 4.85
N LEU A 54 0.29 -2.48 5.82
CA LEU A 54 1.60 -1.86 6.04
C LEU A 54 2.65 -2.91 6.42
N ALA A 55 2.42 -3.73 7.45
CA ALA A 55 3.40 -4.71 7.91
C ALA A 55 3.79 -5.70 6.78
N GLN A 56 2.81 -6.23 6.07
CA GLN A 56 3.06 -7.11 4.92
C GLN A 56 3.73 -6.37 3.75
N LEU A 57 3.34 -5.13 3.41
CA LEU A 57 4.08 -4.33 2.41
C LEU A 57 5.53 -4.06 2.82
N ARG A 58 5.78 -3.79 4.11
CA ARG A 58 7.12 -3.57 4.66
C ARG A 58 7.99 -4.82 4.61
N GLU A 59 7.37 -6.00 4.75
CA GLU A 59 8.05 -7.28 4.53
C GLU A 59 8.29 -7.63 3.05
N ARG A 60 7.40 -7.22 2.13
CA ARG A 60 7.54 -7.42 0.67
C ARG A 60 8.48 -6.42 0.00
N HIS A 61 8.55 -5.18 0.50
CA HIS A 61 9.12 -4.02 -0.20
C HIS A 61 10.15 -3.21 0.62
N GLY A 62 10.28 -3.46 1.94
CA GLY A 62 11.29 -2.81 2.80
C GLY A 62 11.08 -1.31 3.08
N VAL A 63 9.84 -0.80 2.92
CA VAL A 63 9.48 0.63 3.04
C VAL A 63 8.29 0.87 3.96
N ASP A 64 8.20 2.11 4.45
CA ASP A 64 7.21 2.57 5.44
C ASP A 64 5.96 3.23 4.80
N LEU A 65 4.87 3.31 5.56
CA LEU A 65 3.76 4.27 5.34
C LEU A 65 3.73 5.25 6.53
N PRO A 66 4.50 6.36 6.47
CA PRO A 66 4.62 7.31 7.58
C PRO A 66 3.29 8.03 7.85
N LEU A 67 2.93 8.18 9.11
CA LEU A 67 1.66 8.80 9.54
C LEU A 67 1.52 10.27 9.05
N ARG A 68 2.62 11.01 8.94
CA ARG A 68 2.70 12.36 8.37
C ARG A 68 2.27 12.39 6.90
N CYS A 69 2.91 11.56 6.06
CA CYS A 69 2.54 11.35 4.66
C CYS A 69 1.08 10.89 4.55
N LEU A 70 0.64 9.97 5.40
CA LEU A 70 -0.75 9.49 5.46
C LEU A 70 -1.75 10.60 5.86
N TYR A 71 -1.32 11.60 6.64
CA TYR A 71 -2.13 12.77 6.98
C TYR A 71 -2.25 13.76 5.80
N GLU A 72 -1.17 14.02 5.08
CA GLU A 72 -1.18 14.99 3.96
C GLU A 72 -1.64 14.41 2.60
N ALA A 73 -1.41 13.11 2.36
CA ALA A 73 -1.67 12.42 1.10
C ALA A 73 -2.16 10.95 1.31
N PRO A 74 -3.41 10.75 1.76
CA PRO A 74 -3.97 9.40 2.05
C PRO A 74 -4.27 8.53 0.82
N THR A 75 -4.00 8.98 -0.41
CA THR A 75 -4.04 8.18 -1.64
C THR A 75 -2.74 7.39 -1.83
N VAL A 76 -2.82 6.06 -1.97
CA VAL A 76 -1.62 5.19 -2.10
C VAL A 76 -0.73 5.59 -3.29
N ALA A 77 -1.30 6.07 -4.39
CA ALA A 77 -0.55 6.58 -5.54
C ALA A 77 0.37 7.77 -5.19
N ARG A 78 -0.17 8.74 -4.43
CA ARG A 78 0.51 9.98 -4.03
C ARG A 78 1.42 9.77 -2.82
N LEU A 79 1.07 8.83 -1.94
CA LEU A 79 1.97 8.29 -0.93
C LEU A 79 3.19 7.68 -1.61
N ALA A 80 3.01 6.80 -2.60
CA ALA A 80 4.14 6.25 -3.35
C ALA A 80 4.95 7.37 -4.04
N GLU A 81 4.30 8.39 -4.62
CA GLU A 81 5.04 9.50 -5.26
C GLU A 81 5.85 10.34 -4.26
N THR A 82 5.34 10.54 -3.04
CA THR A 82 6.04 11.33 -1.99
C THR A 82 7.10 10.52 -1.26
N ILE A 83 6.85 9.23 -0.98
CA ILE A 83 7.81 8.31 -0.37
C ILE A 83 8.98 8.00 -1.32
N VAL A 84 8.79 8.02 -2.64
CA VAL A 84 9.93 8.09 -3.60
C VAL A 84 10.58 9.48 -3.61
N ARG A 85 9.82 10.58 -3.82
CA ARG A 85 10.38 11.95 -3.97
C ARG A 85 11.15 12.46 -2.76
N LEU A 86 10.74 12.09 -1.55
CA LEU A 86 11.37 12.45 -0.27
C LEU A 86 12.19 11.30 0.34
N ALA A 87 12.29 10.16 -0.36
CA ALA A 87 12.95 8.90 0.04
C ALA A 87 12.50 8.22 1.36
N ALA A 88 11.89 8.95 2.30
CA ALA A 88 11.61 8.53 3.69
C ALA A 88 12.84 7.86 4.34
N PRO A 89 13.91 8.62 4.65
CA PRO A 89 15.28 8.11 4.73
C PRO A 89 15.50 6.87 5.61
N ALA A 90 15.00 6.83 6.85
CA ALA A 90 15.18 5.69 7.75
C ALA A 90 13.90 5.39 8.56
N PRO A 91 13.31 4.18 8.45
CA PRO A 91 12.15 3.77 9.25
C PRO A 91 12.43 3.68 10.76
N SER A 92 11.40 3.82 11.58
CA SER A 92 11.49 3.66 13.03
C SER A 92 11.73 2.19 13.43
N GLY A 93 12.49 1.98 14.51
CA GLY A 93 12.88 0.67 15.03
C GLY A 93 11.92 0.12 16.07
N ASP A 94 10.66 0.54 16.01
CA ASP A 94 9.63 0.22 16.99
C ASP A 94 8.73 -0.95 16.52
N GLN A 95 8.14 -1.68 17.47
CA GLN A 95 7.30 -2.86 17.26
C GLN A 95 5.87 -2.52 16.80
N ASP A 96 5.13 -3.50 16.27
CA ASP A 96 3.79 -3.31 15.68
C ASP A 96 2.77 -4.35 16.18
N ASP A 97 1.52 -3.94 16.41
CA ASP A 97 0.40 -4.82 16.78
C ASP A 97 -0.50 -5.24 15.61
N ALA A 98 -0.40 -4.56 14.47
CA ALA A 98 -1.03 -4.93 13.19
C ALA A 98 -2.54 -5.25 13.31
N SER A 99 -2.95 -6.50 13.10
CA SER A 99 -4.33 -6.98 13.28
C SER A 99 -4.40 -8.35 13.96
N GLU A 100 -5.61 -8.74 14.34
CA GLU A 100 -6.01 -10.15 14.43
C GLU A 100 -5.81 -10.88 13.08
N TYR A 101 -5.72 -12.22 13.10
CA TYR A 101 -5.64 -13.05 11.90
C TYR A 101 -6.46 -14.33 12.07
N GLU A 102 -7.18 -14.72 11.00
CA GLU A 102 -7.85 -16.02 10.84
C GLU A 102 -6.97 -17.07 10.14
N GLU A 103 -7.19 -18.35 10.41
CA GLU A 103 -6.48 -19.47 9.76
C GLU A 103 -7.06 -19.85 8.38
N GLY A 104 -8.16 -19.21 7.97
CA GLY A 104 -8.80 -19.42 6.66
C GLY A 104 -9.67 -20.68 6.58
N VAL A 105 -10.12 -21.20 7.72
CA VAL A 105 -10.96 -22.41 7.88
C VAL A 105 -10.40 -23.63 7.11
N ILE A 106 -9.08 -23.78 7.08
CA ILE A 106 -8.40 -24.89 6.39
C ILE A 106 -8.48 -26.20 7.18
N ARG A 107 -8.95 -27.27 6.55
CA ARG A 107 -9.20 -28.59 7.15
C ARG A 107 -8.64 -29.71 6.29
N GLY A 7 -4.27 -13.56 -4.97
CA GLY A 7 -4.25 -13.35 -6.42
C GLY A 7 -5.64 -13.06 -6.97
N ALA A 8 -5.72 -12.69 -8.24
CA ALA A 8 -6.94 -12.22 -8.92
C ALA A 8 -6.87 -12.41 -10.45
N ALA A 9 -7.94 -12.03 -11.15
CA ALA A 9 -8.01 -12.02 -12.62
C ALA A 9 -7.97 -10.60 -13.23
N ALA A 10 -8.51 -9.61 -12.51
CA ALA A 10 -8.58 -8.21 -12.96
C ALA A 10 -7.20 -7.53 -13.03
N GLY A 11 -7.04 -6.63 -14.01
CA GLY A 11 -5.82 -5.86 -14.27
C GLY A 11 -6.05 -4.73 -15.28
N VAL A 12 -4.95 -4.12 -15.76
CA VAL A 12 -4.97 -2.90 -16.60
C VAL A 12 -4.18 -3.10 -17.89
N SER A 13 -4.74 -2.69 -19.02
CA SER A 13 -4.13 -2.87 -20.35
C SER A 13 -2.81 -2.10 -20.52
N ALA A 14 -2.76 -0.82 -20.18
CA ALA A 14 -1.52 -0.04 -20.20
C ALA A 14 -0.62 -0.36 -18.99
N ALA A 15 0.68 -0.42 -19.22
CA ALA A 15 1.70 -0.73 -18.20
C ALA A 15 2.04 0.49 -17.32
N GLY A 16 2.11 0.30 -16.00
CA GLY A 16 2.70 1.27 -15.05
C GLY A 16 1.89 2.53 -14.79
N ILE A 17 0.59 2.54 -15.11
CA ILE A 17 -0.32 3.70 -15.01
C ILE A 17 -0.30 4.40 -13.64
N GLU A 18 -0.09 3.63 -12.56
CA GLU A 18 0.19 4.09 -11.20
C GLU A 18 1.32 3.24 -10.60
N PRO A 19 2.00 3.69 -9.53
CA PRO A 19 3.04 2.91 -8.84
C PRO A 19 2.55 1.55 -8.32
N ASP A 20 3.48 0.61 -8.21
CA ASP A 20 3.21 -0.80 -7.84
C ASP A 20 2.58 -0.97 -6.45
N LEU A 21 2.72 0.01 -5.55
CA LEU A 21 1.96 0.09 -4.30
C LEU A 21 0.44 -0.12 -4.50
N THR A 22 -0.10 0.31 -5.64
CA THR A 22 -1.53 0.08 -5.97
C THR A 22 -1.84 -1.40 -6.19
N ALA A 23 -0.95 -2.12 -6.86
CA ALA A 23 -1.06 -3.56 -7.10
C ALA A 23 -0.82 -4.38 -5.82
N ILE A 24 0.09 -3.92 -4.95
CA ILE A 24 0.30 -4.50 -3.61
C ILE A 24 -0.97 -4.36 -2.77
N TRP A 25 -1.57 -3.17 -2.69
CA TRP A 25 -2.76 -2.94 -1.87
C TRP A 25 -4.01 -3.63 -2.43
N GLN A 26 -4.23 -3.63 -3.76
CA GLN A 26 -5.35 -4.38 -4.34
C GLN A 26 -5.19 -5.89 -4.15
N ALA A 27 -3.95 -6.42 -4.20
CA ALA A 27 -3.70 -7.83 -3.92
C ALA A 27 -3.81 -8.22 -2.44
N LEU A 28 -3.33 -7.40 -1.50
CA LEU A 28 -3.38 -7.69 -0.06
C LEU A 28 -4.77 -7.49 0.54
N PHE A 29 -5.59 -6.58 -0.02
CA PHE A 29 -7.00 -6.43 0.34
C PHE A 29 -7.96 -7.26 -0.56
N ALA A 30 -7.40 -7.97 -1.54
CA ALA A 30 -8.06 -8.93 -2.43
C ALA A 30 -9.33 -8.38 -3.11
N LEU A 31 -9.22 -7.19 -3.72
CA LEU A 31 -10.26 -6.60 -4.57
C LEU A 31 -9.74 -6.24 -5.98
N PRO A 32 -10.63 -6.09 -7.00
CA PRO A 32 -10.22 -6.09 -8.41
C PRO A 32 -9.31 -4.95 -8.86
N ALA A 33 -9.49 -3.74 -8.31
CA ALA A 33 -8.83 -2.53 -8.83
C ALA A 33 -8.62 -1.44 -7.76
N VAL A 34 -7.38 -0.93 -7.66
CA VAL A 34 -7.01 0.30 -6.93
C VAL A 34 -6.35 1.30 -7.88
N GLY A 35 -6.91 2.51 -7.95
CA GLY A 35 -6.45 3.55 -8.89
C GLY A 35 -7.46 4.66 -9.21
N ARG A 36 -8.70 4.62 -8.70
CA ARG A 36 -9.74 5.65 -8.95
C ARG A 36 -9.66 6.85 -8.00
N HIS A 37 -8.45 7.41 -7.83
CA HIS A 37 -8.11 8.48 -6.88
C HIS A 37 -8.58 8.19 -5.44
N GLN A 38 -8.11 7.09 -4.86
CA GLN A 38 -8.56 6.54 -3.57
C GLN A 38 -7.58 6.83 -2.42
N ASP A 39 -8.10 7.29 -1.28
CA ASP A 39 -7.31 7.62 -0.07
C ASP A 39 -7.09 6.41 0.85
N PHE A 40 -5.97 6.41 1.58
CA PHE A 40 -5.59 5.36 2.55
C PHE A 40 -6.64 5.12 3.65
N PHE A 41 -7.51 6.10 3.92
CA PHE A 41 -8.66 5.94 4.82
C PHE A 41 -9.62 4.82 4.39
N ALA A 42 -9.88 4.68 3.09
CA ALA A 42 -10.71 3.60 2.54
C ALA A 42 -9.89 2.36 2.19
N LEU A 43 -8.70 2.55 1.61
CA LEU A 43 -7.85 1.47 1.10
C LEU A 43 -7.25 0.57 2.20
N GLY A 44 -7.19 1.05 3.45
CA GLY A 44 -6.73 0.23 4.58
C GLY A 44 -7.64 -0.96 4.92
N GLY A 45 -8.92 -0.92 4.53
CA GLY A 45 -9.89 -2.02 4.63
C GLY A 45 -10.39 -2.37 6.04
N ASP A 46 -9.49 -2.50 7.00
CA ASP A 46 -9.75 -2.62 8.44
C ASP A 46 -8.59 -2.02 9.24
N SER A 47 -8.68 -1.90 10.56
CA SER A 47 -7.49 -1.61 11.38
C SER A 47 -6.50 -2.77 11.35
N GLN A 48 -6.99 -4.01 11.44
CA GLN A 48 -6.16 -5.21 11.38
C GLN A 48 -5.51 -5.37 10.00
N LEU A 49 -6.28 -5.14 8.93
CA LEU A 49 -5.81 -5.24 7.53
C LEU A 49 -4.82 -4.10 7.20
N GLY A 50 -5.03 -2.89 7.74
CA GLY A 50 -4.09 -1.77 7.68
C GLY A 50 -2.76 -2.08 8.39
N LEU A 51 -2.83 -2.54 9.65
CA LEU A 51 -1.66 -2.97 10.43
C LEU A 51 -0.87 -4.08 9.73
N ARG A 52 -1.58 -5.09 9.19
CA ARG A 52 -1.04 -6.20 8.39
C ARG A 52 -0.29 -5.70 7.16
N MET A 53 -0.93 -4.88 6.30
CA MET A 53 -0.30 -4.43 5.06
C MET A 53 0.91 -3.54 5.31
N LEU A 54 0.84 -2.65 6.31
CA LEU A 54 1.96 -1.77 6.66
C LEU A 54 3.14 -2.60 7.17
N ALA A 55 2.91 -3.48 8.16
CA ALA A 55 3.98 -4.28 8.74
C ALA A 55 4.59 -5.24 7.71
N GLN A 56 3.77 -6.02 6.99
CA GLN A 56 4.29 -6.95 5.98
C GLN A 56 5.06 -6.23 4.87
N LEU A 57 4.57 -5.09 4.36
CA LEU A 57 5.28 -4.34 3.33
C LEU A 57 6.57 -3.68 3.85
N ARG A 58 6.58 -3.15 5.09
CA ARG A 58 7.79 -2.61 5.72
C ARG A 58 8.86 -3.68 5.89
N GLU A 59 8.45 -4.87 6.27
CA GLU A 59 9.32 -6.04 6.47
C GLU A 59 9.79 -6.70 5.16
N ARG A 60 9.01 -6.57 4.06
CA ARG A 60 9.35 -7.11 2.72
C ARG A 60 10.13 -6.14 1.83
N HIS A 61 9.73 -4.87 1.80
CA HIS A 61 10.14 -3.86 0.80
C HIS A 61 10.93 -2.68 1.38
N GLY A 62 10.95 -2.47 2.71
CA GLY A 62 11.76 -1.42 3.33
C GLY A 62 11.18 -0.01 3.21
N VAL A 63 9.91 0.17 3.58
CA VAL A 63 9.15 1.43 3.52
C VAL A 63 8.24 1.59 4.75
N ASP A 64 7.91 2.82 5.12
CA ASP A 64 6.91 3.17 6.14
C ASP A 64 6.00 4.28 5.60
N LEU A 65 4.83 4.52 6.21
CA LEU A 65 3.85 5.54 5.83
C LEU A 65 3.72 6.60 6.94
N PRO A 66 4.45 7.73 6.88
CA PRO A 66 4.41 8.78 7.90
C PRO A 66 3.14 9.64 7.84
N LEU A 67 2.74 10.22 8.98
CA LEU A 67 1.57 11.10 9.09
C LEU A 67 1.73 12.39 8.27
N ARG A 68 2.97 12.84 8.02
CA ARG A 68 3.30 13.98 7.15
C ARG A 68 3.00 13.69 5.69
N CYS A 69 3.39 12.50 5.23
CA CYS A 69 3.03 11.95 3.92
C CYS A 69 1.49 11.85 3.78
N LEU A 70 0.82 11.26 4.78
CA LEU A 70 -0.64 11.10 4.80
C LEU A 70 -1.39 12.44 4.77
N TYR A 71 -0.86 13.51 5.37
CA TYR A 71 -1.42 14.85 5.24
C TYR A 71 -1.16 15.47 3.85
N GLU A 72 0.07 15.37 3.33
CA GLU A 72 0.45 16.06 2.08
C GLU A 72 0.01 15.32 0.79
N ALA A 73 -0.30 14.04 0.91
CA ALA A 73 -0.68 13.15 -0.18
C ALA A 73 -1.43 11.90 0.37
N PRO A 74 -2.71 12.01 0.78
CA PRO A 74 -3.47 10.87 1.34
C PRO A 74 -3.81 9.78 0.31
N THR A 75 -3.69 10.09 -0.97
CA THR A 75 -4.14 9.27 -2.11
C THR A 75 -3.01 8.41 -2.66
N VAL A 76 -3.26 7.12 -2.87
CA VAL A 76 -2.22 6.07 -3.00
C VAL A 76 -1.10 6.35 -4.01
N ALA A 77 -1.36 6.97 -5.17
CA ALA A 77 -0.30 7.26 -6.16
C ALA A 77 0.60 8.45 -5.75
N ARG A 78 0.01 9.52 -5.20
CA ARG A 78 0.76 10.68 -4.67
C ARG A 78 1.51 10.29 -3.39
N LEU A 79 0.86 9.48 -2.55
CA LEU A 79 1.44 8.86 -1.36
C LEU A 79 2.68 8.04 -1.75
N ALA A 80 2.53 7.09 -2.69
CA ALA A 80 3.65 6.31 -3.23
C ALA A 80 4.77 7.20 -3.76
N GLU A 81 4.46 8.30 -4.48
CA GLU A 81 5.50 9.21 -4.96
C GLU A 81 6.27 9.85 -3.79
N THR A 82 5.58 10.26 -2.71
CA THR A 82 6.23 10.81 -1.52
C THR A 82 7.06 9.76 -0.76
N ILE A 83 6.57 8.54 -0.58
CA ILE A 83 7.33 7.46 0.10
C ILE A 83 8.61 7.08 -0.68
N VAL A 84 8.55 7.09 -2.02
CA VAL A 84 9.71 6.86 -2.89
C VAL A 84 10.67 8.07 -2.86
N ARG A 85 10.16 9.30 -3.02
CA ARG A 85 11.01 10.51 -3.18
C ARG A 85 11.65 10.97 -1.88
N LEU A 86 11.00 10.77 -0.73
CA LEU A 86 11.53 11.16 0.59
C LEU A 86 12.39 10.09 1.27
N ALA A 87 12.17 8.81 0.94
CA ALA A 87 12.96 7.63 1.31
C ALA A 87 13.23 7.36 2.81
N ALA A 88 13.13 6.08 3.20
CA ALA A 88 13.42 5.62 4.57
C ALA A 88 14.92 5.77 4.94
N PRO A 89 15.26 5.92 6.23
CA PRO A 89 16.64 6.07 6.71
C PRO A 89 17.47 4.77 6.63
N ALA A 90 16.84 3.65 6.29
CA ALA A 90 17.49 2.39 5.92
C ALA A 90 16.60 1.59 4.95
N PRO A 91 17.10 1.22 3.75
CA PRO A 91 16.45 0.25 2.89
C PRO A 91 16.33 -1.12 3.55
N SER A 92 15.37 -1.95 3.15
CA SER A 92 15.27 -3.37 3.57
C SER A 92 14.98 -4.26 2.37
N GLY A 93 15.67 -5.39 2.24
CA GLY A 93 15.52 -6.33 1.12
C GLY A 93 16.10 -7.74 1.33
N ASP A 94 16.83 -7.97 2.42
CA ASP A 94 17.29 -9.28 2.88
C ASP A 94 16.53 -9.71 4.14
N GLN A 95 16.00 -10.93 4.19
CA GLN A 95 15.29 -11.45 5.38
C GLN A 95 15.44 -12.98 5.56
N ASP A 96 15.13 -13.43 6.78
CA ASP A 96 14.97 -14.83 7.20
C ASP A 96 13.61 -15.04 7.91
N ASP A 97 12.55 -14.51 7.30
CA ASP A 97 11.14 -14.71 7.69
C ASP A 97 10.43 -15.72 6.78
N ALA A 98 10.71 -15.66 5.48
CA ALA A 98 9.90 -16.24 4.40
C ALA A 98 10.03 -17.76 4.21
N SER A 99 10.32 -18.50 5.29
CA SER A 99 10.34 -19.96 5.36
C SER A 99 8.95 -20.56 5.07
N GLU A 100 8.87 -21.81 4.59
CA GLU A 100 7.60 -22.47 4.24
C GLU A 100 7.08 -23.47 5.32
N TYR A 101 5.77 -23.48 5.55
CA TYR A 101 5.08 -24.40 6.48
C TYR A 101 3.71 -24.89 5.97
N GLU A 102 3.73 -26.01 5.24
CA GLU A 102 2.53 -26.73 4.77
C GLU A 102 2.82 -28.25 4.70
N GLU A 103 1.99 -29.04 5.38
CA GLU A 103 2.04 -30.51 5.39
C GLU A 103 0.79 -31.09 4.71
N GLY A 104 -0.40 -30.59 5.06
CA GLY A 104 -1.70 -31.12 4.62
C GLY A 104 -2.12 -30.71 3.20
N VAL A 105 -1.74 -29.51 2.75
CA VAL A 105 -1.92 -28.93 1.40
C VAL A 105 -3.37 -28.74 0.90
N ILE A 106 -4.26 -29.72 1.02
CA ILE A 106 -5.64 -29.68 0.51
C ILE A 106 -6.61 -30.52 1.36
N ARG A 107 -7.88 -30.06 1.46
CA ARG A 107 -8.91 -30.57 2.39
C ARG A 107 -10.28 -30.72 1.72
N GLY A 7 -18.97 9.23 -13.23
CA GLY A 7 -18.20 10.45 -12.96
C GLY A 7 -17.38 10.84 -14.17
N ALA A 8 -16.07 10.97 -14.03
CA ALA A 8 -15.16 11.40 -15.11
C ALA A 8 -15.06 10.42 -16.30
N ALA A 9 -15.44 9.14 -16.13
CA ALA A 9 -15.43 8.08 -17.16
C ALA A 9 -14.09 7.93 -17.91
N ALA A 10 -13.00 8.22 -17.23
CA ALA A 10 -11.70 8.55 -17.82
C ALA A 10 -10.93 7.35 -18.40
N GLY A 11 -11.12 6.11 -17.90
CA GLY A 11 -10.43 4.92 -18.41
C GLY A 11 -8.90 5.06 -18.27
N VAL A 12 -8.16 5.02 -19.38
CA VAL A 12 -6.70 5.24 -19.40
C VAL A 12 -6.30 6.74 -19.48
N SER A 13 -7.24 7.63 -19.80
CA SER A 13 -7.00 9.06 -20.10
C SER A 13 -6.81 9.90 -18.83
N ALA A 14 -6.05 10.98 -18.93
CA ALA A 14 -5.62 11.88 -17.83
C ALA A 14 -4.92 11.18 -16.63
N ALA A 15 -4.57 9.90 -16.74
CA ALA A 15 -3.88 9.13 -15.70
C ALA A 15 -2.39 9.51 -15.57
N GLY A 16 -1.77 9.12 -14.47
CA GLY A 16 -0.37 9.39 -14.13
C GLY A 16 0.50 8.14 -14.08
N ILE A 17 1.38 8.07 -13.08
CA ILE A 17 2.25 6.92 -12.81
C ILE A 17 1.47 5.64 -12.45
N GLU A 18 2.11 4.48 -12.65
CA GLU A 18 1.73 3.17 -12.15
C GLU A 18 2.71 2.72 -11.04
N PRO A 19 2.34 2.83 -9.75
CA PRO A 19 3.18 2.38 -8.63
C PRO A 19 3.31 0.85 -8.52
N ASP A 20 4.24 0.40 -7.68
CA ASP A 20 4.21 -0.94 -7.05
C ASP A 20 3.28 -0.98 -5.83
N LEU A 21 3.20 0.12 -5.07
CA LEU A 21 2.36 0.23 -3.87
C LEU A 21 0.90 -0.15 -4.12
N THR A 22 0.31 0.33 -5.22
CA THR A 22 -1.07 0.00 -5.61
C THR A 22 -1.27 -1.45 -6.03
N ALA A 23 -0.24 -2.13 -6.57
CA ALA A 23 -0.30 -3.56 -6.86
C ALA A 23 -0.22 -4.41 -5.58
N ILE A 24 0.71 -4.07 -4.68
CA ILE A 24 0.81 -4.67 -3.34
C ILE A 24 -0.50 -4.46 -2.57
N TRP A 25 -1.10 -3.27 -2.62
CA TRP A 25 -2.37 -2.98 -1.96
C TRP A 25 -3.54 -3.71 -2.60
N GLN A 26 -3.68 -3.76 -3.94
CA GLN A 26 -4.80 -4.51 -4.54
C GLN A 26 -4.71 -6.01 -4.24
N ALA A 27 -3.50 -6.58 -4.18
CA ALA A 27 -3.25 -7.95 -3.73
C ALA A 27 -3.63 -8.16 -2.24
N LEU A 28 -3.18 -7.27 -1.35
CA LEU A 28 -3.34 -7.37 0.10
C LEU A 28 -4.79 -7.11 0.54
N PHE A 29 -5.50 -6.26 -0.19
CA PHE A 29 -6.90 -5.91 0.07
C PHE A 29 -7.90 -6.93 -0.52
N ALA A 30 -7.42 -7.86 -1.37
CA ALA A 30 -8.22 -8.79 -2.18
C ALA A 30 -9.15 -8.10 -3.22
N LEU A 31 -8.74 -6.95 -3.75
CA LEU A 31 -9.40 -6.24 -4.88
C LEU A 31 -8.98 -6.79 -6.26
N PRO A 32 -9.71 -6.49 -7.35
CA PRO A 32 -9.24 -6.77 -8.71
C PRO A 32 -8.14 -5.79 -9.16
N ALA A 33 -8.29 -4.50 -8.80
CA ALA A 33 -7.37 -3.42 -9.15
C ALA A 33 -7.48 -2.23 -8.17
N VAL A 34 -6.40 -1.45 -8.00
CA VAL A 34 -6.35 -0.16 -7.28
C VAL A 34 -5.61 0.90 -8.11
N GLY A 35 -6.11 2.13 -8.07
CA GLY A 35 -5.51 3.33 -8.67
C GLY A 35 -6.35 4.61 -8.44
N ARG A 36 -6.07 5.66 -9.23
CA ARG A 36 -6.71 6.99 -9.21
C ARG A 36 -6.65 7.72 -7.85
N HIS A 37 -7.36 8.86 -7.76
CA HIS A 37 -7.34 9.79 -6.62
C HIS A 37 -8.27 9.32 -5.48
N GLN A 38 -8.04 8.09 -5.01
CA GLN A 38 -8.84 7.37 -4.03
C GLN A 38 -8.03 7.06 -2.76
N ASP A 39 -8.66 7.17 -1.58
CA ASP A 39 -7.98 7.26 -0.28
C ASP A 39 -7.94 5.97 0.55
N PHE A 40 -6.81 5.72 1.23
CA PHE A 40 -6.63 4.58 2.13
C PHE A 40 -7.71 4.42 3.21
N PHE A 41 -8.15 5.51 3.84
CA PHE A 41 -9.11 5.45 4.95
C PHE A 41 -10.50 4.94 4.53
N ALA A 42 -10.74 4.81 3.22
CA ALA A 42 -11.81 4.04 2.60
C ALA A 42 -11.34 2.71 2.01
N LEU A 43 -10.24 2.71 1.23
CA LEU A 43 -9.80 1.59 0.40
C LEU A 43 -9.18 0.43 1.19
N GLY A 44 -8.41 0.77 2.21
CA GLY A 44 -7.93 -0.16 3.25
C GLY A 44 -8.83 -0.15 4.49
N GLY A 45 -9.47 0.99 4.76
CA GLY A 45 -10.61 1.14 5.65
C GLY A 45 -10.28 1.12 7.15
N ASP A 46 -9.40 0.23 7.61
CA ASP A 46 -9.16 -0.09 9.02
C ASP A 46 -7.71 0.16 9.43
N SER A 47 -7.49 0.62 10.67
CA SER A 47 -6.16 0.72 11.27
C SER A 47 -5.50 -0.65 11.49
N GLN A 48 -6.27 -1.73 11.67
CA GLN A 48 -5.72 -3.10 11.66
C GLN A 48 -5.13 -3.47 10.30
N LEU A 49 -5.81 -3.06 9.23
CA LEU A 49 -5.38 -3.25 7.85
C LEU A 49 -4.23 -2.30 7.51
N GLY A 50 -4.20 -1.09 8.09
CA GLY A 50 -3.10 -0.12 8.03
C GLY A 50 -1.80 -0.63 8.67
N LEU A 51 -1.87 -1.05 9.93
CA LEU A 51 -0.77 -1.67 10.66
C LEU A 51 -0.25 -2.93 9.95
N ARG A 52 -1.17 -3.78 9.45
CA ARG A 52 -0.84 -4.94 8.62
C ARG A 52 -0.16 -4.57 7.30
N MET A 53 -0.71 -3.64 6.52
CA MET A 53 -0.16 -3.31 5.21
C MET A 53 1.22 -2.64 5.33
N LEU A 54 1.46 -1.85 6.38
CA LEU A 54 2.80 -1.36 6.73
C LEU A 54 3.75 -2.52 7.07
N ALA A 55 3.38 -3.40 8.01
CA ALA A 55 4.23 -4.52 8.44
C ALA A 55 4.57 -5.50 7.29
N GLN A 56 3.59 -5.82 6.45
CA GLN A 56 3.73 -6.68 5.27
C GLN A 56 4.53 -5.99 4.16
N LEU A 57 4.26 -4.72 3.84
CA LEU A 57 5.04 -3.96 2.86
C LEU A 57 6.52 -3.87 3.28
N ARG A 58 6.79 -3.60 4.56
CA ARG A 58 8.17 -3.54 5.06
C ARG A 58 8.85 -4.91 5.03
N GLU A 59 8.13 -5.99 5.34
CA GLU A 59 8.65 -7.36 5.14
C GLU A 59 8.88 -7.76 3.67
N ARG A 60 8.03 -7.31 2.74
CA ARG A 60 8.15 -7.64 1.29
C ARG A 60 9.18 -6.78 0.55
N HIS A 61 9.37 -5.54 0.98
CA HIS A 61 9.99 -4.47 0.18
C HIS A 61 11.12 -3.70 0.91
N GLY A 62 11.21 -3.80 2.25
CA GLY A 62 12.13 -3.00 3.06
C GLY A 62 11.78 -1.51 3.10
N VAL A 63 10.51 -1.17 2.87
CA VAL A 63 9.98 0.19 2.69
C VAL A 63 9.22 0.64 3.93
N ASP A 64 9.39 1.90 4.32
CA ASP A 64 8.64 2.52 5.41
C ASP A 64 7.47 3.36 4.89
N LEU A 65 6.38 3.41 5.66
CA LEU A 65 5.23 4.29 5.41
C LEU A 65 4.90 5.05 6.70
N PRO A 66 5.14 6.38 6.78
CA PRO A 66 4.85 7.16 7.97
C PRO A 66 3.37 7.55 8.05
N LEU A 67 2.80 7.46 9.26
CA LEU A 67 1.41 7.76 9.56
C LEU A 67 1.03 9.23 9.28
N ARG A 68 2.01 10.14 9.27
CA ARG A 68 1.89 11.52 8.78
C ARG A 68 1.54 11.58 7.29
N CYS A 69 2.37 11.00 6.42
CA CYS A 69 2.11 10.98 4.98
C CYS A 69 0.81 10.22 4.66
N LEU A 70 0.51 9.15 5.41
CA LEU A 70 -0.79 8.48 5.32
C LEU A 70 -1.97 9.41 5.68
N TYR A 71 -1.85 10.20 6.75
CA TYR A 71 -2.90 11.10 7.22
C TYR A 71 -3.08 12.35 6.35
N GLU A 72 -2.00 12.90 5.78
CA GLU A 72 -2.03 14.16 5.02
C GLU A 72 -2.13 13.98 3.50
N ALA A 73 -1.76 12.81 2.96
CA ALA A 73 -1.88 12.46 1.55
C ALA A 73 -2.31 10.97 1.33
N PRO A 74 -3.46 10.52 1.86
CA PRO A 74 -3.92 9.12 1.75
C PRO A 74 -4.28 8.63 0.33
N THR A 75 -4.27 9.52 -0.68
CA THR A 75 -4.70 9.20 -2.05
C THR A 75 -3.60 8.47 -2.82
N VAL A 76 -3.84 7.22 -3.26
CA VAL A 76 -2.75 6.24 -3.47
C VAL A 76 -1.61 6.65 -4.42
N ALA A 77 -1.88 7.38 -5.50
CA ALA A 77 -0.81 7.86 -6.39
C ALA A 77 0.03 8.98 -5.74
N ARG A 78 -0.63 9.92 -5.05
CA ARG A 78 0.00 11.02 -4.31
C ARG A 78 0.75 10.49 -3.08
N LEU A 79 0.21 9.46 -2.43
CA LEU A 79 0.88 8.68 -1.39
C LEU A 79 2.13 8.01 -1.94
N ALA A 80 2.05 7.31 -3.06
CA ALA A 80 3.21 6.69 -3.68
C ALA A 80 4.30 7.73 -4.01
N GLU A 81 3.92 8.93 -4.46
CA GLU A 81 4.88 10.02 -4.66
C GLU A 81 5.49 10.51 -3.34
N THR A 82 4.76 10.51 -2.20
CA THR A 82 5.41 10.72 -0.88
C THR A 82 6.42 9.62 -0.54
N ILE A 83 6.05 8.35 -0.63
CA ILE A 83 6.90 7.23 -0.19
C ILE A 83 8.14 7.07 -1.08
N VAL A 84 8.02 7.42 -2.37
CA VAL A 84 9.14 7.49 -3.32
C VAL A 84 10.04 8.71 -3.08
N ARG A 85 9.52 9.92 -2.82
CA ARG A 85 10.39 11.07 -2.45
C ARG A 85 11.07 10.90 -1.09
N LEU A 86 10.50 10.06 -0.21
CA LEU A 86 11.01 9.71 1.11
C LEU A 86 11.80 8.37 1.14
N ALA A 87 12.20 7.82 -0.01
CA ALA A 87 12.86 6.51 -0.09
C ALA A 87 14.29 6.49 0.52
N ALA A 88 14.99 7.63 0.58
CA ALA A 88 16.22 7.80 1.37
C ALA A 88 16.28 9.12 2.17
N PRO A 89 15.94 10.31 1.62
CA PRO A 89 15.87 11.54 2.41
C PRO A 89 14.48 11.63 3.09
N ALA A 90 14.40 11.17 4.35
CA ALA A 90 13.16 11.02 5.10
C ALA A 90 13.24 11.67 6.50
N PRO A 91 13.18 13.02 6.58
CA PRO A 91 13.36 13.79 7.82
C PRO A 91 12.11 13.84 8.73
N SER A 92 11.06 13.06 8.42
CA SER A 92 9.75 13.00 9.08
C SER A 92 9.75 12.29 10.46
N GLY A 93 10.86 12.37 11.19
CA GLY A 93 11.01 11.85 12.56
C GLY A 93 10.70 12.89 13.63
N ASP A 94 10.44 14.14 13.26
CA ASP A 94 10.23 15.23 14.20
C ASP A 94 8.82 15.19 14.82
N GLN A 95 8.70 15.33 16.15
CA GLN A 95 7.42 15.36 16.86
C GLN A 95 7.21 16.64 17.68
N ASP A 96 8.28 17.18 18.27
CA ASP A 96 8.33 18.53 18.84
C ASP A 96 9.79 19.01 18.98
N ASP A 97 10.02 20.31 18.78
CA ASP A 97 11.32 20.99 18.89
C ASP A 97 11.26 22.21 19.84
N ALA A 98 10.06 22.64 20.23
CA ALA A 98 9.81 23.64 21.28
C ALA A 98 10.04 23.07 22.69
N SER A 99 10.84 23.74 23.50
CA SER A 99 10.97 23.46 24.94
C SER A 99 9.91 24.20 25.78
N GLU A 100 9.83 23.84 27.06
CA GLU A 100 9.11 24.52 28.15
C GLU A 100 7.57 24.51 28.05
N TYR A 101 6.91 25.06 29.08
CA TYR A 101 5.49 25.01 29.41
C TYR A 101 4.96 23.62 29.81
N GLU A 102 4.26 23.55 30.94
CA GLU A 102 3.61 22.34 31.49
C GLU A 102 2.35 22.76 32.30
N GLU A 103 1.29 21.95 32.29
CA GLU A 103 -0.02 22.28 32.87
C GLU A 103 -0.19 21.82 34.33
N GLY A 104 0.84 21.20 34.91
CA GLY A 104 0.96 20.92 36.34
C GLY A 104 -0.10 19.99 36.92
N VAL A 105 -0.47 18.93 36.20
CA VAL A 105 -1.51 17.98 36.62
C VAL A 105 -1.03 17.02 37.72
N ILE A 106 -1.96 16.31 38.35
CA ILE A 106 -1.73 15.51 39.57
C ILE A 106 -0.52 14.55 39.48
N ARG A 107 0.28 14.53 40.57
CA ARG A 107 1.62 13.92 40.71
C ARG A 107 2.66 14.52 39.78
N GLY A 7 -0.12 -8.97 -18.98
CA GLY A 7 -0.81 -10.00 -18.16
C GLY A 7 -2.12 -10.43 -18.81
N ALA A 8 -2.58 -11.67 -18.65
CA ALA A 8 -2.12 -12.77 -17.79
C ALA A 8 -1.94 -12.34 -16.31
N ALA A 9 -3.06 -12.10 -15.63
CA ALA A 9 -3.13 -11.45 -14.32
C ALA A 9 -2.40 -10.09 -14.34
N ALA A 10 -1.87 -9.62 -13.22
CA ALA A 10 -1.00 -8.44 -13.15
C ALA A 10 0.49 -8.84 -13.21
N GLY A 11 1.39 -7.89 -13.50
CA GLY A 11 2.82 -8.20 -13.59
C GLY A 11 3.78 -7.09 -14.04
N VAL A 12 3.39 -5.81 -14.03
CA VAL A 12 4.28 -4.70 -14.41
C VAL A 12 5.40 -4.51 -13.37
N SER A 13 6.60 -4.14 -13.82
CA SER A 13 7.80 -4.04 -12.98
C SER A 13 8.66 -2.82 -13.33
N ALA A 14 9.47 -2.35 -12.37
CA ALA A 14 10.38 -1.20 -12.51
C ALA A 14 9.73 0.04 -13.18
N ALA A 15 8.46 0.30 -12.83
CA ALA A 15 7.60 1.25 -13.53
C ALA A 15 8.05 2.71 -13.35
N GLY A 16 7.90 3.51 -14.41
CA GLY A 16 8.12 4.96 -14.40
C GLY A 16 6.95 5.75 -13.79
N ILE A 17 5.75 5.16 -13.75
CA ILE A 17 4.55 5.71 -13.10
C ILE A 17 3.87 4.61 -12.27
N GLU A 18 3.29 4.98 -11.12
CA GLU A 18 2.56 4.08 -10.19
C GLU A 18 3.34 2.79 -9.80
N PRO A 19 4.34 2.88 -8.90
CA PRO A 19 5.17 1.75 -8.50
C PRO A 19 4.45 0.67 -7.68
N ASP A 20 5.21 -0.38 -7.31
CA ASP A 20 4.74 -1.64 -6.73
C ASP A 20 3.89 -1.52 -5.45
N LEU A 21 3.97 -0.39 -4.72
CA LEU A 21 3.12 -0.11 -3.56
C LEU A 21 1.64 -0.28 -3.90
N THR A 22 1.23 0.23 -5.07
CA THR A 22 -0.15 0.15 -5.58
C THR A 22 -0.62 -1.30 -5.74
N ALA A 23 0.24 -2.15 -6.31
CA ALA A 23 -0.01 -3.58 -6.51
C ALA A 23 -0.07 -4.36 -5.19
N ILE A 24 0.80 -4.05 -4.22
CA ILE A 24 0.75 -4.65 -2.88
C ILE A 24 -0.58 -4.32 -2.19
N TRP A 25 -1.00 -3.04 -2.22
CA TRP A 25 -2.23 -2.61 -1.55
C TRP A 25 -3.47 -3.25 -2.20
N GLN A 26 -3.61 -3.20 -3.53
CA GLN A 26 -4.79 -3.78 -4.19
C GLN A 26 -4.82 -5.31 -4.17
N ALA A 27 -3.66 -5.99 -4.10
CA ALA A 27 -3.61 -7.42 -3.80
C ALA A 27 -4.10 -7.74 -2.37
N LEU A 28 -3.59 -7.05 -1.34
CA LEU A 28 -3.91 -7.33 0.06
C LEU A 28 -5.35 -6.95 0.42
N PHE A 29 -5.85 -5.83 -0.11
CA PHE A 29 -7.22 -5.39 0.05
C PHE A 29 -8.20 -6.04 -0.95
N ALA A 30 -7.71 -6.96 -1.79
CA ALA A 30 -8.47 -7.79 -2.74
C ALA A 30 -9.37 -7.02 -3.75
N LEU A 31 -9.11 -5.73 -3.97
CA LEU A 31 -9.90 -4.83 -4.84
C LEU A 31 -9.28 -4.67 -6.26
N PRO A 32 -10.07 -4.35 -7.30
CA PRO A 32 -9.59 -4.34 -8.69
C PRO A 32 -8.86 -3.06 -9.15
N ALA A 33 -9.18 -1.89 -8.60
CA ALA A 33 -8.73 -0.60 -9.14
C ALA A 33 -8.36 0.43 -8.06
N VAL A 34 -7.15 1.02 -8.14
CA VAL A 34 -6.57 1.87 -7.08
C VAL A 34 -5.69 3.02 -7.60
N GLY A 35 -5.57 4.09 -6.81
CA GLY A 35 -4.32 4.85 -6.67
C GLY A 35 -4.38 6.37 -6.90
N ARG A 36 -5.29 6.89 -7.71
CA ARG A 36 -5.33 8.33 -8.06
C ARG A 36 -6.31 9.14 -7.20
N HIS A 37 -7.32 8.46 -6.66
CA HIS A 37 -8.42 8.98 -5.88
C HIS A 37 -8.89 7.89 -4.88
N GLN A 38 -9.53 8.31 -3.80
CA GLN A 38 -9.84 7.56 -2.58
C GLN A 38 -8.63 7.40 -1.64
N ASP A 39 -8.85 7.66 -0.35
CA ASP A 39 -7.82 7.75 0.70
C ASP A 39 -7.54 6.44 1.44
N PHE A 40 -6.29 6.22 1.87
CA PHE A 40 -5.88 5.06 2.69
C PHE A 40 -6.81 4.76 3.87
N PHE A 41 -7.22 5.79 4.61
CA PHE A 41 -8.01 5.64 5.83
C PHE A 41 -9.34 4.92 5.56
N ALA A 42 -9.95 5.16 4.40
CA ALA A 42 -11.10 4.41 3.89
C ALA A 42 -10.71 3.09 3.19
N LEU A 43 -9.69 3.12 2.32
CA LEU A 43 -9.22 1.98 1.50
C LEU A 43 -8.87 0.74 2.33
N GLY A 44 -8.31 0.94 3.53
CA GLY A 44 -7.84 -0.17 4.36
C GLY A 44 -8.97 -1.06 4.89
N GLY A 45 -10.17 -0.51 5.11
CA GLY A 45 -11.40 -1.23 5.45
C GLY A 45 -11.50 -1.82 6.86
N ASP A 46 -10.38 -2.23 7.45
CA ASP A 46 -10.25 -2.75 8.81
C ASP A 46 -8.85 -2.38 9.35
N SER A 47 -8.70 -2.10 10.64
CA SER A 47 -7.36 -1.89 11.23
C SER A 47 -6.52 -3.16 11.29
N GLN A 48 -7.13 -4.36 11.29
CA GLN A 48 -6.42 -5.63 11.09
C GLN A 48 -5.82 -5.72 9.67
N LEU A 49 -6.56 -5.26 8.66
CA LEU A 49 -6.09 -5.16 7.28
C LEU A 49 -5.02 -4.06 7.13
N GLY A 50 -5.17 -2.92 7.82
CA GLY A 50 -4.14 -1.88 7.87
C GLY A 50 -2.83 -2.37 8.47
N LEU A 51 -2.89 -3.10 9.59
CA LEU A 51 -1.72 -3.66 10.27
C LEU A 51 -1.02 -4.75 9.44
N ARG A 52 -1.75 -5.69 8.82
CA ARG A 52 -1.11 -6.69 7.93
C ARG A 52 -0.60 -6.06 6.63
N MET A 53 -1.27 -5.02 6.12
CA MET A 53 -0.79 -4.26 4.95
C MET A 53 0.51 -3.52 5.27
N LEU A 54 0.61 -2.86 6.43
CA LEU A 54 1.86 -2.21 6.85
C LEU A 54 2.99 -3.25 7.01
N ALA A 55 2.73 -4.37 7.69
CA ALA A 55 3.73 -5.43 7.87
C ALA A 55 4.25 -6.01 6.54
N GLN A 56 3.35 -6.38 5.60
CA GLN A 56 3.74 -6.94 4.31
C GLN A 56 4.29 -5.88 3.34
N LEU A 57 3.78 -4.66 3.31
CA LEU A 57 4.40 -3.55 2.57
C LEU A 57 5.85 -3.33 3.03
N ARG A 58 6.10 -3.41 4.35
CA ARG A 58 7.43 -3.25 4.92
C ARG A 58 8.38 -4.40 4.55
N GLU A 59 8.00 -5.66 4.79
CA GLU A 59 8.87 -6.81 4.50
C GLU A 59 8.96 -7.20 3.01
N ARG A 60 8.01 -6.80 2.16
CA ARG A 60 8.11 -6.90 0.69
C ARG A 60 8.97 -5.78 0.10
N HIS A 61 8.66 -4.54 0.44
CA HIS A 61 9.13 -3.36 -0.30
C HIS A 61 10.21 -2.55 0.45
N GLY A 62 10.47 -2.84 1.73
CA GLY A 62 11.36 -2.04 2.58
C GLY A 62 10.76 -0.69 2.99
N VAL A 63 9.43 -0.60 3.07
CA VAL A 63 8.67 0.66 3.11
C VAL A 63 7.97 0.87 4.45
N ASP A 64 7.94 2.12 4.92
CA ASP A 64 7.31 2.52 6.18
C ASP A 64 6.42 3.76 6.01
N LEU A 65 5.35 3.85 6.83
CA LEU A 65 4.19 4.71 6.59
C LEU A 65 4.05 5.85 7.64
N PRO A 66 4.82 6.95 7.54
CA PRO A 66 4.70 8.11 8.43
C PRO A 66 3.39 8.88 8.25
N LEU A 67 2.76 9.24 9.36
CA LEU A 67 1.42 9.85 9.41
C LEU A 67 1.36 11.27 8.84
N ARG A 68 2.49 11.99 8.77
CA ARG A 68 2.62 13.26 8.04
C ARG A 68 2.37 13.09 6.55
N CYS A 69 3.13 12.20 5.91
CA CYS A 69 3.01 11.92 4.48
C CYS A 69 1.65 11.28 4.16
N LEU A 70 1.16 10.41 5.05
CA LEU A 70 -0.17 9.81 4.96
C LEU A 70 -1.31 10.83 5.05
N TYR A 71 -1.19 11.85 5.90
CA TYR A 71 -2.14 12.97 5.93
C TYR A 71 -2.09 13.77 4.63
N GLU A 72 -0.89 14.18 4.18
CA GLU A 72 -0.83 15.16 3.07
C GLU A 72 -1.05 14.53 1.69
N ALA A 73 -0.81 13.22 1.55
CA ALA A 73 -0.94 12.45 0.32
C ALA A 73 -1.49 11.01 0.52
N PRO A 74 -2.76 10.82 0.95
CA PRO A 74 -3.33 9.50 1.21
C PRO A 74 -3.76 8.68 -0.02
N THR A 75 -3.68 9.23 -1.24
CA THR A 75 -3.97 8.52 -2.51
C THR A 75 -2.74 7.74 -2.98
N VAL A 76 -2.87 6.45 -3.32
CA VAL A 76 -1.71 5.52 -3.32
C VAL A 76 -0.61 5.88 -4.32
N ALA A 77 -0.93 6.48 -5.46
CA ALA A 77 0.04 6.99 -6.43
C ALA A 77 0.86 8.16 -5.87
N ARG A 78 0.19 9.08 -5.16
CA ARG A 78 0.74 10.30 -4.56
C ARG A 78 1.44 10.02 -3.22
N LEU A 79 0.98 9.01 -2.51
CA LEU A 79 1.68 8.37 -1.41
C LEU A 79 2.96 7.70 -1.90
N ALA A 80 2.93 6.97 -3.01
CA ALA A 80 4.13 6.41 -3.61
C ALA A 80 5.08 7.52 -4.10
N GLU A 81 4.58 8.64 -4.63
CA GLU A 81 5.43 9.79 -4.98
C GLU A 81 6.16 10.30 -3.74
N THR A 82 5.44 10.60 -2.65
CA THR A 82 6.03 11.14 -1.42
C THR A 82 6.95 10.13 -0.72
N ILE A 83 6.50 8.90 -0.48
CA ILE A 83 7.28 7.87 0.23
C ILE A 83 8.52 7.41 -0.57
N VAL A 84 8.49 7.40 -1.91
CA VAL A 84 9.69 7.16 -2.72
C VAL A 84 10.59 8.40 -2.83
N ARG A 85 10.05 9.61 -3.08
CA ARG A 85 10.89 10.81 -3.33
C ARG A 85 11.46 11.45 -2.08
N LEU A 86 10.80 11.33 -0.93
CA LEU A 86 11.32 11.85 0.34
C LEU A 86 12.37 10.93 0.96
N ALA A 87 12.38 9.64 0.59
CA ALA A 87 13.47 8.72 0.91
C ALA A 87 14.76 9.12 0.19
N ALA A 88 15.89 9.05 0.89
CA ALA A 88 17.19 9.39 0.31
C ALA A 88 17.80 8.19 -0.46
N PRO A 89 18.48 7.22 0.18
CA PRO A 89 19.01 6.04 -0.52
C PRO A 89 17.91 5.02 -0.86
N ALA A 90 18.13 4.21 -1.90
CA ALA A 90 17.33 3.02 -2.22
C ALA A 90 18.13 1.81 -2.76
N PRO A 91 19.16 1.32 -2.04
CA PRO A 91 19.89 0.10 -2.39
C PRO A 91 19.13 -1.15 -1.92
N SER A 92 19.41 -2.30 -2.54
CA SER A 92 18.91 -3.59 -2.04
C SER A 92 19.41 -3.88 -0.62
N GLY A 93 18.57 -4.55 0.20
CA GLY A 93 18.90 -4.89 1.59
C GLY A 93 17.72 -5.32 2.47
N ASP A 94 16.48 -4.99 2.07
CA ASP A 94 15.27 -5.28 2.85
C ASP A 94 14.83 -6.75 2.71
N GLN A 95 14.36 -7.36 3.80
CA GLN A 95 14.20 -8.82 3.92
C GLN A 95 12.86 -9.26 4.54
N ASP A 96 12.50 -10.53 4.31
CA ASP A 96 11.18 -11.08 4.64
C ASP A 96 10.96 -11.19 6.17
N ASP A 97 9.69 -11.10 6.59
CA ASP A 97 9.22 -11.31 7.96
C ASP A 97 8.13 -12.40 8.04
N ALA A 98 7.45 -12.67 6.91
CA ALA A 98 6.56 -13.82 6.72
C ALA A 98 7.21 -14.88 5.81
N SER A 99 6.94 -16.16 6.06
CA SER A 99 7.49 -17.27 5.29
C SER A 99 6.71 -17.53 4.01
N GLU A 100 7.37 -18.15 3.02
CA GLU A 100 6.82 -18.39 1.68
C GLU A 100 6.77 -19.87 1.30
N TYR A 101 5.88 -20.23 0.38
CA TYR A 101 5.52 -21.62 0.07
C TYR A 101 5.31 -21.85 -1.43
N GLU A 102 5.56 -23.07 -1.91
CA GLU A 102 5.46 -23.47 -3.32
C GLU A 102 4.56 -24.72 -3.49
N GLU A 103 3.85 -24.81 -4.61
CA GLU A 103 3.23 -26.06 -5.09
C GLU A 103 3.74 -26.49 -6.48
N GLY A 104 4.36 -25.59 -7.25
CA GLY A 104 4.99 -25.92 -8.54
C GLY A 104 4.00 -26.18 -9.68
N VAL A 105 2.82 -25.53 -9.66
CA VAL A 105 1.75 -25.65 -10.66
C VAL A 105 1.24 -27.09 -10.79
N ILE A 106 0.56 -27.58 -9.74
CA ILE A 106 -0.01 -28.93 -9.65
C ILE A 106 -1.41 -28.91 -9.00
N ARG A 107 -2.31 -29.75 -9.50
CA ARG A 107 -3.72 -29.82 -9.05
C ARG A 107 -3.94 -30.96 -8.06
N GLY A 7 -22.93 -13.91 -18.39
CA GLY A 7 -21.68 -14.21 -17.67
C GLY A 7 -20.99 -12.93 -17.25
N ALA A 8 -19.74 -12.71 -17.66
CA ALA A 8 -18.93 -11.52 -17.40
C ALA A 8 -18.72 -11.16 -15.90
N ALA A 9 -18.90 -12.10 -14.97
CA ALA A 9 -18.67 -11.90 -13.55
C ALA A 9 -17.17 -11.92 -13.21
N ALA A 10 -16.71 -10.95 -12.42
CA ALA A 10 -15.30 -10.70 -12.11
C ALA A 10 -14.40 -10.70 -13.39
N GLY A 11 -13.20 -11.27 -13.31
CA GLY A 11 -12.32 -11.46 -14.47
C GLY A 11 -11.59 -10.19 -14.94
N VAL A 12 -11.41 -9.19 -14.08
CA VAL A 12 -10.64 -7.98 -14.38
C VAL A 12 -9.15 -8.21 -14.09
N SER A 13 -8.30 -7.92 -15.08
CA SER A 13 -6.84 -8.00 -15.00
C SER A 13 -6.20 -6.69 -14.58
N ALA A 14 -4.94 -6.73 -14.14
CA ALA A 14 -4.15 -5.55 -13.84
C ALA A 14 -3.90 -4.70 -15.11
N ALA A 15 -3.95 -3.38 -14.97
CA ALA A 15 -3.87 -2.42 -16.08
C ALA A 15 -2.60 -1.56 -16.02
N GLY A 16 -1.92 -1.45 -17.17
CA GLY A 16 -0.71 -0.64 -17.34
C GLY A 16 0.43 -1.07 -16.43
N ILE A 17 1.12 -0.08 -15.88
CA ILE A 17 2.02 -0.21 -14.72
C ILE A 17 1.52 0.69 -13.59
N GLU A 18 1.83 0.32 -12.34
CA GLU A 18 1.45 1.07 -11.15
C GLU A 18 2.56 1.04 -10.07
N PRO A 19 2.59 2.00 -9.13
CA PRO A 19 3.54 1.99 -8.03
C PRO A 19 3.44 0.71 -7.19
N ASP A 20 4.59 0.17 -6.77
CA ASP A 20 4.67 -1.15 -6.14
C ASP A 20 3.83 -1.28 -4.86
N LEU A 21 3.60 -0.17 -4.15
CA LEU A 21 2.72 -0.12 -2.98
C LEU A 21 1.26 -0.40 -3.38
N THR A 22 0.73 0.27 -4.42
CA THR A 22 -0.62 0.00 -4.93
C THR A 22 -0.75 -1.42 -5.48
N ALA A 23 0.30 -1.97 -6.11
CA ALA A 23 0.34 -3.37 -6.58
C ALA A 23 0.20 -4.39 -5.43
N ILE A 24 1.03 -4.26 -4.38
CA ILE A 24 0.97 -5.11 -3.19
C ILE A 24 -0.38 -4.95 -2.47
N TRP A 25 -0.96 -3.75 -2.46
CA TRP A 25 -2.24 -3.51 -1.80
C TRP A 25 -3.43 -4.07 -2.59
N GLN A 26 -3.48 -3.93 -3.91
CA GLN A 26 -4.51 -4.62 -4.71
C GLN A 26 -4.35 -6.15 -4.70
N ALA A 27 -3.13 -6.67 -4.48
CA ALA A 27 -2.91 -8.09 -4.23
C ALA A 27 -3.41 -8.58 -2.85
N LEU A 28 -3.23 -7.79 -1.78
CA LEU A 28 -3.67 -8.15 -0.42
C LEU A 28 -5.18 -7.93 -0.20
N PHE A 29 -5.74 -6.87 -0.77
CA PHE A 29 -7.17 -6.53 -0.66
C PHE A 29 -8.04 -7.19 -1.75
N ALA A 30 -7.43 -7.90 -2.71
CA ALA A 30 -8.07 -8.79 -3.70
C ALA A 30 -9.16 -8.19 -4.62
N LEU A 31 -9.27 -6.86 -4.66
CA LEU A 31 -10.14 -6.08 -5.55
C LEU A 31 -9.53 -5.90 -6.97
N PRO A 32 -10.34 -5.56 -7.99
CA PRO A 32 -9.87 -5.30 -9.37
C PRO A 32 -8.74 -4.26 -9.49
N ALA A 33 -8.84 -3.13 -8.79
CA ALA A 33 -7.80 -2.09 -8.71
C ALA A 33 -7.97 -1.22 -7.45
N VAL A 34 -6.89 -0.73 -6.86
CA VAL A 34 -6.89 0.15 -5.67
C VAL A 34 -6.45 1.58 -6.05
N GLY A 35 -7.20 2.60 -5.62
CA GLY A 35 -6.99 3.98 -6.05
C GLY A 35 -8.17 4.91 -5.73
N ARG A 36 -8.52 5.77 -6.69
CA ARG A 36 -9.48 6.89 -6.56
C ARG A 36 -9.02 7.93 -5.51
N HIS A 37 -9.83 8.96 -5.26
CA HIS A 37 -9.56 9.99 -4.23
C HIS A 37 -9.67 9.48 -2.78
N GLN A 38 -9.98 8.19 -2.63
CA GLN A 38 -10.19 7.52 -1.35
C GLN A 38 -8.88 7.39 -0.57
N ASP A 39 -8.96 7.59 0.74
CA ASP A 39 -7.82 7.57 1.66
C ASP A 39 -7.41 6.13 2.01
N PHE A 40 -6.10 5.86 2.16
CA PHE A 40 -5.58 4.51 2.48
C PHE A 40 -6.25 3.85 3.70
N PHE A 41 -6.53 4.60 4.75
CA PHE A 41 -7.21 4.13 5.97
C PHE A 41 -8.63 3.58 5.72
N ALA A 42 -9.33 4.09 4.70
CA ALA A 42 -10.62 3.61 4.24
C ALA A 42 -10.51 2.53 3.14
N LEU A 43 -9.51 2.66 2.25
CA LEU A 43 -9.19 1.68 1.21
C LEU A 43 -8.78 0.31 1.78
N GLY A 44 -8.20 0.28 2.99
CA GLY A 44 -7.88 -0.96 3.68
C GLY A 44 -9.08 -1.72 4.27
N GLY A 45 -10.26 -1.07 4.35
CA GLY A 45 -11.53 -1.67 4.82
C GLY A 45 -11.63 -1.85 6.33
N ASP A 46 -10.53 -2.16 7.02
CA ASP A 46 -10.38 -2.07 8.48
C ASP A 46 -9.00 -1.46 8.80
N SER A 47 -8.87 -0.73 9.90
CA SER A 47 -7.56 -0.21 10.35
C SER A 47 -6.59 -1.34 10.73
N GLN A 48 -7.10 -2.46 11.26
CA GLN A 48 -6.28 -3.64 11.49
C GLN A 48 -5.82 -4.30 10.18
N LEU A 49 -6.59 -4.23 9.08
CA LEU A 49 -6.10 -4.62 7.76
C LEU A 49 -5.08 -3.60 7.22
N GLY A 50 -5.27 -2.30 7.43
CA GLY A 50 -4.29 -1.28 7.08
C GLY A 50 -2.93 -1.52 7.75
N LEU A 51 -2.94 -1.81 9.06
CA LEU A 51 -1.74 -2.19 9.82
C LEU A 51 -1.19 -3.58 9.45
N ARG A 52 -2.03 -4.55 9.07
CA ARG A 52 -1.60 -5.84 8.49
C ARG A 52 -0.80 -5.61 7.21
N MET A 53 -1.35 -4.87 6.26
CA MET A 53 -0.73 -4.69 4.94
C MET A 53 0.48 -3.74 5.00
N LEU A 54 0.50 -2.76 5.90
CA LEU A 54 1.68 -1.93 6.16
C LEU A 54 2.81 -2.76 6.78
N ALA A 55 2.53 -3.54 7.84
CA ALA A 55 3.57 -4.35 8.48
C ALA A 55 4.13 -5.44 7.55
N GLN A 56 3.27 -6.11 6.77
CA GLN A 56 3.72 -7.10 5.79
C GLN A 56 4.49 -6.44 4.64
N LEU A 57 4.06 -5.27 4.13
CA LEU A 57 4.86 -4.48 3.18
C LEU A 57 6.24 -4.12 3.75
N ARG A 58 6.30 -3.67 5.02
CA ARG A 58 7.57 -3.30 5.66
C ARG A 58 8.50 -4.49 5.85
N GLU A 59 7.98 -5.62 6.35
CA GLU A 59 8.78 -6.81 6.64
C GLU A 59 9.16 -7.61 5.37
N ARG A 60 8.39 -7.49 4.29
CA ARG A 60 8.71 -8.05 2.95
C ARG A 60 9.68 -7.16 2.17
N HIS A 61 9.52 -5.84 2.22
CA HIS A 61 10.05 -4.90 1.22
C HIS A 61 10.84 -3.71 1.81
N GLY A 62 10.90 -3.54 3.13
CA GLY A 62 11.64 -2.48 3.84
C GLY A 62 10.98 -1.10 3.84
N VAL A 63 9.70 -0.98 3.47
CA VAL A 63 9.03 0.31 3.16
C VAL A 63 8.24 0.82 4.36
N ASP A 64 8.31 2.12 4.63
CA ASP A 64 7.84 2.75 5.88
C ASP A 64 6.86 3.90 5.56
N LEU A 65 5.69 3.93 6.22
CA LEU A 65 4.59 4.86 5.93
C LEU A 65 4.37 5.82 7.12
N PRO A 66 4.92 7.03 7.10
CA PRO A 66 4.77 7.98 8.19
C PRO A 66 3.42 8.70 8.16
N LEU A 67 2.83 8.92 9.35
CA LEU A 67 1.54 9.59 9.49
C LEU A 67 1.51 11.02 8.92
N ARG A 68 2.67 11.68 8.74
CA ARG A 68 2.80 12.95 7.99
C ARG A 68 2.58 12.81 6.49
N CYS A 69 3.05 11.72 5.86
CA CYS A 69 2.70 11.42 4.46
C CYS A 69 1.22 11.04 4.34
N LEU A 70 0.70 10.32 5.34
CA LEU A 70 -0.73 9.99 5.44
C LEU A 70 -1.61 11.24 5.67
N TYR A 71 -1.07 12.27 6.34
CA TYR A 71 -1.71 13.56 6.54
C TYR A 71 -1.70 14.40 5.25
N GLU A 72 -0.59 14.44 4.51
CA GLU A 72 -0.45 15.35 3.34
C GLU A 72 -0.90 14.74 2.00
N ALA A 73 -0.77 13.42 1.82
CA ALA A 73 -1.10 12.71 0.58
C ALA A 73 -1.71 11.31 0.85
N PRO A 74 -2.92 11.19 1.43
CA PRO A 74 -3.52 9.90 1.82
C PRO A 74 -3.95 8.96 0.69
N THR A 75 -3.96 9.41 -0.57
CA THR A 75 -4.32 8.58 -1.74
C THR A 75 -3.13 7.71 -2.18
N VAL A 76 -3.33 6.40 -2.39
CA VAL A 76 -2.24 5.40 -2.37
C VAL A 76 -1.10 5.64 -3.38
N ALA A 77 -1.38 6.10 -4.60
CA ALA A 77 -0.34 6.38 -5.59
C ALA A 77 0.38 7.71 -5.32
N ARG A 78 -0.32 8.69 -4.75
CA ARG A 78 0.22 9.99 -4.35
C ARG A 78 1.09 9.87 -3.11
N LEU A 79 0.64 9.05 -2.16
CA LEU A 79 1.43 8.55 -1.04
C LEU A 79 2.70 7.89 -1.55
N ALA A 80 2.61 6.89 -2.43
CA ALA A 80 3.77 6.24 -3.03
C ALA A 80 4.72 7.25 -3.71
N GLU A 81 4.19 8.28 -4.37
CA GLU A 81 4.99 9.33 -4.97
C GLU A 81 5.78 10.12 -3.93
N THR A 82 5.17 10.49 -2.79
CA THR A 82 5.92 11.10 -1.67
C THR A 82 6.97 10.16 -1.10
N ILE A 83 6.65 8.87 -0.91
CA ILE A 83 7.60 7.87 -0.39
C ILE A 83 8.83 7.72 -1.31
N VAL A 84 8.62 7.75 -2.64
CA VAL A 84 9.69 7.63 -3.65
C VAL A 84 10.52 8.91 -3.78
N ARG A 85 9.90 10.10 -3.81
CA ARG A 85 10.63 11.37 -3.99
C ARG A 85 11.32 11.90 -2.73
N LEU A 86 10.83 11.53 -1.54
CA LEU A 86 11.50 11.77 -0.25
C LEU A 86 12.55 10.70 0.06
N ALA A 87 12.35 9.46 -0.42
CA ALA A 87 13.31 8.34 -0.37
C ALA A 87 13.87 8.01 1.03
N ALA A 88 13.11 8.27 2.10
CA ALA A 88 13.56 8.18 3.49
C ALA A 88 12.96 7.06 4.39
N PRO A 89 12.49 5.89 3.90
CA PRO A 89 11.98 4.82 4.77
C PRO A 89 13.07 4.09 5.57
N ALA A 90 14.35 4.35 5.27
CA ALA A 90 15.53 3.82 5.96
C ALA A 90 15.57 2.27 6.05
N PRO A 91 15.48 1.55 4.92
CA PRO A 91 15.28 0.10 4.89
C PRO A 91 16.45 -0.67 5.53
N SER A 92 16.13 -1.69 6.32
CA SER A 92 17.11 -2.61 6.92
C SER A 92 17.86 -3.42 5.86
N GLY A 93 17.20 -3.71 4.73
CA GLY A 93 17.80 -4.25 3.50
C GLY A 93 16.86 -5.09 2.60
N ASP A 94 15.57 -5.20 2.92
CA ASP A 94 14.67 -6.22 2.36
C ASP A 94 14.10 -5.97 0.95
N GLN A 95 13.68 -7.05 0.30
CA GLN A 95 13.20 -7.11 -1.09
C GLN A 95 12.20 -8.25 -1.30
N ASP A 96 11.24 -8.05 -2.20
CA ASP A 96 10.16 -8.99 -2.43
C ASP A 96 9.58 -8.89 -3.86
N ASP A 97 9.15 -10.03 -4.41
CA ASP A 97 8.49 -10.16 -5.71
C ASP A 97 7.05 -10.73 -5.64
N ALA A 98 6.54 -10.95 -4.43
CA ALA A 98 5.20 -11.42 -4.10
C ALA A 98 4.86 -12.87 -4.53
N SER A 99 3.99 -13.54 -3.76
CA SER A 99 3.40 -14.83 -4.16
C SER A 99 2.05 -14.63 -4.85
N GLU A 100 1.85 -15.28 -5.99
CA GLU A 100 0.78 -14.97 -6.96
C GLU A 100 -0.51 -15.80 -6.78
N TYR A 101 -1.65 -15.20 -7.14
CA TYR A 101 -2.99 -15.80 -7.13
C TYR A 101 -3.77 -15.43 -8.41
N GLU A 102 -4.47 -16.39 -9.01
CA GLU A 102 -5.24 -16.18 -10.24
C GLU A 102 -6.43 -17.15 -10.39
N GLU A 103 -7.58 -16.62 -10.79
CA GLU A 103 -8.77 -17.39 -11.21
C GLU A 103 -9.34 -16.95 -12.59
N GLY A 104 -9.22 -15.68 -12.97
CA GLY A 104 -9.81 -15.12 -14.19
C GLY A 104 -8.97 -15.28 -15.47
N VAL A 105 -7.65 -15.47 -15.32
CA VAL A 105 -6.61 -15.66 -16.34
C VAL A 105 -6.40 -14.56 -17.39
N ILE A 106 -5.15 -14.39 -17.84
CA ILE A 106 -4.70 -13.34 -18.77
C ILE A 106 -3.99 -13.88 -20.01
N ARG A 107 -3.97 -13.03 -21.06
CA ARG A 107 -3.29 -13.24 -22.35
C ARG A 107 -3.60 -14.61 -22.96
N GLY A 7 -3.36 -21.25 -0.45
CA GLY A 7 -2.10 -20.59 -0.84
C GLY A 7 -2.31 -19.74 -2.08
N ALA A 8 -1.23 -19.15 -2.59
CA ALA A 8 -1.21 -18.28 -3.77
C ALA A 8 0.10 -18.43 -4.55
N ALA A 9 0.08 -18.10 -5.84
CA ALA A 9 1.27 -18.07 -6.69
C ALA A 9 2.23 -16.93 -6.28
N ALA A 10 3.53 -17.23 -6.16
CA ALA A 10 4.58 -16.30 -5.76
C ALA A 10 5.88 -16.58 -6.54
N GLY A 11 6.83 -15.65 -6.53
CA GLY A 11 8.09 -15.74 -7.28
C GLY A 11 7.96 -15.62 -8.81
N VAL A 12 6.74 -15.45 -9.31
CA VAL A 12 6.39 -15.39 -10.75
C VAL A 12 6.21 -13.95 -11.26
N SER A 13 6.28 -13.77 -12.57
CA SER A 13 5.97 -12.53 -13.29
C SER A 13 4.79 -12.70 -14.27
N ALA A 14 4.09 -11.60 -14.57
CA ALA A 14 2.93 -11.56 -15.47
C ALA A 14 3.04 -10.40 -16.48
N ALA A 15 2.16 -10.39 -17.48
CA ALA A 15 2.06 -9.33 -18.49
C ALA A 15 1.99 -7.91 -17.86
N GLY A 16 2.97 -7.06 -18.21
CA GLY A 16 3.12 -5.69 -17.71
C GLY A 16 3.57 -5.55 -16.25
N ILE A 17 3.66 -4.31 -15.77
CA ILE A 17 3.86 -3.97 -14.34
C ILE A 17 3.07 -2.72 -13.95
N GLU A 18 2.73 -2.60 -12.66
CA GLU A 18 2.07 -1.42 -12.08
C GLU A 18 2.64 -1.11 -10.67
N PRO A 19 2.50 0.13 -10.17
CA PRO A 19 3.26 0.62 -9.01
C PRO A 19 3.11 -0.29 -7.77
N ASP A 20 4.26 -0.60 -7.15
CA ASP A 20 4.40 -1.61 -6.09
C ASP A 20 3.42 -1.38 -4.93
N LEU A 21 3.22 -0.12 -4.52
CA LEU A 21 2.25 0.27 -3.49
C LEU A 21 0.84 -0.24 -3.85
N THR A 22 0.35 0.11 -5.05
CA THR A 22 -0.98 -0.31 -5.51
C THR A 22 -1.09 -1.81 -5.79
N ALA A 23 -0.02 -2.45 -6.29
CA ALA A 23 0.00 -3.89 -6.54
C ALA A 23 -0.06 -4.71 -5.24
N ILE A 24 0.69 -4.30 -4.22
CA ILE A 24 0.70 -4.94 -2.91
C ILE A 24 -0.63 -4.69 -2.20
N TRP A 25 -1.16 -3.45 -2.23
CA TRP A 25 -2.43 -3.13 -1.57
C TRP A 25 -3.62 -3.87 -2.21
N GLN A 26 -3.71 -3.95 -3.55
CA GLN A 26 -4.80 -4.67 -4.21
C GLN A 26 -4.67 -6.20 -4.05
N ALA A 27 -3.44 -6.75 -4.05
CA ALA A 27 -3.24 -8.17 -3.75
C ALA A 27 -3.63 -8.52 -2.30
N LEU A 28 -3.27 -7.67 -1.33
CA LEU A 28 -3.52 -7.88 0.10
C LEU A 28 -5.01 -7.66 0.45
N PHE A 29 -5.67 -6.70 -0.20
CA PHE A 29 -7.13 -6.51 -0.12
C PHE A 29 -7.93 -7.53 -0.97
N ALA A 30 -7.25 -8.43 -1.70
CA ALA A 30 -7.82 -9.54 -2.46
C ALA A 30 -8.86 -9.15 -3.53
N LEU A 31 -8.54 -8.13 -4.33
CA LEU A 31 -9.36 -7.66 -5.45
C LEU A 31 -8.51 -7.30 -6.69
N PRO A 32 -9.10 -7.15 -7.90
CA PRO A 32 -8.33 -6.85 -9.11
C PRO A 32 -7.60 -5.49 -9.07
N ALA A 33 -8.24 -4.44 -8.55
CA ALA A 33 -7.70 -3.08 -8.61
C ALA A 33 -8.18 -2.17 -7.46
N VAL A 34 -7.29 -1.28 -7.02
CA VAL A 34 -7.60 -0.08 -6.22
C VAL A 34 -7.40 1.18 -7.06
N GLY A 35 -8.21 2.21 -6.82
CA GLY A 35 -8.13 3.47 -7.56
C GLY A 35 -6.93 4.32 -7.13
N ARG A 36 -6.17 4.86 -8.10
CA ARG A 36 -4.96 5.66 -7.84
C ARG A 36 -5.23 6.97 -7.11
N HIS A 37 -6.48 7.45 -7.11
CA HIS A 37 -6.93 8.66 -6.45
C HIS A 37 -8.01 8.42 -5.36
N GLN A 38 -8.08 7.19 -4.82
CA GLN A 38 -8.77 6.88 -3.55
C GLN A 38 -7.84 7.07 -2.32
N ASP A 39 -8.43 7.37 -1.17
CA ASP A 39 -7.71 7.70 0.07
C ASP A 39 -7.60 6.48 1.02
N PHE A 40 -6.53 6.37 1.80
CA PHE A 40 -6.32 5.25 2.74
C PHE A 40 -7.46 5.08 3.76
N PHE A 41 -8.15 6.18 4.10
CA PHE A 41 -9.35 6.22 4.94
C PHE A 41 -10.52 5.36 4.42
N ALA A 42 -10.52 4.99 3.13
CA ALA A 42 -11.39 3.98 2.55
C ALA A 42 -10.64 2.69 2.17
N LEU A 43 -9.45 2.81 1.58
CA LEU A 43 -8.73 1.69 0.97
C LEU A 43 -8.25 0.65 1.98
N GLY A 44 -8.00 1.03 3.23
CA GLY A 44 -7.47 0.13 4.25
C GLY A 44 -8.51 -0.79 4.89
N GLY A 45 -9.80 -0.44 4.84
CA GLY A 45 -10.97 -1.27 5.21
C GLY A 45 -11.15 -1.65 6.69
N ASP A 46 -10.07 -1.89 7.44
CA ASP A 46 -10.06 -2.20 8.87
C ASP A 46 -8.73 -1.73 9.49
N SER A 47 -8.68 -1.42 10.79
CA SER A 47 -7.41 -1.11 11.46
C SER A 47 -6.47 -2.32 11.55
N GLN A 48 -7.04 -3.52 11.70
CA GLN A 48 -6.29 -4.79 11.71
C GLN A 48 -5.65 -5.05 10.34
N LEU A 49 -6.41 -4.81 9.27
CA LEU A 49 -5.95 -4.92 7.89
C LEU A 49 -4.96 -3.80 7.55
N GLY A 50 -5.13 -2.58 8.07
CA GLY A 50 -4.15 -1.48 7.96
C GLY A 50 -2.80 -1.80 8.60
N LEU A 51 -2.81 -2.40 9.81
CA LEU A 51 -1.60 -2.93 10.45
C LEU A 51 -0.95 -4.05 9.65
N ARG A 52 -1.74 -5.01 9.12
CA ARG A 52 -1.26 -6.08 8.24
C ARG A 52 -0.70 -5.52 6.92
N MET A 53 -1.31 -4.46 6.38
CA MET A 53 -0.91 -3.79 5.14
C MET A 53 0.45 -3.12 5.30
N LEU A 54 0.67 -2.40 6.40
CA LEU A 54 2.01 -1.90 6.78
C LEU A 54 3.03 -3.05 6.91
N ALA A 55 2.73 -4.06 7.73
CA ALA A 55 3.67 -5.15 8.02
C ALA A 55 4.07 -5.93 6.76
N GLN A 56 3.10 -6.32 5.93
CA GLN A 56 3.36 -7.10 4.72
C GLN A 56 3.95 -6.24 3.59
N LEU A 57 3.61 -4.95 3.45
CA LEU A 57 4.33 -4.05 2.55
C LEU A 57 5.79 -3.85 2.99
N ARG A 58 6.05 -3.70 4.29
CA ARG A 58 7.42 -3.54 4.78
C ARG A 58 8.23 -4.84 4.65
N GLU A 59 7.62 -5.99 4.88
CA GLU A 59 8.29 -7.30 4.78
C GLU A 59 8.46 -7.80 3.32
N ARG A 60 7.59 -7.40 2.39
CA ARG A 60 7.73 -7.70 0.94
C ARG A 60 8.60 -6.69 0.20
N HIS A 61 8.53 -5.41 0.59
CA HIS A 61 9.05 -4.28 -0.21
C HIS A 61 9.94 -3.28 0.54
N GLY A 62 10.15 -3.41 1.86
CA GLY A 62 10.99 -2.50 2.65
C GLY A 62 10.41 -1.08 2.83
N VAL A 63 9.11 -0.90 2.59
CA VAL A 63 8.45 0.42 2.57
C VAL A 63 7.60 0.64 3.81
N ASP A 64 7.64 1.87 4.31
CA ASP A 64 6.96 2.37 5.52
C ASP A 64 5.62 3.06 5.17
N LEU A 65 4.76 3.29 6.16
CA LEU A 65 3.52 4.08 6.02
C LEU A 65 3.51 5.24 7.03
N PRO A 66 4.27 6.33 6.81
CA PRO A 66 4.52 7.36 7.81
C PRO A 66 3.31 8.27 8.04
N LEU A 67 3.01 8.58 9.31
CA LEU A 67 1.85 9.39 9.68
C LEU A 67 1.90 10.84 9.17
N ARG A 68 3.08 11.42 8.96
CA ARG A 68 3.24 12.73 8.28
C ARG A 68 2.87 12.67 6.79
N CYS A 69 3.29 11.62 6.09
CA CYS A 69 2.93 11.36 4.68
C CYS A 69 1.42 11.07 4.55
N LEU A 70 0.87 10.23 5.43
CA LEU A 70 -0.57 9.92 5.51
C LEU A 70 -1.41 11.18 5.82
N TYR A 71 -0.89 12.08 6.66
CA TYR A 71 -1.55 13.36 6.96
C TYR A 71 -1.55 14.30 5.74
N GLU A 72 -0.43 14.44 5.04
CA GLU A 72 -0.29 15.43 3.95
C GLU A 72 -0.66 14.93 2.54
N ALA A 73 -0.73 13.60 2.35
CA ALA A 73 -0.87 12.91 1.07
C ALA A 73 -1.58 11.54 1.22
N PRO A 74 -2.80 11.47 1.80
CA PRO A 74 -3.49 10.19 2.12
C PRO A 74 -3.92 9.35 0.90
N THR A 75 -3.83 9.92 -0.31
CA THR A 75 -4.30 9.34 -1.56
C THR A 75 -3.15 8.61 -2.26
N VAL A 76 -3.35 7.36 -2.70
CA VAL A 76 -2.22 6.45 -2.99
C VAL A 76 -1.21 6.93 -4.04
N ALA A 77 -1.62 7.66 -5.08
CA ALA A 77 -0.67 8.29 -6.00
C ALA A 77 0.21 9.34 -5.30
N ARG A 78 -0.40 10.23 -4.49
CA ARG A 78 0.32 11.25 -3.71
C ARG A 78 1.24 10.62 -2.67
N LEU A 79 0.75 9.58 -2.00
CA LEU A 79 1.49 8.79 -1.01
C LEU A 79 2.74 8.14 -1.63
N ALA A 80 2.58 7.44 -2.75
CA ALA A 80 3.68 6.75 -3.41
C ALA A 80 4.68 7.73 -4.06
N GLU A 81 4.19 8.83 -4.63
CA GLU A 81 5.05 9.85 -5.26
C GLU A 81 5.84 10.64 -4.21
N THR A 82 5.27 10.92 -3.03
CA THR A 82 6.00 11.53 -1.90
C THR A 82 7.00 10.55 -1.28
N ILE A 83 6.62 9.29 -1.08
CA ILE A 83 7.52 8.24 -0.57
C ILE A 83 8.74 8.01 -1.49
N VAL A 84 8.58 8.09 -2.82
CA VAL A 84 9.70 7.99 -3.76
C VAL A 84 10.48 9.31 -3.89
N ARG A 85 9.82 10.47 -3.92
CA ARG A 85 10.45 11.81 -3.93
C ARG A 85 11.36 12.03 -2.72
N LEU A 86 10.84 11.74 -1.53
CA LEU A 86 11.46 12.02 -0.24
C LEU A 86 12.19 10.79 0.33
N ALA A 87 12.27 9.69 -0.43
CA ALA A 87 13.03 8.48 -0.14
C ALA A 87 12.73 7.84 1.24
N ALA A 88 11.45 7.78 1.61
CA ALA A 88 10.93 7.17 2.85
C ALA A 88 11.61 7.72 4.14
N PRO A 89 11.43 7.13 5.34
CA PRO A 89 12.15 7.53 6.56
C PRO A 89 13.67 7.23 6.59
N ALA A 90 14.33 7.04 5.43
CA ALA A 90 15.73 6.64 5.28
C ALA A 90 16.12 5.33 6.01
N PRO A 91 15.58 4.16 5.60
CA PRO A 91 15.89 2.84 6.16
C PRO A 91 17.27 2.26 5.76
N SER A 92 18.18 3.07 5.19
CA SER A 92 19.54 2.68 4.81
C SER A 92 19.61 1.50 3.83
N GLY A 93 18.75 1.50 2.81
CA GLY A 93 18.71 0.48 1.77
C GLY A 93 17.44 0.58 0.93
N ASP A 94 17.45 -0.06 -0.24
CA ASP A 94 16.28 -0.15 -1.13
C ASP A 94 16.15 -1.54 -1.77
N GLN A 95 14.94 -2.10 -1.80
CA GLN A 95 14.63 -3.41 -2.39
C GLN A 95 13.57 -3.33 -3.50
N ASP A 96 13.62 -4.27 -4.45
CA ASP A 96 12.64 -4.48 -5.51
C ASP A 96 12.74 -5.90 -6.07
N ASP A 97 11.65 -6.67 -6.06
CA ASP A 97 11.64 -8.11 -6.43
C ASP A 97 10.66 -8.48 -7.56
N ALA A 98 9.79 -7.54 -7.98
CA ALA A 98 8.81 -7.74 -9.05
C ALA A 98 9.35 -7.44 -10.46
N SER A 99 8.84 -8.13 -11.48
CA SER A 99 9.19 -7.94 -12.90
C SER A 99 8.00 -8.17 -13.84
N GLU A 100 8.06 -7.63 -15.05
CA GLU A 100 7.10 -7.95 -16.12
C GLU A 100 7.48 -9.23 -16.90
N TYR A 101 6.46 -9.88 -17.46
CA TYR A 101 6.52 -10.91 -18.51
C TYR A 101 5.66 -10.44 -19.71
N GLU A 102 5.27 -11.34 -20.62
CA GLU A 102 4.47 -11.01 -21.81
C GLU A 102 3.33 -12.00 -22.10
N GLU A 103 2.16 -11.46 -22.42
CA GLU A 103 0.98 -12.22 -22.88
C GLU A 103 0.17 -11.50 -23.98
N GLY A 104 0.60 -10.30 -24.40
CA GLY A 104 -0.01 -9.52 -25.49
C GLY A 104 0.29 -10.12 -26.85
N VAL A 105 1.37 -9.66 -27.50
CA VAL A 105 1.79 -10.11 -28.85
C VAL A 105 0.66 -9.92 -29.88
N ILE A 106 -0.12 -8.84 -29.71
CA ILE A 106 -1.30 -8.47 -30.48
C ILE A 106 -1.37 -6.94 -30.60
N ARG A 107 -2.03 -6.43 -31.64
CA ARG A 107 -2.05 -5.01 -32.05
C ARG A 107 -0.64 -4.43 -32.13
N GLY A 7 -20.34 4.91 -0.70
CA GLY A 7 -18.97 5.27 -1.15
C GLY A 7 -18.96 5.61 -2.63
N ALA A 8 -17.90 5.24 -3.34
CA ALA A 8 -17.70 5.52 -4.76
C ALA A 8 -16.96 4.38 -5.52
N ALA A 9 -16.78 4.53 -6.83
CA ALA A 9 -15.93 3.69 -7.65
C ALA A 9 -15.17 4.49 -8.73
N ALA A 10 -13.93 4.07 -9.00
CA ALA A 10 -13.01 4.66 -9.97
C ALA A 10 -12.25 3.58 -10.79
N GLY A 11 -11.82 3.95 -12.00
CA GLY A 11 -11.12 3.09 -12.96
C GLY A 11 -9.60 3.00 -12.76
N VAL A 12 -8.93 2.21 -13.60
CA VAL A 12 -7.50 1.86 -13.49
C VAL A 12 -6.59 2.63 -14.45
N SER A 13 -7.12 3.20 -15.54
CA SER A 13 -6.46 4.14 -16.48
C SER A 13 -5.00 3.78 -16.86
N ALA A 14 -4.74 2.49 -17.14
CA ALA A 14 -3.43 1.87 -16.97
C ALA A 14 -2.28 2.49 -17.81
N ALA A 15 -1.15 2.72 -17.14
CA ALA A 15 0.06 3.30 -17.73
C ALA A 15 1.32 2.95 -16.92
N GLY A 16 2.49 2.91 -17.58
CA GLY A 16 3.74 2.42 -17.00
C GLY A 16 4.27 3.20 -15.79
N ILE A 17 3.85 4.47 -15.62
CA ILE A 17 4.23 5.36 -14.51
C ILE A 17 3.78 4.89 -13.12
N GLU A 18 2.76 4.02 -13.05
CA GLU A 18 2.08 3.68 -11.80
C GLU A 18 2.94 2.75 -10.92
N PRO A 19 3.14 3.03 -9.61
CA PRO A 19 3.87 2.16 -8.68
C PRO A 19 3.22 0.79 -8.41
N ASP A 20 3.92 -0.10 -7.69
CA ASP A 20 3.41 -1.43 -7.29
C ASP A 20 2.33 -1.37 -6.18
N LEU A 21 2.23 -0.24 -5.45
CA LEU A 21 1.32 -0.05 -4.32
C LEU A 21 -0.14 -0.39 -4.68
N THR A 22 -0.58 -0.09 -5.89
CA THR A 22 -1.96 -0.37 -6.33
C THR A 22 -2.24 -1.88 -6.39
N ALA A 23 -1.31 -2.66 -6.93
CA ALA A 23 -1.40 -4.11 -7.03
C ALA A 23 -1.27 -4.78 -5.63
N ILE A 24 -0.40 -4.25 -4.78
CA ILE A 24 -0.23 -4.71 -3.40
C ILE A 24 -1.49 -4.43 -2.57
N TRP A 25 -2.06 -3.23 -2.64
CA TRP A 25 -3.25 -2.86 -1.87
C TRP A 25 -4.54 -3.54 -2.39
N GLN A 26 -4.67 -3.78 -3.71
CA GLN A 26 -5.81 -4.58 -4.21
C GLN A 26 -5.69 -6.06 -3.82
N ALA A 27 -4.47 -6.62 -3.82
CA ALA A 27 -4.25 -7.98 -3.33
C ALA A 27 -4.51 -8.12 -1.82
N LEU A 28 -4.02 -7.18 -0.99
CA LEU A 28 -4.07 -7.28 0.47
C LEU A 28 -5.38 -6.77 1.10
N PHE A 29 -6.19 -5.95 0.41
CA PHE A 29 -7.62 -5.78 0.71
C PHE A 29 -8.51 -6.78 -0.10
N ALA A 30 -7.88 -7.74 -0.77
CA ALA A 30 -8.50 -8.89 -1.43
C ALA A 30 -9.63 -8.56 -2.44
N LEU A 31 -9.54 -7.42 -3.12
CA LEU A 31 -10.57 -6.90 -4.04
C LEU A 31 -10.06 -6.79 -5.49
N PRO A 32 -10.95 -6.77 -6.52
CA PRO A 32 -10.52 -7.01 -7.90
C PRO A 32 -9.60 -5.95 -8.52
N ALA A 33 -9.76 -4.68 -8.16
CA ALA A 33 -8.91 -3.58 -8.65
C ALA A 33 -8.89 -2.39 -7.69
N VAL A 34 -7.79 -1.63 -7.68
CA VAL A 34 -7.67 -0.31 -7.01
C VAL A 34 -7.94 0.81 -8.02
N GLY A 35 -8.77 1.79 -7.65
CA GLY A 35 -9.20 2.90 -8.51
C GLY A 35 -8.20 4.07 -8.65
N ARG A 36 -6.94 3.87 -8.25
CA ARG A 36 -5.76 4.77 -8.30
C ARG A 36 -5.95 6.25 -7.87
N HIS A 37 -7.06 6.61 -7.21
CA HIS A 37 -7.43 8.01 -6.94
C HIS A 37 -7.71 8.32 -5.45
N GLN A 38 -8.16 7.35 -4.66
CA GLN A 38 -8.61 7.58 -3.29
C GLN A 38 -7.54 7.28 -2.22
N ASP A 39 -7.91 7.57 -0.97
CA ASP A 39 -7.03 7.70 0.19
C ASP A 39 -6.84 6.42 1.02
N PHE A 40 -5.65 6.27 1.61
CA PHE A 40 -5.26 5.11 2.43
C PHE A 40 -6.21 4.84 3.61
N PHE A 41 -6.89 5.86 4.15
CA PHE A 41 -7.90 5.67 5.21
C PHE A 41 -9.02 4.71 4.78
N ALA A 42 -9.42 4.73 3.51
CA ALA A 42 -10.32 3.74 2.90
C ALA A 42 -9.57 2.55 2.29
N LEU A 43 -8.54 2.80 1.45
CA LEU A 43 -7.88 1.76 0.64
C LEU A 43 -7.13 0.71 1.47
N GLY A 44 -6.78 1.02 2.72
CA GLY A 44 -6.25 0.06 3.70
C GLY A 44 -7.28 -0.94 4.25
N GLY A 45 -8.58 -0.73 4.01
CA GLY A 45 -9.69 -1.65 4.31
C GLY A 45 -10.09 -1.80 5.78
N ASP A 46 -9.12 -1.82 6.69
CA ASP A 46 -9.29 -1.88 8.15
C ASP A 46 -8.03 -1.31 8.84
N SER A 47 -8.05 -1.13 10.15
CA SER A 47 -6.81 -1.03 10.94
C SER A 47 -5.97 -2.30 10.76
N GLN A 48 -6.56 -3.48 10.95
CA GLN A 48 -5.87 -4.77 10.88
C GLN A 48 -5.22 -5.02 9.50
N LEU A 49 -5.96 -4.69 8.44
CA LEU A 49 -5.52 -4.81 7.06
C LEU A 49 -4.51 -3.72 6.67
N GLY A 50 -4.68 -2.49 7.16
CA GLY A 50 -3.71 -1.41 6.97
C GLY A 50 -2.36 -1.73 7.64
N LEU A 51 -2.40 -2.23 8.88
CA LEU A 51 -1.22 -2.72 9.60
C LEU A 51 -0.56 -3.88 8.87
N ARG A 52 -1.35 -4.88 8.41
CA ARG A 52 -0.84 -6.02 7.63
C ARG A 52 -0.17 -5.56 6.34
N MET A 53 -0.80 -4.70 5.54
CA MET A 53 -0.25 -4.32 4.24
C MET A 53 0.97 -3.43 4.38
N LEU A 54 1.04 -2.53 5.37
CA LEU A 54 2.30 -1.85 5.70
C LEU A 54 3.35 -2.86 6.17
N ALA A 55 2.99 -3.81 7.04
CA ALA A 55 3.95 -4.74 7.62
C ALA A 55 4.60 -5.65 6.56
N GLN A 56 3.79 -6.22 5.65
CA GLN A 56 4.26 -7.01 4.51
C GLN A 56 5.04 -6.13 3.52
N LEU A 57 4.57 -4.92 3.22
CA LEU A 57 5.32 -3.97 2.39
C LEU A 57 6.66 -3.58 3.01
N ARG A 58 6.79 -3.51 4.34
CA ARG A 58 8.08 -3.30 5.01
C ARG A 58 8.98 -4.53 4.93
N GLU A 59 8.43 -5.72 5.18
CA GLU A 59 9.17 -6.99 5.11
C GLU A 59 9.67 -7.32 3.70
N ARG A 60 9.01 -6.79 2.65
CA ARG A 60 9.44 -6.88 1.24
C ARG A 60 10.25 -5.68 0.72
N HIS A 61 9.92 -4.46 1.15
CA HIS A 61 10.31 -3.19 0.48
C HIS A 61 10.87 -2.11 1.43
N GLY A 62 10.97 -2.35 2.75
CA GLY A 62 11.61 -1.44 3.72
C GLY A 62 10.86 -0.14 4.06
N VAL A 63 9.55 -0.08 3.79
CA VAL A 63 8.68 1.12 3.82
C VAL A 63 8.20 1.53 5.24
N ASP A 64 7.89 2.83 5.39
CA ASP A 64 7.18 3.46 6.53
C ASP A 64 5.86 4.08 6.06
N LEU A 65 4.91 4.36 6.98
CA LEU A 65 3.67 5.11 6.67
C LEU A 65 3.53 6.35 7.57
N PRO A 66 4.11 7.50 7.19
CA PRO A 66 4.14 8.70 8.02
C PRO A 66 2.88 9.58 7.91
N LEU A 67 2.45 10.14 9.04
CA LEU A 67 1.27 11.01 9.14
C LEU A 67 1.39 12.28 8.29
N ARG A 68 2.60 12.83 8.11
CA ARG A 68 2.84 13.96 7.21
C ARG A 68 2.55 13.58 5.77
N CYS A 69 3.09 12.48 5.26
CA CYS A 69 2.78 11.99 3.91
C CYS A 69 1.27 11.74 3.76
N LEU A 70 0.64 11.20 4.80
CA LEU A 70 -0.80 10.96 4.89
C LEU A 70 -1.66 12.24 5.07
N TYR A 71 -1.04 13.37 5.43
CA TYR A 71 -1.66 14.70 5.37
C TYR A 71 -1.45 15.40 4.01
N GLU A 72 -0.25 15.31 3.44
CA GLU A 72 0.09 16.08 2.22
C GLU A 72 -0.19 15.33 0.92
N ALA A 73 -0.35 14.01 0.99
CA ALA A 73 -0.61 13.10 -0.12
C ALA A 73 -1.30 11.80 0.36
N PRO A 74 -2.51 11.84 0.95
CA PRO A 74 -3.23 10.64 1.39
C PRO A 74 -3.57 9.63 0.28
N THR A 75 -3.59 10.06 -0.98
CA THR A 75 -4.07 9.32 -2.16
C THR A 75 -2.99 8.42 -2.77
N VAL A 76 -3.30 7.15 -3.05
CA VAL A 76 -2.33 6.04 -3.24
C VAL A 76 -1.09 6.35 -4.11
N ALA A 77 -1.25 6.94 -5.30
CA ALA A 77 -0.14 7.20 -6.23
C ALA A 77 0.78 8.32 -5.72
N ARG A 78 0.16 9.40 -5.26
CA ARG A 78 0.79 10.60 -4.71
C ARG A 78 1.45 10.27 -3.36
N LEU A 79 0.82 9.42 -2.57
CA LEU A 79 1.38 8.84 -1.35
C LEU A 79 2.66 8.08 -1.66
N ALA A 80 2.62 7.14 -2.61
CA ALA A 80 3.81 6.39 -3.03
C ALA A 80 4.95 7.33 -3.48
N GLU A 81 4.63 8.42 -4.20
CA GLU A 81 5.64 9.44 -4.53
C GLU A 81 6.23 10.14 -3.28
N THR A 82 5.41 10.51 -2.29
CA THR A 82 5.90 11.06 -1.01
C THR A 82 6.67 10.03 -0.15
N ILE A 83 6.39 8.73 -0.28
CA ILE A 83 7.16 7.66 0.38
C ILE A 83 8.55 7.51 -0.26
N VAL A 84 8.66 7.56 -1.59
CA VAL A 84 9.98 7.57 -2.26
C VAL A 84 10.77 8.82 -1.89
N ARG A 85 10.11 9.98 -1.78
CA ARG A 85 10.74 11.25 -1.37
C ARG A 85 11.19 11.26 0.10
N LEU A 86 10.28 11.00 1.04
CA LEU A 86 10.43 11.38 2.46
C LEU A 86 10.81 10.24 3.40
N ALA A 87 10.55 8.97 3.06
CA ALA A 87 10.99 7.84 3.88
C ALA A 87 12.47 7.53 3.59
N ALA A 88 13.23 7.12 4.61
CA ALA A 88 14.69 7.13 4.59
C ALA A 88 15.32 5.83 5.14
N PRO A 89 16.49 5.39 4.64
CA PRO A 89 17.20 4.24 5.17
C PRO A 89 17.74 4.55 6.58
N ALA A 90 17.87 3.50 7.39
CA ALA A 90 18.18 3.56 8.81
C ALA A 90 18.60 2.19 9.35
N PRO A 91 19.54 2.10 10.31
CA PRO A 91 19.89 0.83 10.94
C PRO A 91 18.70 0.24 11.73
N SER A 92 18.21 -0.93 11.30
CA SER A 92 17.01 -1.56 11.84
C SER A 92 17.27 -2.49 13.03
N GLY A 93 16.22 -2.84 13.77
CA GLY A 93 16.21 -3.89 14.79
C GLY A 93 15.01 -4.82 14.72
N ASP A 94 13.89 -4.41 14.11
CA ASP A 94 12.83 -5.34 13.71
C ASP A 94 13.32 -6.26 12.56
N GLN A 95 12.84 -7.50 12.57
CA GLN A 95 13.34 -8.61 11.73
C GLN A 95 12.30 -9.72 11.55
N ASP A 96 12.36 -10.44 10.43
CA ASP A 96 11.48 -11.58 10.11
C ASP A 96 12.25 -12.80 9.58
N ASP A 97 11.75 -13.99 9.90
CA ASP A 97 12.14 -15.30 9.36
C ASP A 97 10.95 -16.11 8.78
N ALA A 98 9.72 -15.66 9.04
CA ALA A 98 8.47 -16.35 8.66
C ALA A 98 8.13 -16.21 7.17
N SER A 99 7.21 -17.07 6.72
CA SER A 99 6.66 -17.09 5.35
C SER A 99 5.31 -16.37 5.26
N GLU A 100 4.94 -15.91 4.06
CA GLU A 100 3.65 -15.24 3.80
C GLU A 100 2.58 -16.20 3.27
N TYR A 101 1.35 -16.10 3.77
CA TYR A 101 0.24 -16.99 3.39
C TYR A 101 -1.13 -16.33 3.48
N GLU A 102 -2.09 -16.85 2.72
CA GLU A 102 -3.43 -16.27 2.54
C GLU A 102 -4.52 -17.34 2.45
N GLU A 103 -5.78 -16.95 2.60
CA GLU A 103 -6.94 -17.85 2.62
C GLU A 103 -8.08 -17.33 1.71
N GLY A 104 -7.74 -16.55 0.68
CA GLY A 104 -8.66 -15.96 -0.29
C GLY A 104 -9.20 -16.95 -1.30
N VAL A 105 -9.91 -17.97 -0.83
CA VAL A 105 -10.55 -19.05 -1.60
C VAL A 105 -12.07 -18.85 -1.61
N ILE A 106 -12.73 -19.06 -2.75
CA ILE A 106 -14.20 -19.04 -2.88
C ILE A 106 -14.70 -20.11 -3.87
N ARG A 107 -15.95 -20.56 -3.68
CA ARG A 107 -16.65 -21.57 -4.50
C ARG A 107 -17.34 -20.93 -5.71
N GLY A 7 -16.43 -11.17 -4.82
CA GLY A 7 -15.27 -11.75 -5.53
C GLY A 7 -13.99 -11.46 -4.78
N ALA A 8 -13.03 -12.39 -4.62
CA ALA A 8 -12.98 -13.78 -5.05
C ALA A 8 -13.07 -14.07 -6.56
N ALA A 9 -12.49 -13.23 -7.41
CA ALA A 9 -12.41 -13.45 -8.85
C ALA A 9 -11.16 -12.80 -9.51
N ALA A 10 -10.75 -13.33 -10.67
CA ALA A 10 -9.85 -12.66 -11.59
C ALA A 10 -10.46 -11.33 -12.12
N GLY A 11 -9.66 -10.51 -12.80
CA GLY A 11 -10.12 -9.27 -13.45
C GLY A 11 -9.05 -8.19 -13.63
N VAL A 12 -9.30 -7.25 -14.54
CA VAL A 12 -8.44 -6.10 -14.84
C VAL A 12 -9.24 -4.78 -14.80
N SER A 13 -8.58 -3.71 -14.36
CA SER A 13 -9.13 -2.36 -14.26
C SER A 13 -9.08 -1.59 -15.59
N ALA A 14 -9.79 -0.47 -15.66
CA ALA A 14 -9.74 0.47 -16.78
C ALA A 14 -8.31 0.96 -17.06
N ALA A 15 -8.08 1.41 -18.29
CA ALA A 15 -6.75 1.79 -18.78
C ALA A 15 -6.15 2.98 -17.99
N GLY A 16 -4.84 2.93 -17.75
CA GLY A 16 -4.04 3.99 -17.12
C GLY A 16 -2.75 3.46 -16.49
N ILE A 17 -1.76 4.33 -16.33
CA ILE A 17 -0.52 4.04 -15.58
C ILE A 17 -0.77 4.14 -14.07
N GLU A 18 -0.25 3.20 -13.27
CA GLU A 18 -0.37 3.19 -11.81
C GLU A 18 0.91 2.60 -11.15
N PRO A 19 1.39 3.16 -10.02
CA PRO A 19 2.46 2.55 -9.23
C PRO A 19 2.06 1.18 -8.68
N ASP A 20 3.00 0.24 -8.55
CA ASP A 20 2.69 -1.15 -8.15
C ASP A 20 2.24 -1.28 -6.68
N LEU A 21 2.42 -0.23 -5.87
CA LEU A 21 1.77 -0.08 -4.57
C LEU A 21 0.24 -0.27 -4.68
N THR A 22 -0.38 0.13 -5.80
CA THR A 22 -1.82 -0.09 -6.05
C THR A 22 -2.17 -1.56 -6.19
N ALA A 23 -1.30 -2.36 -6.83
CA ALA A 23 -1.45 -3.81 -6.95
C ALA A 23 -1.29 -4.48 -5.58
N ILE A 24 -0.28 -4.09 -4.80
CA ILE A 24 -0.10 -4.54 -3.40
C ILE A 24 -1.36 -4.23 -2.57
N TRP A 25 -1.90 -3.01 -2.68
CA TRP A 25 -3.07 -2.60 -1.90
C TRP A 25 -4.35 -3.34 -2.33
N GLN A 26 -4.63 -3.50 -3.63
CA GLN A 26 -5.83 -4.25 -4.05
C GLN A 26 -5.73 -5.77 -3.80
N ALA A 27 -4.52 -6.33 -3.73
CA ALA A 27 -4.28 -7.69 -3.23
C ALA A 27 -4.53 -7.80 -1.71
N LEU A 28 -3.90 -6.97 -0.88
CA LEU A 28 -4.00 -7.08 0.59
C LEU A 28 -5.39 -6.72 1.10
N PHE A 29 -6.00 -5.67 0.53
CA PHE A 29 -7.25 -5.10 1.03
C PHE A 29 -8.52 -5.73 0.42
N ALA A 30 -8.37 -6.77 -0.42
CA ALA A 30 -9.45 -7.50 -1.13
C ALA A 30 -10.42 -6.61 -1.94
N LEU A 31 -10.01 -5.37 -2.25
CA LEU A 31 -10.81 -4.33 -2.90
C LEU A 31 -11.34 -4.73 -4.29
N PRO A 32 -12.37 -4.04 -4.81
CA PRO A 32 -12.78 -4.14 -6.20
C PRO A 32 -11.81 -3.34 -7.11
N ALA A 33 -10.51 -3.58 -6.95
CA ALA A 33 -9.39 -2.74 -7.37
C ALA A 33 -9.31 -1.36 -6.68
N VAL A 34 -8.09 -0.80 -6.64
CA VAL A 34 -7.77 0.54 -6.09
C VAL A 34 -7.88 1.59 -7.20
N GLY A 35 -8.73 2.60 -7.02
CA GLY A 35 -8.77 3.79 -7.88
C GLY A 35 -7.78 4.87 -7.44
N ARG A 36 -7.11 5.52 -8.39
CA ARG A 36 -6.06 6.54 -8.18
C ARG A 36 -6.49 7.77 -7.38
N HIS A 37 -7.80 8.04 -7.35
CA HIS A 37 -8.41 9.15 -6.59
C HIS A 37 -8.81 8.81 -5.16
N GLN A 38 -8.66 7.55 -4.74
CA GLN A 38 -9.18 7.05 -3.48
C GLN A 38 -8.14 7.11 -2.34
N ASP A 39 -8.64 7.28 -1.12
CA ASP A 39 -7.85 7.52 0.08
C ASP A 39 -7.57 6.22 0.85
N PHE A 40 -6.38 6.06 1.45
CA PHE A 40 -6.10 4.94 2.38
C PHE A 40 -7.18 4.80 3.48
N PHE A 41 -7.68 5.92 4.00
CA PHE A 41 -8.79 6.00 4.96
C PHE A 41 -10.04 5.18 4.55
N ALA A 42 -10.26 4.96 3.25
CA ALA A 42 -11.35 4.15 2.70
C ALA A 42 -10.89 2.81 2.09
N LEU A 43 -9.71 2.80 1.47
CA LEU A 43 -9.10 1.65 0.81
C LEU A 43 -8.64 0.57 1.81
N GLY A 44 -8.14 0.98 2.97
CA GLY A 44 -7.49 0.09 3.95
C GLY A 44 -8.43 -0.96 4.56
N GLY A 45 -9.72 -0.64 4.66
CA GLY A 45 -10.79 -1.53 5.12
C GLY A 45 -10.83 -1.73 6.64
N ASP A 46 -9.70 -2.04 7.27
CA ASP A 46 -9.54 -2.32 8.70
C ASP A 46 -8.19 -1.77 9.21
N SER A 47 -8.11 -1.33 10.47
CA SER A 47 -6.82 -1.05 11.13
C SER A 47 -5.93 -2.31 11.20
N GLN A 48 -6.52 -3.50 11.35
CA GLN A 48 -5.75 -4.75 11.28
C GLN A 48 -5.16 -5.00 9.89
N LEU A 49 -5.86 -4.61 8.80
CA LEU A 49 -5.32 -4.68 7.44
C LEU A 49 -4.29 -3.57 7.18
N GLY A 50 -4.46 -2.37 7.76
CA GLY A 50 -3.45 -1.31 7.74
C GLY A 50 -2.12 -1.76 8.36
N LEU A 51 -2.18 -2.38 9.54
CA LEU A 51 -0.99 -2.97 10.19
C LEU A 51 -0.44 -4.18 9.44
N ARG A 52 -1.29 -5.03 8.83
CA ARG A 52 -0.87 -6.11 7.91
C ARG A 52 -0.12 -5.55 6.69
N MET A 53 -0.56 -4.43 6.14
CA MET A 53 0.11 -3.74 5.04
C MET A 53 1.44 -3.13 5.47
N LEU A 54 1.50 -2.48 6.65
CA LEU A 54 2.76 -1.99 7.21
C LEU A 54 3.78 -3.13 7.38
N ALA A 55 3.34 -4.24 7.99
CA ALA A 55 4.12 -5.46 8.17
C ALA A 55 4.66 -6.01 6.83
N GLN A 56 3.78 -6.36 5.89
CA GLN A 56 4.20 -7.02 4.65
C GLN A 56 4.96 -6.08 3.71
N LEU A 57 4.59 -4.79 3.62
CA LEU A 57 5.35 -3.83 2.81
C LEU A 57 6.71 -3.52 3.42
N ARG A 58 6.84 -3.45 4.76
CA ARG A 58 8.16 -3.30 5.40
C ARG A 58 9.03 -4.55 5.18
N GLU A 59 8.47 -5.75 5.37
CA GLU A 59 9.18 -7.02 5.15
C GLU A 59 9.59 -7.24 3.68
N ARG A 60 8.73 -6.90 2.71
CA ARG A 60 8.99 -7.08 1.26
C ARG A 60 9.79 -5.95 0.61
N HIS A 61 9.63 -4.70 1.06
CA HIS A 61 10.07 -3.50 0.35
C HIS A 61 10.95 -2.55 1.20
N GLY A 62 11.02 -2.72 2.52
CA GLY A 62 11.96 -2.02 3.41
C GLY A 62 11.58 -0.57 3.70
N VAL A 63 10.33 -0.32 4.11
CA VAL A 63 9.73 1.03 4.20
C VAL A 63 8.72 1.15 5.37
N ASP A 64 7.90 2.19 5.36
CA ASP A 64 6.91 2.52 6.39
C ASP A 64 5.68 3.16 5.73
N LEU A 65 4.57 3.24 6.46
CA LEU A 65 3.38 4.04 6.11
C LEU A 65 3.24 5.20 7.13
N PRO A 66 4.14 6.21 7.10
CA PRO A 66 4.26 7.20 8.16
C PRO A 66 3.07 8.17 8.17
N LEU A 67 2.59 8.49 9.37
CA LEU A 67 1.38 9.29 9.57
C LEU A 67 1.49 10.69 8.95
N ARG A 68 2.70 11.26 8.83
CA ARG A 68 2.92 12.54 8.15
C ARG A 68 2.45 12.50 6.70
N CYS A 69 3.14 11.77 5.81
CA CYS A 69 2.74 11.71 4.40
C CYS A 69 1.37 11.03 4.19
N LEU A 70 0.98 10.10 5.06
CA LEU A 70 -0.36 9.49 5.07
C LEU A 70 -1.47 10.51 5.36
N TYR A 71 -1.19 11.55 6.15
CA TYR A 71 -2.13 12.66 6.32
C TYR A 71 -2.01 13.72 5.21
N GLU A 72 -0.82 13.98 4.64
CA GLU A 72 -0.68 15.02 3.60
C GLU A 72 -1.29 14.60 2.26
N ALA A 73 -1.00 13.37 1.82
CA ALA A 73 -1.38 12.82 0.52
C ALA A 73 -1.82 11.34 0.64
N PRO A 74 -2.96 11.04 1.32
CA PRO A 74 -3.50 9.68 1.46
C PRO A 74 -3.91 8.96 0.16
N THR A 75 -3.81 9.61 -1.00
CA THR A 75 -4.13 9.07 -2.34
C THR A 75 -2.94 8.34 -2.95
N VAL A 76 -3.18 7.15 -3.53
CA VAL A 76 -2.16 6.08 -3.59
C VAL A 76 -0.92 6.42 -4.44
N ALA A 77 -1.07 7.00 -5.63
CA ALA A 77 0.08 7.33 -6.47
C ALA A 77 0.87 8.54 -5.92
N ARG A 78 0.20 9.44 -5.20
CA ARG A 78 0.79 10.61 -4.54
C ARG A 78 1.53 10.22 -3.26
N LEU A 79 0.97 9.26 -2.52
CA LEU A 79 1.65 8.58 -1.41
C LEU A 79 2.88 7.81 -1.89
N ALA A 80 2.74 7.00 -2.94
CA ALA A 80 3.87 6.30 -3.54
C ALA A 80 4.97 7.27 -3.98
N GLU A 81 4.59 8.41 -4.59
CA GLU A 81 5.55 9.42 -5.06
C GLU A 81 6.31 10.07 -3.89
N THR A 82 5.59 10.45 -2.83
CA THR A 82 6.17 11.12 -1.66
C THR A 82 7.02 10.18 -0.81
N ILE A 83 6.64 8.91 -0.65
CA ILE A 83 7.47 7.91 0.05
C ILE A 83 8.72 7.53 -0.75
N VAL A 84 8.67 7.49 -2.10
CA VAL A 84 9.90 7.35 -2.91
C VAL A 84 10.76 8.62 -2.86
N ARG A 85 10.16 9.83 -2.84
CA ARG A 85 10.90 11.11 -2.78
C ARG A 85 11.59 11.33 -1.43
N LEU A 86 10.93 11.01 -0.31
CA LEU A 86 11.33 11.44 1.05
C LEU A 86 11.88 10.30 1.92
N ALA A 87 11.78 9.06 1.44
CA ALA A 87 12.19 7.83 2.12
C ALA A 87 11.49 7.56 3.48
N ALA A 88 11.67 6.33 3.98
CA ALA A 88 10.96 5.81 5.14
C ALA A 88 11.83 4.81 5.93
N PRO A 89 12.72 5.28 6.83
CA PRO A 89 13.67 4.44 7.60
C PRO A 89 12.99 3.71 8.79
N ALA A 90 11.86 3.04 8.53
CA ALA A 90 10.96 2.44 9.53
C ALA A 90 10.66 3.31 10.78
N PRO A 91 10.29 4.60 10.64
CA PRO A 91 10.19 5.55 11.76
C PRO A 91 8.90 5.43 12.60
N SER A 92 7.98 4.53 12.25
CA SER A 92 6.74 4.27 13.01
C SER A 92 6.84 2.98 13.82
N GLY A 93 6.35 2.99 15.06
CA GLY A 93 6.48 1.89 16.03
C GLY A 93 5.29 0.92 16.06
N ASP A 94 4.32 1.08 15.16
CA ASP A 94 3.07 0.32 15.15
C ASP A 94 3.28 -1.17 14.83
N GLN A 95 2.54 -2.03 15.53
CA GLN A 95 2.52 -3.47 15.34
C GLN A 95 1.30 -4.10 16.04
N ASP A 96 0.79 -5.22 15.51
CA ASP A 96 -0.12 -6.13 16.19
C ASP A 96 0.03 -7.55 15.59
N ASP A 97 -0.22 -8.58 16.40
CA ASP A 97 -0.35 -9.97 15.95
C ASP A 97 -1.75 -10.30 15.40
N ALA A 98 -2.70 -9.37 15.57
CA ALA A 98 -4.15 -9.51 15.41
C ALA A 98 -4.80 -10.45 16.44
N SER A 99 -6.08 -10.23 16.75
CA SER A 99 -6.82 -10.99 17.77
C SER A 99 -7.55 -12.22 17.22
N GLU A 100 -7.96 -12.17 15.95
CA GLU A 100 -8.64 -13.23 15.19
C GLU A 100 -8.57 -12.94 13.68
N TYR A 101 -8.97 -13.91 12.84
CA TYR A 101 -8.81 -13.89 11.38
C TYR A 101 -10.09 -14.38 10.65
N GLU A 102 -10.01 -14.55 9.32
CA GLU A 102 -11.11 -14.98 8.44
C GLU A 102 -11.45 -16.47 8.58
N GLU A 103 -12.64 -16.87 8.13
CA GLU A 103 -13.11 -18.25 8.14
C GLU A 103 -12.87 -18.96 6.80
N GLY A 104 -13.16 -18.28 5.68
CA GLY A 104 -12.96 -18.75 4.31
C GLY A 104 -13.88 -19.87 3.82
N VAL A 105 -14.40 -20.71 4.71
CA VAL A 105 -15.11 -21.95 4.38
C VAL A 105 -16.43 -21.69 3.63
N ILE A 106 -16.60 -22.40 2.51
CA ILE A 106 -17.81 -22.48 1.67
C ILE A 106 -18.29 -23.94 1.56
N ARG A 107 -17.35 -24.88 1.60
CA ARG A 107 -17.51 -26.34 1.48
C ARG A 107 -16.44 -27.11 2.23
N GLY A 7 -6.26 -20.20 -18.20
CA GLY A 7 -7.37 -19.93 -17.28
C GLY A 7 -7.31 -18.53 -16.72
N ALA A 8 -8.23 -18.22 -15.81
CA ALA A 8 -8.41 -16.90 -15.23
C ALA A 8 -7.77 -16.82 -13.85
N ALA A 9 -6.95 -15.80 -13.64
CA ALA A 9 -6.32 -15.56 -12.34
C ALA A 9 -7.30 -14.98 -11.30
N ALA A 10 -8.45 -14.45 -11.74
CA ALA A 10 -9.62 -14.10 -10.93
C ALA A 10 -9.31 -13.22 -9.71
N GLY A 11 -8.39 -12.27 -9.89
CA GLY A 11 -7.91 -11.34 -8.89
C GLY A 11 -7.63 -9.97 -9.51
N VAL A 12 -6.48 -9.39 -9.19
CA VAL A 12 -6.13 -7.99 -9.49
C VAL A 12 -4.96 -7.85 -10.47
N SER A 13 -4.84 -6.68 -11.11
CA SER A 13 -3.68 -6.31 -11.94
C SER A 13 -3.59 -4.80 -12.17
N ALA A 14 -2.38 -4.27 -12.36
CA ALA A 14 -2.11 -2.89 -12.76
C ALA A 14 -0.92 -2.87 -13.75
N ALA A 15 -1.23 -2.86 -15.05
CA ALA A 15 -0.28 -3.03 -16.15
C ALA A 15 0.60 -1.78 -16.42
N GLY A 16 1.50 -1.48 -15.47
CA GLY A 16 2.40 -0.32 -15.51
C GLY A 16 1.72 1.04 -15.28
N ILE A 17 0.39 1.06 -15.15
CA ILE A 17 -0.41 2.24 -14.78
C ILE A 17 -0.26 2.52 -13.28
N GLU A 18 -0.01 3.78 -12.92
CA GLU A 18 0.33 4.22 -11.55
C GLU A 18 1.57 3.54 -10.93
N PRO A 19 2.07 3.95 -9.74
CA PRO A 19 3.18 3.26 -9.09
C PRO A 19 2.76 1.91 -8.49
N ASP A 20 3.73 0.99 -8.39
CA ASP A 20 3.56 -0.42 -7.99
C ASP A 20 2.88 -0.61 -6.62
N LEU A 21 3.00 0.36 -5.72
CA LEU A 21 2.27 0.39 -4.46
C LEU A 21 0.75 0.19 -4.64
N THR A 22 0.17 0.68 -5.75
CA THR A 22 -1.24 0.41 -6.10
C THR A 22 -1.51 -1.09 -6.29
N ALA A 23 -0.64 -1.79 -7.01
CA ALA A 23 -0.72 -3.23 -7.25
C ALA A 23 -0.58 -4.03 -5.94
N ILE A 24 0.38 -3.65 -5.09
CA ILE A 24 0.58 -4.22 -3.75
C ILE A 24 -0.71 -4.10 -2.92
N TRP A 25 -1.34 -2.92 -2.92
CA TRP A 25 -2.55 -2.69 -2.11
C TRP A 25 -3.80 -3.38 -2.63
N GLN A 26 -4.05 -3.45 -3.95
CA GLN A 26 -5.17 -4.26 -4.44
C GLN A 26 -4.95 -5.77 -4.18
N ALA A 27 -3.69 -6.26 -4.24
CA ALA A 27 -3.36 -7.65 -3.89
C ALA A 27 -3.49 -7.96 -2.38
N LEU A 28 -3.20 -6.99 -1.51
CA LEU A 28 -3.30 -7.15 -0.05
C LEU A 28 -4.71 -6.91 0.48
N PHE A 29 -5.43 -5.90 -0.01
CA PHE A 29 -6.70 -5.42 0.57
C PHE A 29 -7.94 -6.15 0.02
N ALA A 30 -7.75 -7.13 -0.87
CA ALA A 30 -8.80 -7.86 -1.60
C ALA A 30 -9.74 -6.99 -2.46
N LEU A 31 -9.34 -5.76 -2.79
CA LEU A 31 -10.12 -4.83 -3.62
C LEU A 31 -10.20 -5.27 -5.09
N PRO A 32 -11.26 -4.94 -5.85
CA PRO A 32 -11.30 -5.19 -7.29
C PRO A 32 -10.22 -4.41 -8.07
N ALA A 33 -9.96 -3.16 -7.66
CA ALA A 33 -8.90 -2.31 -8.19
C ALA A 33 -8.50 -1.20 -7.21
N VAL A 34 -7.27 -0.68 -7.38
CA VAL A 34 -6.74 0.55 -6.77
C VAL A 34 -6.11 1.43 -7.85
N GLY A 35 -6.48 2.71 -7.90
CA GLY A 35 -5.85 3.72 -8.74
C GLY A 35 -6.74 4.89 -9.17
N ARG A 36 -8.05 4.66 -9.38
CA ARG A 36 -8.97 5.67 -9.96
C ARG A 36 -9.85 6.41 -8.94
N HIS A 37 -10.48 5.69 -8.01
CA HIS A 37 -11.40 6.22 -7.01
C HIS A 37 -10.91 5.77 -5.63
N GLN A 38 -11.36 6.50 -4.62
CA GLN A 38 -11.04 6.29 -3.20
C GLN A 38 -9.57 6.58 -2.85
N ASP A 39 -9.33 6.94 -1.60
CA ASP A 39 -8.02 7.31 -1.05
C ASP A 39 -7.69 6.46 0.19
N PHE A 40 -6.41 6.38 0.56
CA PHE A 40 -5.89 5.37 1.50
C PHE A 40 -6.53 5.40 2.89
N PHE A 41 -7.03 6.55 3.36
CA PHE A 41 -7.74 6.69 4.64
C PHE A 41 -9.12 5.99 4.68
N ALA A 42 -9.68 5.63 3.52
CA ALA A 42 -10.86 4.76 3.37
C ALA A 42 -10.52 3.38 2.80
N LEU A 43 -9.49 3.30 1.97
CA LEU A 43 -9.11 2.12 1.17
C LEU A 43 -8.64 0.93 2.01
N GLY A 44 -8.12 1.20 3.21
CA GLY A 44 -7.53 0.18 4.09
C GLY A 44 -8.57 -0.72 4.79
N GLY A 45 -9.77 -0.20 5.04
CA GLY A 45 -10.90 -0.96 5.59
C GLY A 45 -10.83 -1.28 7.09
N ASP A 46 -9.65 -1.66 7.62
CA ASP A 46 -9.42 -2.03 9.03
C ASP A 46 -8.00 -1.67 9.49
N SER A 47 -7.80 -1.36 10.78
CA SER A 47 -6.46 -1.19 11.37
C SER A 47 -5.68 -2.50 11.49
N GLN A 48 -6.35 -3.64 11.65
CA GLN A 48 -5.71 -4.97 11.60
C GLN A 48 -5.16 -5.27 10.20
N LEU A 49 -5.93 -4.93 9.15
CA LEU A 49 -5.46 -4.97 7.78
C LEU A 49 -4.29 -3.99 7.58
N GLY A 50 -4.35 -2.80 8.18
CA GLY A 50 -3.25 -1.84 8.21
C GLY A 50 -1.97 -2.32 8.93
N LEU A 51 -2.11 -3.07 10.03
CA LEU A 51 -1.00 -3.69 10.78
C LEU A 51 -0.35 -4.85 10.03
N ARG A 52 -1.15 -5.72 9.39
CA ARG A 52 -0.73 -6.72 8.41
C ARG A 52 0.05 -6.07 7.26
N MET A 53 -0.54 -5.03 6.67
CA MET A 53 0.04 -4.24 5.58
C MET A 53 1.39 -3.64 5.94
N LEU A 54 1.51 -2.99 7.11
CA LEU A 54 2.77 -2.37 7.52
C LEU A 54 3.83 -3.45 7.79
N ALA A 55 3.52 -4.45 8.61
CA ALA A 55 4.49 -5.47 8.97
C ALA A 55 5.01 -6.25 7.74
N GLN A 56 4.12 -6.66 6.82
CA GLN A 56 4.54 -7.38 5.61
C GLN A 56 5.29 -6.48 4.63
N LEU A 57 4.84 -5.24 4.39
CA LEU A 57 5.61 -4.27 3.58
C LEU A 57 7.01 -4.04 4.16
N ARG A 58 7.12 -3.82 5.47
CA ARG A 58 8.39 -3.42 6.09
C ARG A 58 9.37 -4.56 6.28
N GLU A 59 8.87 -5.76 6.55
CA GLU A 59 9.70 -6.96 6.58
C GLU A 59 10.16 -7.38 5.17
N ARG A 60 9.30 -7.30 4.15
CA ARG A 60 9.60 -7.85 2.80
C ARG A 60 10.29 -6.84 1.89
N HIS A 61 9.80 -5.60 1.86
CA HIS A 61 10.26 -4.54 0.96
C HIS A 61 11.18 -3.51 1.66
N GLY A 62 11.20 -3.48 3.00
CA GLY A 62 12.01 -2.53 3.79
C GLY A 62 11.43 -1.12 3.84
N VAL A 63 10.10 -0.97 3.79
CA VAL A 63 9.37 0.29 3.60
C VAL A 63 8.32 0.48 4.70
N ASP A 64 8.19 1.69 5.23
CA ASP A 64 7.15 2.12 6.18
C ASP A 64 6.17 3.10 5.51
N LEU A 65 4.98 3.30 6.08
CA LEU A 65 3.94 4.21 5.60
C LEU A 65 3.63 5.26 6.69
N PRO A 66 4.21 6.48 6.60
CA PRO A 66 4.05 7.51 7.61
C PRO A 66 2.67 8.16 7.61
N LEU A 67 2.13 8.45 8.80
CA LEU A 67 0.84 9.14 8.96
C LEU A 67 0.88 10.59 8.43
N ARG A 68 2.07 11.21 8.33
CA ARG A 68 2.29 12.50 7.67
C ARG A 68 2.15 12.41 6.15
N CYS A 69 2.72 11.36 5.54
CA CYS A 69 2.51 11.05 4.13
C CYS A 69 1.03 10.80 3.85
N LEU A 70 0.36 10.03 4.71
CA LEU A 70 -1.10 9.77 4.61
C LEU A 70 -1.96 11.03 4.73
N TYR A 71 -1.57 11.97 5.59
CA TYR A 71 -2.23 13.26 5.74
C TYR A 71 -2.04 14.18 4.52
N GLU A 72 -0.83 14.26 3.96
CA GLU A 72 -0.57 15.17 2.82
C GLU A 72 -0.92 14.57 1.46
N ALA A 73 -0.93 13.24 1.37
CA ALA A 73 -1.07 12.48 0.16
C ALA A 73 -1.78 11.13 0.42
N PRO A 74 -3.09 11.11 0.68
CA PRO A 74 -3.85 9.88 0.83
C PRO A 74 -4.09 9.16 -0.51
N THR A 75 -4.07 9.88 -1.63
CA THR A 75 -4.43 9.34 -2.94
C THR A 75 -3.23 8.56 -3.48
N VAL A 76 -3.42 7.27 -3.78
CA VAL A 76 -2.35 6.25 -3.69
C VAL A 76 -1.13 6.54 -4.58
N ALA A 77 -1.31 7.16 -5.75
CA ALA A 77 -0.20 7.60 -6.60
C ALA A 77 0.72 8.63 -5.90
N ARG A 78 0.11 9.67 -5.30
CA ARG A 78 0.82 10.70 -4.53
C ARG A 78 1.34 10.14 -3.21
N LEU A 79 0.59 9.22 -2.57
CA LEU A 79 1.05 8.50 -1.39
C LEU A 79 2.36 7.78 -1.69
N ALA A 80 2.38 6.92 -2.70
CA ALA A 80 3.58 6.22 -3.14
C ALA A 80 4.72 7.17 -3.51
N GLU A 81 4.41 8.31 -4.15
CA GLU A 81 5.42 9.34 -4.42
C GLU A 81 6.07 9.86 -3.12
N THR A 82 5.29 10.12 -2.06
CA THR A 82 5.83 10.52 -0.75
C THR A 82 6.57 9.39 -0.02
N ILE A 83 6.18 8.12 -0.18
CA ILE A 83 6.93 6.98 0.38
C ILE A 83 8.27 6.78 -0.32
N VAL A 84 8.36 7.06 -1.63
CA VAL A 84 9.65 7.13 -2.36
C VAL A 84 10.48 8.33 -1.90
N ARG A 85 9.89 9.52 -1.94
CA ARG A 85 10.62 10.79 -1.86
C ARG A 85 11.02 11.20 -0.45
N LEU A 86 10.20 10.89 0.55
CA LEU A 86 10.49 11.17 1.97
C LEU A 86 10.85 9.90 2.74
N ALA A 87 10.12 8.79 2.53
CA ALA A 87 10.29 7.46 3.15
C ALA A 87 10.16 7.37 4.69
N ALA A 88 10.80 8.27 5.43
CA ALA A 88 10.90 8.36 6.89
C ALA A 88 11.62 7.17 7.59
N PRO A 89 12.21 7.36 8.79
CA PRO A 89 13.12 6.40 9.43
C PRO A 89 12.40 5.25 10.15
N ALA A 90 11.68 4.45 9.36
CA ALA A 90 10.80 3.35 9.78
C ALA A 90 9.88 3.71 10.97
N PRO A 91 9.00 4.73 10.86
CA PRO A 91 8.43 5.38 12.05
C PRO A 91 7.43 4.55 12.86
N SER A 92 6.83 3.49 12.29
CA SER A 92 5.89 2.64 13.04
C SER A 92 6.62 1.74 14.05
N GLY A 93 5.89 1.18 15.02
CA GLY A 93 6.49 0.38 16.10
C GLY A 93 5.49 -0.34 17.02
N ASP A 94 4.37 -0.82 16.50
CA ASP A 94 3.36 -1.57 17.27
C ASP A 94 3.92 -2.91 17.81
N GLN A 95 3.34 -3.45 18.88
CA GLN A 95 3.91 -4.59 19.64
C GLN A 95 3.14 -5.92 19.50
N ASP A 96 2.00 -5.91 18.82
CA ASP A 96 1.19 -7.09 18.52
C ASP A 96 0.50 -6.96 17.15
N ASP A 97 0.10 -8.10 16.59
CA ASP A 97 -0.57 -8.21 15.28
C ASP A 97 -2.11 -8.17 15.38
N ALA A 98 -2.64 -8.13 16.61
CA ALA A 98 -4.06 -8.16 16.99
C ALA A 98 -4.85 -9.41 16.55
N SER A 99 -5.57 -10.04 17.49
CA SER A 99 -6.36 -11.26 17.26
C SER A 99 -7.82 -11.13 17.71
N GLU A 100 -8.70 -11.74 16.93
CA GLU A 100 -10.15 -11.82 17.16
C GLU A 100 -10.60 -13.26 17.43
N TYR A 101 -11.44 -13.46 18.45
CA TYR A 101 -12.04 -14.77 18.76
C TYR A 101 -13.45 -14.62 19.36
N GLU A 102 -14.33 -15.57 19.06
CA GLU A 102 -15.79 -15.51 19.24
C GLU A 102 -16.46 -14.40 18.41
N GLU A 103 -17.76 -14.56 18.12
CA GLU A 103 -18.46 -13.80 17.07
C GLU A 103 -19.95 -13.50 17.37
N GLY A 104 -20.32 -13.47 18.65
CA GLY A 104 -21.64 -13.01 19.10
C GLY A 104 -22.78 -13.92 18.68
N VAL A 105 -22.63 -15.23 18.89
CA VAL A 105 -23.61 -16.23 18.45
C VAL A 105 -24.98 -16.03 19.11
N ILE A 106 -26.05 -16.36 18.40
CA ILE A 106 -27.45 -16.18 18.83
C ILE A 106 -28.30 -17.37 18.37
N ARG A 107 -29.33 -17.76 19.14
CA ARG A 107 -30.25 -18.86 18.83
C ARG A 107 -31.72 -18.45 18.89
N GLY A 7 -20.75 -4.28 -5.60
CA GLY A 7 -19.94 -5.45 -5.23
C GLY A 7 -20.07 -6.57 -6.25
N ALA A 8 -19.74 -7.80 -5.84
CA ALA A 8 -19.75 -9.03 -6.66
C ALA A 8 -18.96 -8.95 -7.99
N ALA A 9 -18.03 -8.00 -8.14
CA ALA A 9 -17.42 -7.62 -9.41
C ALA A 9 -15.95 -8.04 -9.50
N ALA A 10 -15.59 -8.90 -10.46
CA ALA A 10 -14.20 -9.33 -10.69
C ALA A 10 -13.95 -9.89 -12.10
N GLY A 11 -12.74 -9.65 -12.61
CA GLY A 11 -12.15 -10.19 -13.84
C GLY A 11 -10.64 -9.87 -13.88
N VAL A 12 -9.93 -10.23 -14.95
CA VAL A 12 -8.49 -9.89 -15.10
C VAL A 12 -8.06 -9.67 -16.56
N SER A 13 -7.34 -8.56 -16.78
CA SER A 13 -6.64 -8.20 -18.03
C SER A 13 -5.19 -7.74 -17.82
N ALA A 14 -4.88 -7.21 -16.63
CA ALA A 14 -3.68 -6.42 -16.34
C ALA A 14 -3.52 -5.22 -17.32
N ALA A 15 -2.29 -4.78 -17.58
CA ALA A 15 -1.91 -3.53 -18.26
C ALA A 15 -2.32 -2.24 -17.50
N GLY A 16 -1.74 -1.12 -17.92
CA GLY A 16 -1.71 0.14 -17.19
C GLY A 16 -0.70 0.10 -16.04
N ILE A 17 0.37 0.88 -16.13
CA ILE A 17 1.41 0.95 -15.09
C ILE A 17 0.86 1.63 -13.82
N GLU A 18 1.08 0.98 -12.68
CA GLU A 18 0.85 1.52 -11.33
C GLU A 18 2.04 1.16 -10.42
N PRO A 19 2.37 1.99 -9.42
CA PRO A 19 3.39 1.66 -8.42
C PRO A 19 3.03 0.42 -7.60
N ASP A 20 4.04 -0.24 -7.03
CA ASP A 20 3.95 -1.55 -6.36
C ASP A 20 2.97 -1.55 -5.17
N LEU A 21 2.77 -0.36 -4.58
CA LEU A 21 1.75 -0.05 -3.57
C LEU A 21 0.38 -0.61 -3.97
N THR A 22 -0.07 -0.42 -5.23
CA THR A 22 -1.42 -0.84 -5.63
C THR A 22 -1.55 -2.35 -5.79
N ALA A 23 -0.48 -3.03 -6.21
CA ALA A 23 -0.44 -4.50 -6.33
C ALA A 23 -0.48 -5.15 -4.94
N ILE A 24 0.31 -4.63 -4.01
CA ILE A 24 0.29 -5.11 -2.62
C ILE A 24 -1.04 -4.78 -1.94
N TRP A 25 -1.57 -3.57 -2.09
CA TRP A 25 -2.84 -3.20 -1.45
C TRP A 25 -4.03 -3.99 -2.03
N GLN A 26 -4.09 -4.22 -3.34
CA GLN A 26 -5.15 -5.04 -3.93
C GLN A 26 -5.04 -6.53 -3.52
N ALA A 27 -3.82 -7.09 -3.44
CA ALA A 27 -3.63 -8.46 -2.97
C ALA A 27 -4.05 -8.65 -1.50
N LEU A 28 -3.71 -7.70 -0.62
CA LEU A 28 -3.98 -7.78 0.82
C LEU A 28 -5.43 -7.49 1.17
N PHE A 29 -6.09 -6.54 0.48
CA PHE A 29 -7.53 -6.31 0.60
C PHE A 29 -8.37 -7.29 -0.25
N ALA A 30 -7.73 -8.17 -1.03
CA ALA A 30 -8.32 -9.25 -1.84
C ALA A 30 -9.31 -8.85 -2.95
N LEU A 31 -9.63 -7.55 -3.10
CA LEU A 31 -10.35 -7.03 -4.28
C LEU A 31 -9.49 -7.06 -5.56
N PRO A 32 -10.10 -7.08 -6.76
CA PRO A 32 -9.36 -7.24 -8.01
C PRO A 32 -8.51 -6.02 -8.40
N ALA A 33 -8.89 -4.81 -7.99
CA ALA A 33 -8.27 -3.54 -8.35
C ALA A 33 -8.48 -2.48 -7.25
N VAL A 34 -7.65 -1.42 -7.23
CA VAL A 34 -7.79 -0.25 -6.35
C VAL A 34 -7.65 1.08 -7.12
N GLY A 35 -8.42 2.10 -6.71
CA GLY A 35 -8.33 3.46 -7.26
C GLY A 35 -7.06 4.22 -6.82
N ARG A 36 -6.39 4.92 -7.76
CA ARG A 36 -5.11 5.61 -7.51
C ARG A 36 -5.22 6.84 -6.60
N HIS A 37 -6.36 7.53 -6.66
CA HIS A 37 -6.64 8.82 -6.03
C HIS A 37 -7.92 8.79 -5.16
N GLN A 38 -8.35 7.58 -4.78
CA GLN A 38 -9.14 7.30 -3.58
C GLN A 38 -8.23 7.36 -2.33
N ASP A 39 -8.75 7.84 -1.19
CA ASP A 39 -7.97 7.96 0.05
C ASP A 39 -8.00 6.68 0.91
N PHE A 40 -6.86 6.35 1.54
CA PHE A 40 -6.64 5.15 2.37
C PHE A 40 -7.76 4.87 3.38
N PHE A 41 -8.38 5.91 3.92
CA PHE A 41 -9.48 5.82 4.89
C PHE A 41 -10.70 5.04 4.35
N ALA A 42 -10.88 4.95 3.03
CA ALA A 42 -11.77 4.01 2.35
C ALA A 42 -11.01 2.92 1.54
N LEU A 43 -9.98 3.35 0.81
CA LEU A 43 -9.22 2.59 -0.19
C LEU A 43 -8.42 1.43 0.43
N GLY A 44 -7.96 1.61 1.67
CA GLY A 44 -7.18 0.62 2.42
C GLY A 44 -8.01 -0.44 3.12
N GLY A 45 -9.35 -0.41 3.01
CA GLY A 45 -10.28 -1.40 3.56
C GLY A 45 -10.49 -1.35 5.08
N ASP A 46 -9.43 -1.29 5.88
CA ASP A 46 -9.50 -1.24 7.34
C ASP A 46 -8.21 -0.65 7.96
N SER A 47 -8.25 -0.20 9.23
CA SER A 47 -7.01 0.02 10.00
C SER A 47 -6.27 -1.26 10.34
N GLN A 48 -6.97 -2.40 10.45
CA GLN A 48 -6.41 -3.76 10.45
C GLN A 48 -5.59 -4.05 9.17
N LEU A 49 -6.12 -3.66 8.01
CA LEU A 49 -5.44 -3.76 6.73
C LEU A 49 -4.36 -2.69 6.55
N GLY A 50 -4.46 -1.54 7.22
CA GLY A 50 -3.37 -0.59 7.40
C GLY A 50 -2.15 -1.21 8.09
N LEU A 51 -2.39 -1.90 9.21
CA LEU A 51 -1.33 -2.69 9.88
C LEU A 51 -0.74 -3.77 8.95
N ARG A 52 -1.61 -4.55 8.28
CA ARG A 52 -1.19 -5.61 7.34
C ARG A 52 -0.37 -5.05 6.18
N MET A 53 -0.86 -4.02 5.49
CA MET A 53 -0.13 -3.43 4.35
C MET A 53 1.18 -2.80 4.78
N LEU A 54 1.26 -2.16 5.96
CA LEU A 54 2.51 -1.61 6.47
C LEU A 54 3.55 -2.71 6.72
N ALA A 55 3.18 -3.78 7.43
CA ALA A 55 4.11 -4.88 7.72
C ALA A 55 4.58 -5.59 6.44
N GLN A 56 3.64 -6.02 5.60
CA GLN A 56 3.90 -6.79 4.38
C GLN A 56 4.71 -5.97 3.37
N LEU A 57 4.35 -4.69 3.15
CA LEU A 57 5.08 -3.79 2.26
C LEU A 57 6.49 -3.53 2.79
N ARG A 58 6.68 -3.34 4.10
CA ARG A 58 8.02 -3.13 4.66
C ARG A 58 8.89 -4.37 4.49
N GLU A 59 8.33 -5.57 4.64
CA GLU A 59 9.07 -6.83 4.41
C GLU A 59 9.34 -7.15 2.93
N ARG A 60 8.43 -6.83 2.01
CA ARG A 60 8.53 -7.19 0.58
C ARG A 60 9.16 -6.12 -0.31
N HIS A 61 9.10 -4.86 0.11
CA HIS A 61 9.49 -3.71 -0.70
C HIS A 61 10.38 -2.68 0.03
N GLY A 62 10.61 -2.85 1.34
CA GLY A 62 11.63 -2.11 2.11
C GLY A 62 11.31 -0.64 2.39
N VAL A 63 10.04 -0.29 2.60
CA VAL A 63 9.58 1.12 2.78
C VAL A 63 8.63 1.30 3.97
N ASP A 64 8.53 2.54 4.46
CA ASP A 64 7.79 2.91 5.68
C ASP A 64 6.70 3.96 5.40
N LEU A 65 5.47 3.68 5.84
CA LEU A 65 4.25 4.44 5.53
C LEU A 65 3.61 5.01 6.81
N PRO A 66 4.17 6.10 7.37
CA PRO A 66 3.72 6.69 8.63
C PRO A 66 2.37 7.41 8.54
N LEU A 67 1.71 7.56 9.70
CA LEU A 67 0.53 8.41 9.87
C LEU A 67 0.77 9.88 9.46
N ARG A 68 2.05 10.31 9.43
CA ARG A 68 2.54 11.57 8.85
C ARG A 68 2.37 11.61 7.33
N CYS A 69 2.80 10.58 6.60
CA CYS A 69 2.62 10.54 5.14
C CYS A 69 1.14 10.37 4.77
N LEU A 70 0.37 9.65 5.60
CA LEU A 70 -1.09 9.58 5.51
C LEU A 70 -1.77 10.94 5.73
N TYR A 71 -1.27 11.74 6.67
CA TYR A 71 -1.74 13.10 6.93
C TYR A 71 -1.44 14.03 5.73
N GLU A 72 -0.26 13.97 5.13
CA GLU A 72 0.11 14.87 4.02
C GLU A 72 -0.42 14.42 2.64
N ALA A 73 -0.54 13.10 2.42
CA ALA A 73 -0.92 12.48 1.16
C ALA A 73 -1.66 11.16 1.38
N PRO A 74 -2.99 11.18 1.65
CA PRO A 74 -3.75 9.96 1.97
C PRO A 74 -4.11 9.09 0.76
N THR A 75 -3.89 9.58 -0.47
CA THR A 75 -4.17 8.90 -1.74
C THR A 75 -3.01 8.00 -2.16
N VAL A 76 -3.28 6.74 -2.49
CA VAL A 76 -2.24 5.68 -2.62
C VAL A 76 -1.09 6.04 -3.58
N ALA A 77 -1.38 6.71 -4.70
CA ALA A 77 -0.32 7.15 -5.64
C ALA A 77 0.48 8.37 -5.14
N ARG A 78 -0.16 9.31 -4.44
CA ARG A 78 0.46 10.54 -3.88
C ARG A 78 1.28 10.23 -2.63
N LEU A 79 0.81 9.25 -1.87
CA LEU A 79 1.52 8.53 -0.83
C LEU A 79 2.78 7.85 -1.40
N ALA A 80 2.64 7.12 -2.51
CA ALA A 80 3.80 6.58 -3.21
C ALA A 80 4.78 7.70 -3.65
N GLU A 81 4.30 8.85 -4.11
CA GLU A 81 5.18 9.99 -4.46
C GLU A 81 5.97 10.52 -3.24
N THR A 82 5.33 10.74 -2.08
CA THR A 82 6.06 11.18 -0.88
C THR A 82 7.05 10.12 -0.36
N ILE A 83 6.77 8.82 -0.51
CA ILE A 83 7.71 7.75 -0.12
C ILE A 83 8.85 7.55 -1.14
N VAL A 84 8.62 7.77 -2.43
CA VAL A 84 9.68 7.78 -3.47
C VAL A 84 10.58 9.02 -3.34
N ARG A 85 10.03 10.21 -3.06
CA ARG A 85 10.79 11.48 -2.97
C ARG A 85 11.33 11.82 -1.58
N LEU A 86 10.49 11.92 -0.55
CA LEU A 86 10.82 12.56 0.74
C LEU A 86 11.21 11.59 1.87
N ALA A 87 11.11 10.27 1.69
CA ALA A 87 11.43 9.30 2.74
C ALA A 87 12.96 9.08 2.93
N ALA A 88 13.73 10.15 3.03
CA ALA A 88 15.05 10.14 3.64
C ALA A 88 14.92 9.95 5.18
N PRO A 89 15.87 9.28 5.86
CA PRO A 89 15.98 9.36 7.30
C PRO A 89 16.27 10.82 7.71
N ALA A 90 15.68 11.23 8.84
CA ALA A 90 15.56 12.61 9.29
C ALA A 90 16.93 13.33 9.38
N PRO A 91 17.27 14.29 8.48
CA PRO A 91 18.62 14.83 8.38
C PRO A 91 18.98 15.78 9.53
N SER A 92 20.28 15.87 9.81
CA SER A 92 20.89 16.59 10.95
C SER A 92 20.49 16.08 12.34
N GLY A 93 21.47 16.02 13.24
CA GLY A 93 21.28 15.73 14.66
C GLY A 93 21.11 17.01 15.50
N ASP A 94 21.30 18.18 14.89
CA ASP A 94 21.01 19.47 15.49
C ASP A 94 19.50 19.75 15.43
N GLN A 95 18.92 20.31 16.51
CA GLN A 95 17.47 20.36 16.69
C GLN A 95 16.95 21.60 17.46
N ASP A 96 15.77 22.10 17.08
CA ASP A 96 15.24 23.41 17.48
C ASP A 96 14.23 23.39 18.65
N ASP A 97 13.86 24.57 19.14
CA ASP A 97 12.84 24.83 20.18
C ASP A 97 13.25 24.30 21.57
N ALA A 98 14.56 24.14 21.76
CA ALA A 98 15.17 23.73 23.03
C ALA A 98 14.89 24.74 24.15
N SER A 99 14.84 24.26 25.39
CA SER A 99 14.53 25.07 26.58
C SER A 99 15.50 24.79 27.72
N GLU A 100 15.53 25.68 28.70
CA GLU A 100 16.11 25.45 30.04
C GLU A 100 15.01 25.23 31.09
N TYR A 101 15.32 24.44 32.12
CA TYR A 101 14.47 24.21 33.29
C TYR A 101 14.62 25.36 34.31
N GLU A 102 13.79 25.40 35.37
CA GLU A 102 13.74 26.53 36.32
C GLU A 102 15.11 26.79 37.01
N GLU A 103 15.59 28.04 36.92
CA GLU A 103 16.91 28.47 37.42
C GLU A 103 16.82 29.23 38.75
N GLY A 104 15.80 30.08 38.89
CA GLY A 104 15.62 31.01 40.01
C GLY A 104 14.88 30.43 41.22
N VAL A 105 14.77 29.11 41.31
CA VAL A 105 13.94 28.37 42.29
C VAL A 105 14.17 28.78 43.76
N ILE A 106 13.09 28.73 44.53
CA ILE A 106 12.98 29.10 45.96
C ILE A 106 12.41 27.92 46.77
N ARG A 107 12.87 27.78 48.02
CA ARG A 107 12.71 26.59 48.88
C ARG A 107 13.13 25.31 48.16
N GLY A 7 -23.40 -13.47 -8.89
CA GLY A 7 -23.00 -12.29 -9.70
C GLY A 7 -22.30 -12.70 -10.99
N ALA A 8 -22.15 -11.75 -11.91
CA ALA A 8 -21.59 -11.90 -13.27
C ALA A 8 -20.29 -11.10 -13.52
N ALA A 9 -19.72 -10.47 -12.48
CA ALA A 9 -18.65 -9.47 -12.54
C ALA A 9 -19.03 -8.17 -13.28
N ALA A 10 -18.29 -7.09 -13.03
CA ALA A 10 -18.49 -5.81 -13.72
C ALA A 10 -17.97 -5.84 -15.16
N GLY A 11 -18.61 -5.08 -16.05
CA GLY A 11 -18.31 -5.09 -17.49
C GLY A 11 -16.89 -4.64 -17.82
N VAL A 12 -16.39 -3.57 -17.18
CA VAL A 12 -15.13 -2.91 -17.51
C VAL A 12 -14.18 -2.74 -16.31
N SER A 13 -12.89 -2.90 -16.58
CA SER A 13 -11.76 -2.53 -15.72
C SER A 13 -10.99 -1.32 -16.28
N ALA A 14 -10.03 -0.79 -15.52
CA ALA A 14 -9.10 0.24 -15.99
C ALA A 14 -7.63 -0.15 -15.66
N ALA A 15 -6.69 0.37 -16.45
CA ALA A 15 -5.26 0.14 -16.25
C ALA A 15 -4.39 1.30 -16.80
N GLY A 16 -3.20 1.49 -16.26
CA GLY A 16 -2.21 2.46 -16.76
C GLY A 16 -0.78 2.14 -16.31
N ILE A 17 0.09 3.16 -16.33
CA ILE A 17 1.35 3.16 -15.57
C ILE A 17 1.05 3.60 -14.13
N GLU A 18 1.44 2.80 -13.15
CA GLU A 18 0.98 2.97 -11.76
C GLU A 18 2.06 2.48 -10.77
N PRO A 19 2.30 3.16 -9.63
CA PRO A 19 3.30 2.75 -8.66
C PRO A 19 2.95 1.41 -8.00
N ASP A 20 3.98 0.61 -7.74
CA ASP A 20 3.86 -0.81 -7.39
C ASP A 20 3.31 -1.05 -5.98
N LEU A 21 3.29 -0.01 -5.13
CA LEU A 21 2.52 0.00 -3.89
C LEU A 21 1.05 -0.34 -4.16
N THR A 22 0.46 0.12 -5.27
CA THR A 22 -0.92 -0.26 -5.66
C THR A 22 -1.04 -1.75 -5.95
N ALA A 23 -0.06 -2.36 -6.61
CA ALA A 23 -0.03 -3.79 -6.93
C ALA A 23 0.07 -4.64 -5.64
N ILE A 24 0.91 -4.21 -4.70
CA ILE A 24 1.09 -4.88 -3.40
C ILE A 24 -0.16 -4.71 -2.52
N TRP A 25 -0.76 -3.52 -2.47
CA TRP A 25 -2.01 -3.27 -1.74
C TRP A 25 -3.16 -4.13 -2.27
N GLN A 26 -3.36 -4.18 -3.59
CA GLN A 26 -4.45 -4.98 -4.17
C GLN A 26 -4.18 -6.48 -4.05
N ALA A 27 -2.93 -6.95 -4.08
CA ALA A 27 -2.60 -8.35 -3.74
C ALA A 27 -2.94 -8.69 -2.28
N LEU A 28 -2.53 -7.83 -1.33
CA LEU A 28 -2.69 -8.04 0.12
C LEU A 28 -4.13 -7.93 0.59
N PHE A 29 -4.93 -7.08 -0.06
CA PHE A 29 -6.35 -6.92 0.22
C PHE A 29 -7.25 -7.75 -0.74
N ALA A 30 -6.64 -8.61 -1.59
CA ALA A 30 -7.28 -9.46 -2.58
C ALA A 30 -8.23 -8.72 -3.56
N LEU A 31 -7.93 -7.46 -3.90
CA LEU A 31 -8.76 -6.58 -4.73
C LEU A 31 -8.42 -6.68 -6.23
N PRO A 32 -9.41 -6.52 -7.13
CA PRO A 32 -9.16 -6.35 -8.58
C PRO A 32 -8.61 -4.96 -8.95
N ALA A 33 -8.77 -3.94 -8.11
CA ALA A 33 -8.22 -2.59 -8.31
C ALA A 33 -8.13 -1.75 -7.01
N VAL A 34 -7.21 -0.78 -6.96
CA VAL A 34 -7.08 0.16 -5.82
C VAL A 34 -6.68 1.59 -6.25
N GLY A 35 -7.37 2.59 -5.70
CA GLY A 35 -7.11 4.02 -5.95
C GLY A 35 -7.78 4.56 -7.21
N ARG A 36 -7.34 5.73 -7.70
CA ARG A 36 -8.01 6.55 -8.75
C ARG A 36 -9.46 6.98 -8.41
N HIS A 37 -9.94 6.61 -7.23
CA HIS A 37 -10.97 7.25 -6.44
C HIS A 37 -10.73 6.89 -4.96
N GLN A 38 -11.45 7.54 -4.04
CA GLN A 38 -11.35 7.38 -2.58
C GLN A 38 -9.98 7.76 -1.97
N ASP A 39 -9.89 7.75 -0.64
CA ASP A 39 -8.67 7.95 0.14
C ASP A 39 -8.47 6.79 1.14
N PHE A 40 -7.22 6.42 1.45
CA PHE A 40 -6.82 5.33 2.37
C PHE A 40 -7.73 5.13 3.58
N PHE A 41 -8.10 6.21 4.30
CA PHE A 41 -8.80 6.11 5.57
C PHE A 41 -10.16 5.39 5.48
N ALA A 42 -10.82 5.42 4.31
CA ALA A 42 -11.98 4.58 4.00
C ALA A 42 -11.65 3.43 3.03
N LEU A 43 -10.79 3.69 2.03
CA LEU A 43 -10.36 2.73 1.00
C LEU A 43 -9.73 1.45 1.59
N GLY A 44 -9.07 1.56 2.74
CA GLY A 44 -8.48 0.44 3.49
C GLY A 44 -9.44 -0.31 4.42
N GLY A 45 -10.69 0.14 4.57
CA GLY A 45 -11.74 -0.51 5.35
C GLY A 45 -11.59 -0.47 6.89
N ASP A 46 -10.39 -0.73 7.41
CA ASP A 46 -10.07 -0.78 8.85
C ASP A 46 -8.62 -0.37 9.14
N SER A 47 -8.33 0.17 10.33
CA SER A 47 -6.96 0.38 10.82
C SER A 47 -6.21 -0.95 11.02
N GLN A 48 -6.90 -2.04 11.39
CA GLN A 48 -6.32 -3.38 11.50
C GLN A 48 -5.74 -3.87 10.17
N LEU A 49 -6.53 -3.71 9.10
CA LEU A 49 -6.16 -4.01 7.72
C LEU A 49 -5.02 -3.10 7.26
N GLY A 50 -5.11 -1.80 7.54
CA GLY A 50 -4.05 -0.84 7.27
C GLY A 50 -2.70 -1.23 7.87
N LEU A 51 -2.65 -1.60 9.15
CA LEU A 51 -1.41 -2.01 9.82
C LEU A 51 -0.90 -3.40 9.36
N ARG A 52 -1.81 -4.34 9.02
CA ARG A 52 -1.46 -5.63 8.38
C ARG A 52 -0.81 -5.42 7.00
N MET A 53 -1.46 -4.60 6.17
CA MET A 53 -1.01 -4.26 4.82
C MET A 53 0.31 -3.48 4.85
N LEU A 54 0.49 -2.55 5.80
CA LEU A 54 1.76 -1.86 6.06
C LEU A 54 2.88 -2.84 6.43
N ALA A 55 2.66 -3.72 7.40
CA ALA A 55 3.69 -4.68 7.82
C ALA A 55 4.14 -5.56 6.65
N GLN A 56 3.19 -6.15 5.92
CA GLN A 56 3.53 -7.02 4.78
C GLN A 56 4.17 -6.24 3.62
N LEU A 57 3.74 -5.01 3.33
CA LEU A 57 4.40 -4.12 2.35
C LEU A 57 5.85 -3.79 2.76
N ARG A 58 6.09 -3.47 4.04
CA ARG A 58 7.43 -3.17 4.56
C ARG A 58 8.36 -4.37 4.46
N GLU A 59 7.84 -5.57 4.69
CA GLU A 59 8.63 -6.81 4.67
C GLU A 59 8.87 -7.36 3.26
N ARG A 60 7.91 -7.19 2.35
CA ARG A 60 8.08 -7.54 0.92
C ARG A 60 8.98 -6.57 0.16
N HIS A 61 8.94 -5.28 0.51
CA HIS A 61 9.38 -4.19 -0.37
C HIS A 61 10.34 -3.16 0.27
N GLY A 62 10.60 -3.23 1.57
CA GLY A 62 11.40 -2.22 2.30
C GLY A 62 10.69 -0.88 2.50
N VAL A 63 9.36 -0.87 2.40
CA VAL A 63 8.51 0.32 2.29
C VAL A 63 7.88 0.66 3.64
N ASP A 64 8.42 1.68 4.30
CA ASP A 64 7.96 2.19 5.59
C ASP A 64 7.11 3.46 5.39
N LEU A 65 5.94 3.54 6.04
CA LEU A 65 5.02 4.68 5.96
C LEU A 65 5.01 5.48 7.27
N PRO A 66 5.37 6.78 7.25
CA PRO A 66 5.02 7.72 8.31
C PRO A 66 3.53 8.07 8.26
N LEU A 67 2.89 8.17 9.43
CA LEU A 67 1.50 8.62 9.56
C LEU A 67 1.32 10.06 9.02
N ARG A 68 2.35 10.90 9.13
CA ARG A 68 2.42 12.24 8.53
C ARG A 68 2.30 12.21 7.00
N CYS A 69 2.90 11.20 6.36
CA CYS A 69 2.83 10.99 4.91
C CYS A 69 1.48 10.40 4.49
N LEU A 70 0.95 9.46 5.28
CA LEU A 70 -0.42 8.93 5.14
C LEU A 70 -1.49 10.03 5.26
N TYR A 71 -1.25 11.03 6.12
CA TYR A 71 -2.13 12.17 6.31
C TYR A 71 -2.01 13.19 5.16
N GLU A 72 -0.79 13.50 4.67
CA GLU A 72 -0.64 14.43 3.52
C GLU A 72 -1.03 13.82 2.16
N ALA A 73 -0.96 12.50 2.03
CA ALA A 73 -1.14 11.78 0.77
C ALA A 73 -1.85 10.41 0.90
N PRO A 74 -3.13 10.37 1.31
CA PRO A 74 -3.87 9.10 1.40
C PRO A 74 -4.38 8.54 0.05
N THR A 75 -4.16 9.20 -1.09
CA THR A 75 -4.28 8.56 -2.41
C THR A 75 -3.00 7.78 -2.71
N VAL A 76 -3.10 6.49 -3.07
CA VAL A 76 -1.96 5.54 -3.03
C VAL A 76 -0.81 5.93 -3.98
N ALA A 77 -1.11 6.53 -5.12
CA ALA A 77 -0.09 7.09 -6.01
C ALA A 77 0.63 8.30 -5.40
N ARG A 78 -0.08 9.20 -4.69
CA ARG A 78 0.52 10.32 -3.95
C ARG A 78 1.32 9.80 -2.76
N LEU A 79 0.83 8.75 -2.10
CA LEU A 79 1.56 8.07 -1.02
C LEU A 79 2.91 7.57 -1.53
N ALA A 80 2.91 6.82 -2.62
CA ALA A 80 4.15 6.38 -3.26
C ALA A 80 5.06 7.58 -3.62
N GLU A 81 4.49 8.67 -4.14
CA GLU A 81 5.26 9.90 -4.44
C GLU A 81 5.92 10.51 -3.19
N THR A 82 5.24 10.53 -2.02
CA THR A 82 5.82 10.96 -0.74
C THR A 82 6.96 10.05 -0.27
N ILE A 83 6.71 8.73 -0.21
CA ILE A 83 7.67 7.75 0.32
C ILE A 83 8.93 7.69 -0.57
N VAL A 84 8.79 7.89 -1.88
CA VAL A 84 9.91 8.00 -2.82
C VAL A 84 10.64 9.34 -2.68
N ARG A 85 9.96 10.50 -2.64
CA ARG A 85 10.65 11.80 -2.57
C ARG A 85 11.42 12.00 -1.25
N LEU A 86 10.88 11.46 -0.15
CA LEU A 86 11.48 11.50 1.20
C LEU A 86 12.56 10.41 1.40
N ALA A 87 12.68 9.49 0.44
CA ALA A 87 13.72 8.47 0.27
C ALA A 87 13.96 7.46 1.40
N ALA A 88 14.24 6.22 1.00
CA ALA A 88 14.66 5.14 1.87
C ALA A 88 15.53 4.10 1.11
N PRO A 89 16.51 3.49 1.79
CA PRO A 89 17.32 2.37 1.30
C PRO A 89 16.57 1.03 1.28
N ALA A 90 17.32 -0.03 0.97
CA ALA A 90 17.09 -1.42 1.40
C ALA A 90 15.71 -2.01 1.07
N PRO A 91 15.51 -2.59 -0.13
CA PRO A 91 14.27 -3.22 -0.58
C PRO A 91 13.78 -4.44 0.22
N SER A 92 14.49 -4.87 1.28
CA SER A 92 14.20 -6.07 2.07
C SER A 92 14.18 -7.35 1.19
N GLY A 93 13.43 -8.37 1.60
CA GLY A 93 13.36 -9.65 0.88
C GLY A 93 12.64 -10.78 1.64
N ASP A 94 11.52 -10.49 2.32
CA ASP A 94 10.78 -11.52 3.08
C ASP A 94 9.92 -12.42 2.16
N GLN A 95 9.76 -13.70 2.51
CA GLN A 95 8.91 -14.66 1.79
C GLN A 95 7.42 -14.49 2.10
N ASP A 96 7.07 -13.90 3.26
CA ASP A 96 5.73 -13.38 3.61
C ASP A 96 4.57 -14.27 3.15
N ASP A 97 4.61 -15.56 3.52
CA ASP A 97 3.84 -16.63 2.89
C ASP A 97 2.47 -16.87 3.53
N ALA A 98 2.36 -16.61 4.84
CA ALA A 98 1.13 -16.57 5.63
C ALA A 98 0.25 -17.84 5.63
N SER A 99 -0.93 -17.74 6.23
CA SER A 99 -2.02 -18.72 6.16
C SER A 99 -3.39 -18.05 6.32
N GLU A 100 -4.43 -18.71 5.79
CA GLU A 100 -5.84 -18.49 6.14
C GLU A 100 -6.16 -18.74 7.62
N TYR A 101 -5.22 -19.35 8.36
CA TYR A 101 -5.25 -19.77 9.78
C TYR A 101 -6.29 -20.86 10.12
N GLU A 102 -7.44 -20.84 9.46
CA GLU A 102 -8.56 -21.77 9.62
C GLU A 102 -8.23 -23.22 9.22
N GLU A 103 -7.21 -23.39 8.39
CA GLU A 103 -6.63 -24.68 7.99
C GLU A 103 -5.74 -25.31 9.09
N GLY A 104 -5.18 -24.48 9.98
CA GLY A 104 -4.30 -24.88 11.07
C GLY A 104 -5.00 -25.47 12.30
N VAL A 105 -6.33 -25.67 12.23
CA VAL A 105 -7.17 -26.23 13.30
C VAL A 105 -6.84 -27.72 13.56
N ILE A 106 -7.15 -28.21 14.76
CA ILE A 106 -7.01 -29.63 15.15
C ILE A 106 -8.29 -30.12 15.84
N ARG A 107 -8.47 -31.45 15.99
CA ARG A 107 -9.63 -32.07 16.64
C ARG A 107 -9.39 -32.32 18.13
N GLY A 7 -11.29 -14.88 -3.11
CA GLY A 7 -10.96 -15.90 -4.13
C GLY A 7 -11.83 -15.70 -5.35
N ALA A 8 -11.32 -15.00 -6.38
CA ALA A 8 -12.05 -14.71 -7.61
C ALA A 8 -11.11 -14.67 -8.84
N ALA A 9 -11.66 -14.35 -10.02
CA ALA A 9 -10.94 -14.25 -11.30
C ALA A 9 -9.73 -13.31 -11.23
N ALA A 10 -8.54 -13.85 -11.48
CA ALA A 10 -7.20 -13.29 -11.22
C ALA A 10 -6.87 -12.88 -9.77
N GLY A 11 -7.89 -12.63 -8.93
CA GLY A 11 -7.80 -12.05 -7.60
C GLY A 11 -7.51 -10.54 -7.61
N VAL A 12 -6.64 -10.11 -8.52
CA VAL A 12 -6.16 -8.75 -8.76
C VAL A 12 -6.14 -8.43 -10.26
N SER A 13 -6.31 -7.15 -10.63
CA SER A 13 -6.12 -6.62 -12.00
C SER A 13 -6.16 -5.10 -11.96
N ALA A 14 -5.14 -4.43 -12.50
CA ALA A 14 -5.08 -2.97 -12.67
C ALA A 14 -5.65 -2.48 -14.01
N ALA A 15 -5.60 -3.31 -15.07
CA ALA A 15 -5.99 -2.99 -16.45
C ALA A 15 -5.35 -1.70 -17.01
N GLY A 16 -4.12 -1.39 -16.59
CA GLY A 16 -3.38 -0.17 -16.88
C GLY A 16 -2.09 -0.07 -16.06
N ILE A 17 -1.23 0.91 -16.35
CA ILE A 17 0.06 1.09 -15.66
C ILE A 17 -0.10 1.92 -14.38
N GLU A 18 -0.08 1.25 -13.23
CA GLU A 18 -0.27 1.85 -11.90
C GLU A 18 1.02 1.75 -11.04
N PRO A 19 1.24 2.67 -10.08
CA PRO A 19 2.37 2.58 -9.14
C PRO A 19 2.33 1.27 -8.34
N ASP A 20 3.45 0.58 -8.18
CA ASP A 20 3.48 -0.81 -7.70
C ASP A 20 3.03 -1.00 -6.24
N LEU A 21 3.13 0.06 -5.43
CA LEU A 21 2.49 0.12 -4.11
C LEU A 21 0.98 -0.19 -4.17
N THR A 22 0.28 0.28 -5.22
CA THR A 22 -1.14 -0.04 -5.44
C THR A 22 -1.36 -1.52 -5.78
N ALA A 23 -0.42 -2.15 -6.49
CA ALA A 23 -0.45 -3.58 -6.80
C ALA A 23 -0.36 -4.42 -5.52
N ILE A 24 0.56 -4.04 -4.63
CA ILE A 24 0.73 -4.67 -3.31
C ILE A 24 -0.52 -4.48 -2.44
N TRP A 25 -1.12 -3.29 -2.43
CA TRP A 25 -2.35 -3.03 -1.69
C TRP A 25 -3.52 -3.86 -2.22
N GLN A 26 -3.77 -3.90 -3.54
CA GLN A 26 -4.87 -4.70 -4.08
C GLN A 26 -4.63 -6.21 -3.89
N ALA A 27 -3.37 -6.67 -3.85
CA ALA A 27 -3.04 -8.07 -3.58
C ALA A 27 -3.25 -8.48 -2.11
N LEU A 28 -2.91 -7.63 -1.15
CA LEU A 28 -3.14 -7.88 0.29
C LEU A 28 -4.62 -7.72 0.71
N PHE A 29 -5.35 -6.83 0.02
CA PHE A 29 -6.80 -6.67 0.15
C PHE A 29 -7.60 -7.61 -0.80
N ALA A 30 -6.89 -8.39 -1.63
CA ALA A 30 -7.36 -9.42 -2.55
C ALA A 30 -8.58 -9.02 -3.40
N LEU A 31 -8.53 -7.85 -4.05
CA LEU A 31 -9.58 -7.29 -4.92
C LEU A 31 -9.03 -6.83 -6.29
N PRO A 32 -9.86 -6.70 -7.34
CA PRO A 32 -9.45 -6.09 -8.60
C PRO A 32 -9.32 -4.56 -8.44
N ALA A 33 -8.12 -4.12 -8.05
CA ALA A 33 -7.65 -2.74 -7.89
C ALA A 33 -8.34 -1.86 -6.83
N VAL A 34 -7.54 -0.96 -6.24
CA VAL A 34 -7.99 -0.01 -5.19
C VAL A 34 -8.55 1.27 -5.82
N GLY A 35 -9.61 1.83 -5.20
CA GLY A 35 -10.39 2.95 -5.75
C GLY A 35 -9.63 4.26 -5.97
N ARG A 36 -10.22 5.17 -6.76
CA ARG A 36 -9.76 6.54 -7.01
C ARG A 36 -10.63 7.57 -6.27
N HIS A 37 -10.05 8.73 -5.93
CA HIS A 37 -10.70 9.74 -5.08
C HIS A 37 -11.23 9.16 -3.75
N GLN A 38 -10.47 8.23 -3.16
CA GLN A 38 -10.71 7.60 -1.86
C GLN A 38 -9.40 7.51 -1.07
N ASP A 39 -9.45 7.89 0.21
CA ASP A 39 -8.27 7.96 1.08
C ASP A 39 -8.07 6.64 1.86
N PHE A 40 -6.82 6.37 2.29
CA PHE A 40 -6.41 5.18 3.06
C PHE A 40 -7.43 4.69 4.12
N PHE A 41 -8.09 5.60 4.83
CA PHE A 41 -9.04 5.34 5.92
C PHE A 41 -10.34 4.63 5.47
N ALA A 42 -10.65 4.64 4.17
CA ALA A 42 -11.65 3.79 3.52
C ALA A 42 -11.01 2.74 2.58
N LEU A 43 -9.94 3.13 1.89
CA LEU A 43 -9.37 2.41 0.75
C LEU A 43 -8.83 1.01 1.07
N GLY A 44 -8.45 0.78 2.34
CA GLY A 44 -7.94 -0.52 2.82
C GLY A 44 -9.01 -1.46 3.37
N GLY A 45 -10.27 -1.01 3.45
CA GLY A 45 -11.41 -1.77 3.97
C GLY A 45 -11.44 -1.98 5.49
N ASP A 46 -10.28 -2.10 6.16
CA ASP A 46 -10.16 -2.20 7.62
C ASP A 46 -8.84 -1.59 8.11
N SER A 47 -8.85 -0.90 9.25
CA SER A 47 -7.64 -0.39 9.90
C SER A 47 -6.68 -1.50 10.35
N GLN A 48 -7.18 -2.67 10.74
CA GLN A 48 -6.35 -3.84 11.04
C GLN A 48 -5.61 -4.34 9.78
N LEU A 49 -6.27 -4.30 8.63
CA LEU A 49 -5.69 -4.64 7.34
C LEU A 49 -4.69 -3.56 6.89
N GLY A 50 -4.95 -2.28 7.17
CA GLY A 50 -3.96 -1.20 6.98
C GLY A 50 -2.67 -1.40 7.78
N LEU A 51 -2.78 -1.66 9.10
CA LEU A 51 -1.63 -1.98 9.96
C LEU A 51 -0.85 -3.20 9.44
N ARG A 52 -1.58 -4.28 9.09
CA ARG A 52 -1.03 -5.51 8.52
C ARG A 52 -0.38 -5.28 7.15
N MET A 53 -0.97 -4.46 6.29
CA MET A 53 -0.45 -4.12 4.97
C MET A 53 0.88 -3.39 5.10
N LEU A 54 0.99 -2.44 6.03
CA LEU A 54 2.27 -1.80 6.33
C LEU A 54 3.29 -2.81 6.88
N ALA A 55 2.92 -3.68 7.82
CA ALA A 55 3.82 -4.71 8.33
C ALA A 55 4.28 -5.71 7.23
N GLN A 56 3.40 -6.06 6.30
CA GLN A 56 3.73 -6.92 5.15
C GLN A 56 4.63 -6.21 4.14
N LEU A 57 4.34 -4.96 3.75
CA LEU A 57 5.21 -4.15 2.89
C LEU A 57 6.59 -3.95 3.54
N ARG A 58 6.63 -3.64 4.84
CA ARG A 58 7.88 -3.46 5.59
C ARG A 58 8.73 -4.72 5.60
N GLU A 59 8.15 -5.87 5.90
CA GLU A 59 8.90 -7.12 6.00
C GLU A 59 9.25 -7.73 4.63
N ARG A 60 8.42 -7.54 3.60
CA ARG A 60 8.58 -8.16 2.27
C ARG A 60 9.34 -7.28 1.26
N HIS A 61 9.27 -5.96 1.41
CA HIS A 61 9.84 -4.98 0.47
C HIS A 61 10.81 -3.99 1.16
N GLY A 62 10.77 -3.82 2.48
CA GLY A 62 11.68 -2.92 3.19
C GLY A 62 11.29 -1.44 3.05
N VAL A 63 10.04 -1.09 3.35
CA VAL A 63 9.48 0.26 3.14
C VAL A 63 8.55 0.63 4.30
N ASP A 64 8.53 1.92 4.66
CA ASP A 64 7.59 2.47 5.66
C ASP A 64 6.50 3.32 4.98
N LEU A 65 5.39 3.54 5.70
CA LEU A 65 4.35 4.51 5.35
C LEU A 65 4.20 5.51 6.52
N PRO A 66 4.93 6.65 6.50
CA PRO A 66 4.98 7.57 7.62
C PRO A 66 3.66 8.28 7.87
N LEU A 67 3.36 8.55 9.14
CA LEU A 67 2.15 9.26 9.58
C LEU A 67 2.05 10.64 8.91
N ARG A 68 3.15 11.38 8.78
CA ARG A 68 3.20 12.65 8.04
C ARG A 68 2.84 12.50 6.57
N CYS A 69 3.26 11.42 5.90
CA CYS A 69 2.93 11.19 4.49
C CYS A 69 1.46 10.77 4.29
N LEU A 70 0.87 9.99 5.21
CA LEU A 70 -0.59 9.77 5.26
C LEU A 70 -1.38 11.06 5.55
N TYR A 71 -0.83 11.92 6.41
CA TYR A 71 -1.44 13.19 6.81
C TYR A 71 -1.44 14.23 5.68
N GLU A 72 -0.42 14.27 4.82
CA GLU A 72 -0.38 15.18 3.65
C GLU A 72 -0.88 14.57 2.34
N ALA A 73 -0.78 13.25 2.16
CA ALA A 73 -1.03 12.54 0.90
C ALA A 73 -1.50 11.06 1.10
N PRO A 74 -2.73 10.80 1.59
CA PRO A 74 -3.27 9.45 1.79
C PRO A 74 -3.79 8.79 0.51
N THR A 75 -3.82 9.51 -0.62
CA THR A 75 -4.23 9.05 -1.95
C THR A 75 -3.08 8.32 -2.63
N VAL A 76 -3.27 7.06 -3.02
CA VAL A 76 -2.16 6.10 -3.21
C VAL A 76 -1.11 6.46 -4.27
N ALA A 77 -1.45 7.23 -5.31
CA ALA A 77 -0.44 7.71 -6.27
C ALA A 77 0.45 8.82 -5.67
N ARG A 78 -0.19 9.82 -5.03
CA ARG A 78 0.49 10.89 -4.30
C ARG A 78 1.32 10.34 -3.14
N LEU A 79 0.75 9.38 -2.40
CA LEU A 79 1.40 8.61 -1.35
C LEU A 79 2.67 7.94 -1.87
N ALA A 80 2.57 7.06 -2.87
CA ALA A 80 3.73 6.36 -3.43
C ALA A 80 4.82 7.33 -3.89
N GLU A 81 4.41 8.48 -4.46
CA GLU A 81 5.31 9.54 -4.85
C GLU A 81 6.01 10.20 -3.65
N THR A 82 5.33 10.43 -2.51
CA THR A 82 5.98 10.90 -1.26
C THR A 82 6.98 9.87 -0.73
N ILE A 83 6.67 8.58 -0.77
CA ILE A 83 7.57 7.53 -0.28
C ILE A 83 8.85 7.47 -1.13
N VAL A 84 8.74 7.55 -2.46
CA VAL A 84 9.93 7.57 -3.35
C VAL A 84 10.70 8.90 -3.26
N ARG A 85 10.01 10.04 -3.09
CA ARG A 85 10.60 11.39 -2.93
C ARG A 85 11.39 11.54 -1.63
N LEU A 86 10.83 11.05 -0.52
CA LEU A 86 11.29 11.32 0.85
C LEU A 86 11.99 10.12 1.51
N ALA A 87 11.96 8.95 0.87
CA ALA A 87 12.71 7.73 1.21
C ALA A 87 12.68 7.39 2.71
N ALA A 88 11.51 6.98 3.20
CA ALA A 88 11.32 6.55 4.59
C ALA A 88 11.96 5.17 4.84
N PRO A 89 13.02 5.05 5.67
CA PRO A 89 13.74 3.80 5.84
C PRO A 89 12.99 2.83 6.76
N ALA A 90 12.92 1.56 6.37
CA ALA A 90 12.46 0.46 7.23
C ALA A 90 12.99 -0.89 6.71
N PRO A 91 14.30 -1.16 6.83
CA PRO A 91 14.91 -2.37 6.28
C PRO A 91 14.44 -3.65 6.99
N SER A 92 14.47 -4.75 6.25
CA SER A 92 14.09 -6.10 6.70
C SER A 92 14.91 -7.16 5.98
N GLY A 93 15.44 -8.15 6.71
CA GLY A 93 16.29 -9.21 6.15
C GLY A 93 16.92 -10.18 7.16
N ASP A 94 16.49 -10.17 8.43
CA ASP A 94 17.04 -11.01 9.50
C ASP A 94 16.03 -11.47 10.56
N GLN A 95 14.95 -10.70 10.75
CA GLN A 95 13.77 -11.13 11.51
C GLN A 95 12.76 -11.82 10.58
N ASP A 96 11.88 -12.67 11.14
CA ASP A 96 10.79 -13.32 10.41
C ASP A 96 9.67 -13.86 11.32
N ASP A 97 8.47 -14.04 10.75
CA ASP A 97 7.26 -14.57 11.37
C ASP A 97 6.60 -15.75 10.63
N ALA A 98 7.28 -16.33 9.62
CA ALA A 98 6.84 -17.50 8.87
C ALA A 98 5.40 -17.38 8.29
N SER A 99 4.91 -16.16 8.04
CA SER A 99 3.51 -15.85 7.77
C SER A 99 3.33 -14.85 6.62
N GLU A 100 2.17 -14.92 5.97
CA GLU A 100 1.77 -14.15 4.79
C GLU A 100 0.27 -13.81 4.86
N TYR A 101 -0.25 -12.96 3.96
CA TYR A 101 -1.68 -12.64 3.92
C TYR A 101 -2.28 -12.54 2.52
N GLU A 102 -1.47 -12.38 1.48
CA GLU A 102 -1.89 -12.54 0.09
C GLU A 102 -2.25 -14.02 -0.15
N GLU A 103 -3.45 -14.29 -0.66
CA GLU A 103 -4.11 -15.61 -0.50
C GLU A 103 -3.70 -16.64 -1.57
N GLY A 104 -2.98 -16.19 -2.58
CA GLY A 104 -2.75 -16.90 -3.85
C GLY A 104 -3.42 -16.21 -5.03
N VAL A 105 -3.26 -14.88 -5.15
CA VAL A 105 -3.69 -14.11 -6.33
C VAL A 105 -2.64 -14.18 -7.43
N ILE A 106 -3.06 -14.12 -8.70
CA ILE A 106 -2.31 -14.74 -9.83
C ILE A 106 -2.00 -13.79 -11.01
N ARG A 107 -2.27 -12.48 -10.86
CA ARG A 107 -1.70 -11.41 -11.70
C ARG A 107 -0.77 -10.48 -10.92
#